data_8OY0
#
_entry.id   8OY0
#
_cell.length_a   80.271
_cell.length_b   172.821
_cell.length_c   98.109
_cell.angle_alpha   90.00
_cell.angle_beta   90.97
_cell.angle_gamma   90.00
#
_symmetry.space_group_name_H-M   'P 1 21 1'
#
loop_
_entity.id
_entity.type
_entity.pdbx_description
1 polymer 'ATP phosphoribosyltransferase regulatory subunit'
2 polymer 'ATP phosphoribosyltransferase'
3 non-polymer GLYCEROL
4 non-polymer 'SODIUM ION'
5 water water
#
loop_
_entity_poly.entity_id
_entity_poly.type
_entity_poly.pdbx_seq_one_letter_code
_entity_poly.pdbx_strand_id
1 'polypeptide(L)'
;GMTISETWLLPDGVADVLPEQAQVIEKLRREAIDFLAVRGYQLVYTPFIEYIESLSSLSESNQDLDLVTFKVIDQLSGRL
LGIRADMTPQVARIDAHVRPVEGVARYCYAGTVLHTKPQNFNATRAPLQLGAELYGHDSIEADVEMVDVMLGLIENAYTL
QGAHLDLGHVGLFRSLVKYAGLSKNEEHELSDLYQRKALPELAEFTQNLNMGSDFYALGRYASDLDALQAHLSADILKDA
EFDAALNALKTTLEQIKNRWPALNVGIDVVELRSYHYHTGLMYAVYAPNRAAPLAQGGRYDGIGEHFGRARPATGFSCDL
YALGANQFAEIETVVAPKGTEADLLKAIANARSEGLRVVQLLGNDDLSSIPYATHQLVLQNGQWNIEKI
;
A,B,C,D
2 'polypeptide(L)'
;GMNDVRNDDPNFNVMGNFDHGLTLALSKGRILKETLPLLATAGINLLEDPEKSRKLIFPTTHKQVRILILRASDVPTYVE
NGAADLGVAGKDVLMEHGAQHVYELLDLQIAKCKLMTAGKVGMERPKGRLKIATKYVNLTRQYYASLGEQVDVIKLYGSM
ELAPLVGLGDYIVDVVDTGNTLRANGLEPLEEICKVSSRLIVNKASFKRKQVLLNPIISQLEQAVQSR
;
E,F,G,H
#
loop_
_chem_comp.id
_chem_comp.type
_chem_comp.name
_chem_comp.formula
GOL non-polymer GLYCEROL 'C3 H8 O3'
NA non-polymer 'SODIUM ION' 'Na 1'
#
# COMPACT_ATOMS: atom_id res chain seq x y z
N THR A 7 10.85 -20.67 2.25
CA THR A 7 11.58 -19.37 2.16
C THR A 7 12.03 -19.11 0.72
N TRP A 8 12.12 -20.17 -0.10
CA TRP A 8 12.50 -20.05 -1.50
C TRP A 8 11.31 -19.68 -2.40
N LEU A 9 10.08 -19.69 -1.84
CA LEU A 9 8.86 -19.59 -2.63
C LEU A 9 8.79 -18.24 -3.36
N LEU A 10 8.54 -18.29 -4.68
CA LEU A 10 8.24 -17.08 -5.44
C LEU A 10 6.72 -16.87 -5.44
N PRO A 11 6.23 -15.62 -5.64
CA PRO A 11 4.79 -15.39 -5.79
C PRO A 11 4.26 -16.03 -7.07
N ASP A 12 2.95 -16.28 -7.10
CA ASP A 12 2.33 -16.84 -8.30
C ASP A 12 2.51 -15.88 -9.47
N GLY A 13 2.81 -16.44 -10.65
CA GLY A 13 2.94 -15.67 -11.87
C GLY A 13 4.31 -15.00 -12.02
N VAL A 14 5.23 -15.35 -11.12
CA VAL A 14 6.55 -14.72 -11.08
C VAL A 14 7.59 -15.83 -11.09
N ALA A 15 8.58 -15.72 -11.98
CA ALA A 15 9.61 -16.73 -12.11
C ALA A 15 10.95 -16.09 -12.44
N ASP A 16 12.01 -16.76 -12.03
CA ASP A 16 13.34 -16.48 -12.55
C ASP A 16 13.35 -16.80 -14.04
N VAL A 17 14.15 -16.05 -14.81
CA VAL A 17 14.53 -16.47 -16.15
C VAL A 17 15.98 -16.92 -16.05
N LEU A 18 16.14 -18.24 -16.03
CA LEU A 18 17.41 -18.89 -15.82
C LEU A 18 18.18 -18.88 -17.14
N PRO A 19 19.48 -19.26 -17.15
CA PRO A 19 20.37 -18.92 -18.26
C PRO A 19 19.96 -19.43 -19.64
N GLU A 20 19.39 -20.64 -19.71
CA GLU A 20 19.08 -21.24 -20.99
C GLU A 20 18.01 -20.39 -21.67
N GLN A 21 16.95 -20.05 -20.94
CA GLN A 21 15.88 -19.22 -21.46
C GLN A 21 16.38 -17.79 -21.66
N ALA A 22 17.21 -17.30 -20.74
CA ALA A 22 17.67 -15.92 -20.79
C ALA A 22 18.47 -15.65 -22.06
N GLN A 23 19.35 -16.58 -22.44
CA GLN A 23 20.13 -16.44 -23.65
C GLN A 23 19.21 -16.22 -24.86
N VAL A 24 18.15 -17.03 -24.96
CA VAL A 24 17.25 -16.96 -26.10
C VAL A 24 16.53 -15.61 -26.09
N ILE A 25 15.99 -15.21 -24.94
CA ILE A 25 15.18 -14.00 -24.86
C ILE A 25 16.05 -12.77 -25.09
N GLU A 26 17.26 -12.75 -24.51
CA GLU A 26 18.17 -11.61 -24.64
C GLU A 26 18.53 -11.39 -26.11
N LYS A 27 18.88 -12.48 -26.80
CA LYS A 27 19.19 -12.44 -28.22
C LYS A 27 17.99 -11.89 -29.00
N LEU A 28 16.81 -12.37 -28.63
CA LEU A 28 15.56 -11.99 -29.27
C LEU A 28 15.27 -10.50 -29.02
N ARG A 29 15.55 -10.04 -27.79
CA ARG A 29 15.34 -8.66 -27.39
C ARG A 29 16.21 -7.73 -28.22
N ARG A 30 17.50 -8.06 -28.35
CA ARG A 30 18.45 -7.21 -29.04
C ARG A 30 18.10 -7.11 -30.52
N GLU A 31 17.79 -8.25 -31.14
CA GLU A 31 17.55 -8.30 -32.57
C GLU A 31 16.27 -7.54 -32.92
N ALA A 32 15.29 -7.57 -32.01
CA ALA A 32 14.03 -6.88 -32.21
C ALA A 32 14.25 -5.36 -32.11
N ILE A 33 14.98 -4.93 -31.07
CA ILE A 33 15.30 -3.51 -30.92
C ILE A 33 16.02 -3.03 -32.18
N ASP A 34 16.97 -3.84 -32.67
CA ASP A 34 17.82 -3.45 -33.77
C ASP A 34 17.03 -3.41 -35.08
N PHE A 35 16.09 -4.36 -35.23
CA PHE A 35 15.22 -4.41 -36.41
C PHE A 35 14.38 -3.14 -36.47
N LEU A 36 13.93 -2.67 -35.30
CA LEU A 36 13.16 -1.45 -35.18
C LEU A 36 14.06 -0.22 -35.40
N ALA A 37 15.26 -0.25 -34.84
CA ALA A 37 16.19 0.87 -34.91
C ALA A 37 16.42 1.29 -36.36
N VAL A 38 16.70 0.32 -37.23
CA VAL A 38 17.09 0.62 -38.59
C VAL A 38 15.87 1.05 -39.41
N ARG A 39 14.67 0.90 -38.84
CA ARG A 39 13.44 1.39 -39.45
C ARG A 39 13.02 2.71 -38.80
N GLY A 40 13.92 3.29 -38.00
CA GLY A 40 13.75 4.65 -37.50
C GLY A 40 13.18 4.73 -36.09
N TYR A 41 12.92 3.58 -35.47
CA TYR A 41 12.30 3.54 -34.15
C TYR A 41 13.40 3.61 -33.08
N GLN A 42 13.46 4.73 -32.38
CA GLN A 42 14.53 5.02 -31.43
C GLN A 42 14.18 4.43 -30.07
N LEU A 43 15.10 3.62 -29.52
CA LEU A 43 14.93 3.00 -28.22
C LEU A 43 14.85 4.07 -27.13
N VAL A 44 13.90 3.89 -26.20
CA VAL A 44 13.84 4.65 -24.97
C VAL A 44 13.66 3.65 -23.83
N TYR A 45 14.10 4.04 -22.63
CA TYR A 45 13.71 3.35 -21.41
C TYR A 45 12.69 4.23 -20.69
N THR A 46 11.51 3.66 -20.42
CA THR A 46 10.50 4.38 -19.67
C THR A 46 10.74 4.12 -18.19
N PRO A 47 10.24 4.99 -17.29
CA PRO A 47 10.29 4.73 -15.86
C PRO A 47 9.49 3.51 -15.45
N PHE A 48 9.99 2.79 -14.44
CA PHE A 48 9.31 1.64 -13.88
C PHE A 48 8.18 2.09 -12.96
N ILE A 49 8.34 3.29 -12.36
CA ILE A 49 7.33 3.85 -11.49
C ILE A 49 7.02 5.27 -11.96
N GLU A 50 5.75 5.64 -11.78
CA GLU A 50 5.24 6.96 -12.10
C GLU A 50 4.09 7.25 -11.16
N TYR A 51 3.71 8.52 -11.09
CA TYR A 51 2.48 8.90 -10.41
C TYR A 51 1.33 8.16 -11.09
N ILE A 52 0.37 7.70 -10.28
CA ILE A 52 -0.63 6.77 -10.78
C ILE A 52 -1.42 7.40 -11.93
N GLU A 53 -1.68 8.72 -11.86
CA GLU A 53 -2.49 9.40 -12.87
C GLU A 53 -1.85 9.30 -14.24
N SER A 54 -0.51 9.24 -14.30
CA SER A 54 0.22 9.19 -15.55
C SER A 54 0.10 7.81 -16.20
N LEU A 55 0.06 6.74 -15.39
CA LEU A 55 -0.05 5.39 -15.90
C LEU A 55 -1.52 5.02 -16.18
N SER A 56 -2.46 5.83 -15.69
CA SER A 56 -3.89 5.49 -15.73
C SER A 56 -4.67 6.44 -16.63
N SER A 57 -3.98 7.22 -17.47
CA SER A 57 -4.63 8.23 -18.30
C SER A 57 -5.63 7.60 -19.27
N LEU A 58 -5.33 6.37 -19.71
CA LEU A 58 -6.24 5.58 -20.52
C LEU A 58 -7.24 4.84 -19.63
N ASP A 66 -6.20 1.53 -13.32
CA ASP A 66 -6.70 0.18 -13.66
C ASP A 66 -6.52 -0.69 -12.42
N LEU A 67 -7.27 -1.80 -12.32
CA LEU A 67 -7.02 -2.79 -11.28
C LEU A 67 -5.66 -3.46 -11.46
N VAL A 68 -5.12 -3.42 -12.69
CA VAL A 68 -3.97 -4.24 -13.07
C VAL A 68 -2.68 -3.64 -12.52
N THR A 69 -2.68 -2.34 -12.22
CA THR A 69 -1.47 -1.62 -11.80
C THR A 69 -1.21 -1.79 -10.31
N PHE A 70 -0.01 -2.27 -9.95
CA PHE A 70 0.47 -2.24 -8.57
C PHE A 70 0.61 -0.79 -8.10
N LYS A 71 0.18 -0.51 -6.87
CA LYS A 71 0.13 0.84 -6.35
C LYS A 71 0.91 0.92 -5.03
N VAL A 72 1.73 1.97 -4.91
CA VAL A 72 2.56 2.23 -3.74
C VAL A 72 2.59 3.74 -3.49
N ILE A 73 2.83 4.09 -2.23
CA ILE A 73 2.93 5.48 -1.82
C ILE A 73 4.36 5.97 -2.05
N ASP A 74 4.46 7.19 -2.59
CA ASP A 74 5.71 7.93 -2.69
C ASP A 74 5.95 8.67 -1.39
N GLN A 75 7.02 8.31 -0.68
CA GLN A 75 7.33 8.91 0.60
C GLN A 75 7.76 10.36 0.42
N LEU A 76 8.37 10.69 -0.72
CA LEU A 76 8.83 12.05 -0.98
C LEU A 76 7.67 13.02 -1.24
N SER A 77 6.58 12.58 -1.91
CA SER A 77 5.48 13.49 -2.25
C SER A 77 4.21 13.21 -1.45
N GLY A 78 4.02 11.96 -1.01
CA GLY A 78 2.76 11.55 -0.41
C GLY A 78 1.72 11.13 -1.44
N ARG A 79 2.10 11.16 -2.72
CA ARG A 79 1.22 10.80 -3.81
C ARG A 79 1.35 9.31 -4.11
N LEU A 80 0.33 8.79 -4.80
CA LEU A 80 0.30 7.37 -5.12
C LEU A 80 1.06 7.13 -6.41
N LEU A 81 1.92 6.12 -6.40
CA LEU A 81 2.65 5.69 -7.58
C LEU A 81 1.99 4.44 -8.14
N GLY A 82 2.30 4.14 -9.40
CA GLY A 82 2.06 2.83 -9.98
C GLY A 82 3.34 2.26 -10.59
N ILE A 83 3.44 0.93 -10.61
CA ILE A 83 4.44 0.28 -11.42
C ILE A 83 3.83 0.11 -12.81
N ARG A 84 4.62 0.39 -13.85
CA ARG A 84 4.13 0.41 -15.21
C ARG A 84 3.55 -0.96 -15.56
N ALA A 85 2.34 -0.94 -16.14
CA ALA A 85 1.67 -2.12 -16.63
C ALA A 85 1.70 -2.15 -18.16
N ASP A 86 2.10 -1.02 -18.76
CA ASP A 86 1.99 -0.79 -20.19
C ASP A 86 2.73 0.50 -20.51
N MET A 87 3.65 0.45 -21.48
CA MET A 87 4.54 1.56 -21.74
C MET A 87 3.92 2.53 -22.75
N THR A 88 2.82 2.12 -23.39
CA THR A 88 2.18 2.91 -24.42
C THR A 88 1.93 4.34 -23.94
N PRO A 89 1.22 4.56 -22.80
CA PRO A 89 1.00 5.92 -22.30
C PRO A 89 2.24 6.68 -21.86
N GLN A 90 3.33 5.97 -21.57
CA GLN A 90 4.55 6.61 -21.13
C GLN A 90 5.26 7.26 -22.31
N VAL A 91 5.34 6.53 -23.44
CA VAL A 91 5.96 7.06 -24.63
C VAL A 91 5.12 8.21 -25.17
N ALA A 92 3.79 8.11 -25.01
CA ALA A 92 2.89 9.19 -25.36
C ALA A 92 3.25 10.46 -24.59
N ARG A 93 3.60 10.32 -23.30
CA ARG A 93 4.00 11.44 -22.48
C ARG A 93 5.28 12.06 -23.03
N ILE A 94 6.23 11.19 -23.39
CA ILE A 94 7.51 11.63 -23.93
C ILE A 94 7.28 12.45 -25.19
N ASP A 95 6.45 11.93 -26.11
CA ASP A 95 6.21 12.60 -27.37
C ASP A 95 5.39 13.87 -27.16
N ALA A 96 4.48 13.86 -26.16
CA ALA A 96 3.56 14.99 -25.97
C ALA A 96 4.25 16.14 -25.24
N HIS A 97 5.13 15.84 -24.28
CA HIS A 97 5.70 16.86 -23.42
C HIS A 97 7.23 16.91 -23.48
N VAL A 98 7.90 15.77 -23.26
CA VAL A 98 9.32 15.77 -22.98
C VAL A 98 10.12 16.10 -24.23
N ARG A 99 9.79 15.44 -25.35
CA ARG A 99 10.43 15.71 -26.63
C ARG A 99 9.37 16.13 -27.63
N PRO A 100 8.92 17.40 -27.61
CA PRO A 100 7.85 17.86 -28.50
C PRO A 100 8.35 18.10 -29.93
N VAL A 101 8.78 17.03 -30.58
CA VAL A 101 9.35 17.08 -31.91
C VAL A 101 8.30 17.62 -32.88
N GLU A 102 8.68 18.63 -33.68
CA GLU A 102 7.75 19.27 -34.61
C GLU A 102 7.78 18.50 -35.92
N GLY A 103 7.09 17.37 -35.95
CA GLY A 103 7.08 16.45 -37.09
C GLY A 103 6.86 15.02 -36.62
N VAL A 104 7.10 14.07 -37.54
CA VAL A 104 6.90 12.65 -37.27
C VAL A 104 8.00 12.16 -36.34
N ALA A 105 7.63 11.26 -35.41
CA ALA A 105 8.56 10.70 -34.44
C ALA A 105 8.27 9.21 -34.24
N ARG A 106 9.35 8.43 -34.08
CA ARG A 106 9.27 6.99 -33.94
C ARG A 106 10.09 6.55 -32.74
N TYR A 107 9.50 5.77 -31.85
CA TYR A 107 10.21 5.24 -30.68
C TYR A 107 9.85 3.78 -30.45
N CYS A 108 10.68 3.07 -29.68
CA CYS A 108 10.39 1.71 -29.27
C CYS A 108 10.94 1.44 -27.87
N TYR A 109 10.53 0.32 -27.28
CA TYR A 109 10.85 -0.03 -25.92
C TYR A 109 10.83 -1.54 -25.77
N ALA A 110 11.55 -2.04 -24.74
CA ALA A 110 11.55 -3.45 -24.43
C ALA A 110 11.90 -3.64 -22.96
N GLY A 111 10.88 -3.95 -22.14
CA GLY A 111 11.07 -4.04 -20.71
C GLY A 111 9.91 -4.75 -20.00
N THR A 112 10.19 -5.18 -18.77
CA THR A 112 9.22 -5.82 -17.91
C THR A 112 8.14 -4.82 -17.54
N VAL A 113 6.88 -5.28 -17.56
CA VAL A 113 5.76 -4.58 -16.99
C VAL A 113 5.15 -5.54 -15.96
N LEU A 114 4.45 -4.99 -14.96
CA LEU A 114 3.90 -5.79 -13.88
C LEU A 114 2.39 -5.66 -13.88
N HIS A 115 1.71 -6.79 -13.62
CA HIS A 115 0.28 -6.86 -13.50
C HIS A 115 -0.07 -7.50 -12.16
N THR A 116 -1.07 -6.94 -11.47
CA THR A 116 -1.45 -7.44 -10.16
C THR A 116 -1.99 -8.86 -10.27
N LYS A 117 -2.61 -9.17 -11.41
CA LYS A 117 -3.01 -10.53 -11.76
C LYS A 117 -2.67 -10.77 -13.23
N PRO A 118 -2.35 -12.03 -13.62
CA PRO A 118 -2.07 -12.35 -15.02
C PRO A 118 -3.18 -11.87 -15.96
N GLN A 119 -2.77 -11.30 -17.10
CA GLN A 119 -3.69 -10.81 -18.12
C GLN A 119 -3.61 -11.75 -19.31
N ASN A 120 -4.68 -11.80 -20.13
CA ASN A 120 -4.63 -12.44 -21.43
C ASN A 120 -4.14 -13.89 -21.34
N PHE A 121 -4.60 -14.63 -20.34
CA PHE A 121 -4.30 -16.05 -20.22
C PHE A 121 -2.79 -16.28 -20.19
N ASN A 122 -2.07 -15.27 -19.74
CA ASN A 122 -0.62 -15.30 -19.63
C ASN A 122 -0.26 -16.09 -18.36
N ALA A 123 0.88 -16.78 -18.40
CA ALA A 123 1.39 -17.46 -17.21
C ALA A 123 1.94 -16.44 -16.22
N THR A 124 2.51 -15.34 -16.73
CA THR A 124 3.34 -14.45 -15.93
C THR A 124 2.59 -13.15 -15.60
N ARG A 125 2.82 -12.67 -14.37
CA ARG A 125 2.45 -11.34 -13.96
C ARG A 125 3.53 -10.34 -14.35
N ALA A 126 4.56 -10.79 -15.07
CA ALA A 126 5.71 -9.93 -15.38
C ALA A 126 6.15 -10.13 -16.83
N PRO A 127 5.28 -9.85 -17.81
CA PRO A 127 5.64 -10.04 -19.22
C PRO A 127 6.70 -9.04 -19.65
N LEU A 128 7.47 -9.42 -20.67
CA LEU A 128 8.48 -8.56 -21.24
C LEU A 128 7.87 -7.86 -22.46
N GLN A 129 7.41 -6.62 -22.25
CA GLN A 129 6.69 -5.90 -23.29
C GLN A 129 7.68 -5.24 -24.24
N LEU A 130 7.61 -5.62 -25.51
CA LEU A 130 8.29 -4.90 -26.59
C LEU A 130 7.22 -4.24 -27.46
N GLY A 131 7.51 -3.01 -27.92
CA GLY A 131 6.54 -2.25 -28.68
C GLY A 131 7.18 -1.11 -29.46
N ALA A 132 6.40 -0.49 -30.35
CA ALA A 132 6.84 0.60 -31.18
C ALA A 132 5.69 1.60 -31.33
N GLU A 133 6.03 2.88 -31.53
CA GLU A 133 5.07 3.96 -31.56
C GLU A 133 5.43 4.93 -32.70
N LEU A 134 4.44 5.30 -33.52
CA LEU A 134 4.64 6.24 -34.61
C LEU A 134 3.70 7.43 -34.39
N TYR A 135 4.28 8.60 -34.10
CA TYR A 135 3.53 9.81 -33.78
C TYR A 135 3.65 10.82 -34.91
N GLY A 136 2.59 11.61 -35.12
CA GLY A 136 2.68 12.83 -35.90
C GLY A 136 2.26 12.69 -37.38
N HIS A 137 1.64 11.56 -37.75
CA HIS A 137 1.13 11.41 -39.11
C HIS A 137 -0.32 10.92 -39.07
N ASP A 138 -1.22 11.70 -39.69
CA ASP A 138 -2.64 11.46 -39.61
C ASP A 138 -3.06 10.27 -40.47
N SER A 139 -2.56 10.19 -41.71
CA SER A 139 -3.17 9.34 -42.73
C SER A 139 -2.93 7.86 -42.42
N ILE A 140 -3.74 7.03 -43.10
CA ILE A 140 -3.78 5.59 -42.93
C ILE A 140 -2.39 4.97 -43.15
N GLU A 141 -1.53 5.65 -43.90
CA GLU A 141 -0.23 5.10 -44.27
C GLU A 141 0.65 4.86 -43.05
N ALA A 142 0.46 5.63 -41.97
CA ALA A 142 1.18 5.41 -40.74
C ALA A 142 0.82 4.04 -40.16
N ASP A 143 -0.46 3.70 -40.25
CA ASP A 143 -0.96 2.42 -39.74
C ASP A 143 -0.41 1.28 -40.61
N VAL A 144 -0.29 1.52 -41.91
CA VAL A 144 0.19 0.49 -42.83
C VAL A 144 1.64 0.18 -42.50
N GLU A 145 2.43 1.23 -42.24
CA GLU A 145 3.81 1.05 -41.83
C GLU A 145 3.84 0.20 -40.56
N MET A 146 3.03 0.57 -39.57
CA MET A 146 3.10 -0.07 -38.26
C MET A 146 2.73 -1.55 -38.39
N VAL A 147 1.64 -1.84 -39.12
CA VAL A 147 1.25 -3.22 -39.37
C VAL A 147 2.42 -3.96 -40.02
N ASP A 148 3.04 -3.32 -41.01
CA ASP A 148 4.14 -3.91 -41.76
C ASP A 148 5.34 -4.15 -40.83
N VAL A 149 5.59 -3.21 -39.91
CA VAL A 149 6.70 -3.33 -38.98
C VAL A 149 6.46 -4.48 -38.02
N MET A 150 5.23 -4.53 -37.48
CA MET A 150 4.83 -5.57 -36.54
C MET A 150 5.03 -6.94 -37.16
N LEU A 151 4.49 -7.13 -38.38
CA LEU A 151 4.62 -8.39 -39.10
C LEU A 151 6.09 -8.72 -39.35
N GLY A 152 6.85 -7.70 -39.82
CA GLY A 152 8.26 -7.87 -40.10
C GLY A 152 9.05 -8.33 -38.88
N LEU A 153 8.68 -7.78 -37.71
CA LEU A 153 9.38 -8.08 -36.47
C LEU A 153 9.05 -9.50 -36.02
N ILE A 154 7.79 -9.92 -36.15
CA ILE A 154 7.38 -11.27 -35.81
C ILE A 154 8.09 -12.26 -36.74
N GLU A 155 8.14 -11.93 -38.03
CA GLU A 155 8.80 -12.78 -39.02
C GLU A 155 10.29 -12.92 -38.67
N ASN A 156 10.90 -11.81 -38.25
CA ASN A 156 12.31 -11.79 -37.93
C ASN A 156 12.58 -12.59 -36.66
N ALA A 157 11.73 -12.41 -35.65
CA ALA A 157 11.92 -13.03 -34.35
C ALA A 157 11.55 -14.51 -34.36
N TYR A 158 10.52 -14.86 -35.14
CA TYR A 158 9.82 -16.13 -34.99
C TYR A 158 9.43 -16.65 -36.38
N THR A 159 8.15 -16.56 -36.74
CA THR A 159 7.66 -17.02 -38.03
C THR A 159 6.18 -16.63 -38.17
N LEU A 160 5.77 -16.35 -39.42
CA LEU A 160 4.38 -16.05 -39.73
C LEU A 160 3.69 -17.25 -40.37
N GLN A 161 4.37 -18.41 -40.35
CA GLN A 161 3.79 -19.64 -40.85
C GLN A 161 2.57 -20.01 -40.00
N GLY A 162 1.40 -20.04 -40.65
CA GLY A 162 0.16 -20.39 -39.99
C GLY A 162 -0.36 -19.26 -39.09
N ALA A 163 0.22 -18.06 -39.22
CA ALA A 163 -0.24 -16.92 -38.44
C ALA A 163 -1.47 -16.32 -39.13
N HIS A 164 -2.20 -15.49 -38.38
CA HIS A 164 -3.40 -14.84 -38.89
C HIS A 164 -3.41 -13.38 -38.43
N LEU A 165 -3.57 -12.46 -39.39
CA LEU A 165 -3.68 -11.03 -39.11
C LEU A 165 -5.15 -10.65 -39.11
N ASP A 166 -5.60 -10.11 -37.97
CA ASP A 166 -6.97 -9.61 -37.81
C ASP A 166 -6.93 -8.09 -37.92
N LEU A 167 -7.61 -7.55 -38.94
CA LEU A 167 -7.70 -6.10 -39.14
C LEU A 167 -9.10 -5.62 -38.77
N GLY A 168 -9.16 -4.48 -38.09
CA GLY A 168 -10.42 -3.85 -37.74
C GLY A 168 -10.36 -2.33 -37.93
N HIS A 169 -11.44 -1.63 -37.56
CA HIS A 169 -11.48 -0.19 -37.68
C HIS A 169 -12.66 0.34 -36.87
N VAL A 170 -12.36 1.08 -35.80
CA VAL A 170 -13.37 1.50 -34.84
C VAL A 170 -14.19 2.66 -35.40
N GLY A 171 -13.70 3.29 -36.47
CA GLY A 171 -14.38 4.42 -37.09
C GLY A 171 -15.75 4.05 -37.66
N LEU A 172 -15.90 2.79 -38.10
CA LEU A 172 -17.17 2.30 -38.58
C LEU A 172 -18.22 2.44 -37.48
N PHE A 173 -17.97 1.77 -36.33
CA PHE A 173 -18.89 1.82 -35.22
C PHE A 173 -19.10 3.27 -34.76
N ARG A 174 -17.99 4.00 -34.56
CA ARG A 174 -18.05 5.37 -34.06
C ARG A 174 -18.86 6.26 -35.00
N SER A 175 -18.68 6.10 -36.31
CA SER A 175 -19.41 6.90 -37.29
C SER A 175 -20.92 6.63 -37.20
N LEU A 176 -21.28 5.35 -37.05
CA LEU A 176 -22.68 4.95 -37.01
C LEU A 176 -23.33 5.45 -35.71
N VAL A 177 -22.56 5.45 -34.61
CA VAL A 177 -23.01 6.01 -33.35
C VAL A 177 -23.34 7.50 -33.54
N LYS A 178 -22.48 8.20 -34.29
CA LYS A 178 -22.63 9.63 -34.50
C LYS A 178 -23.87 9.91 -35.35
N TYR A 179 -23.97 9.22 -36.48
CA TYR A 179 -25.04 9.44 -37.44
C TYR A 179 -26.40 9.15 -36.79
N ALA A 180 -26.45 8.12 -35.93
CA ALA A 180 -27.70 7.68 -35.32
C ALA A 180 -28.04 8.52 -34.09
N GLY A 181 -27.07 9.29 -33.58
CA GLY A 181 -27.31 10.21 -32.48
C GLY A 181 -27.48 9.50 -31.13
N LEU A 182 -26.81 8.35 -30.98
CA LEU A 182 -26.87 7.56 -29.76
C LEU A 182 -26.20 8.33 -28.62
N SER A 183 -26.66 8.08 -27.38
CA SER A 183 -26.05 8.66 -26.20
C SER A 183 -24.78 7.90 -25.86
N LYS A 184 -24.04 8.42 -24.86
CA LYS A 184 -22.78 7.80 -24.42
C LYS A 184 -23.07 6.45 -23.76
N ASN A 185 -24.17 6.38 -22.99
CA ASN A 185 -24.54 5.16 -22.30
C ASN A 185 -24.91 4.09 -23.32
N GLU A 186 -25.65 4.47 -24.38
CA GLU A 186 -26.01 3.55 -25.44
C GLU A 186 -24.76 3.06 -26.16
N GLU A 187 -23.84 4.00 -26.46
CA GLU A 187 -22.61 3.69 -27.16
C GLU A 187 -21.77 2.72 -26.33
N HIS A 188 -21.67 2.97 -25.02
CA HIS A 188 -20.87 2.14 -24.13
C HIS A 188 -21.48 0.73 -24.03
N GLU A 189 -22.81 0.66 -23.94
CA GLU A 189 -23.51 -0.62 -23.82
C GLU A 189 -23.30 -1.45 -25.09
N LEU A 190 -23.40 -0.81 -26.26
CA LEU A 190 -23.17 -1.47 -27.54
C LEU A 190 -21.76 -2.02 -27.62
N SER A 191 -20.75 -1.22 -27.20
CA SER A 191 -19.36 -1.63 -27.34
C SER A 191 -19.10 -2.89 -26.50
N ASP A 192 -19.76 -3.02 -25.35
CA ASP A 192 -19.66 -4.23 -24.54
C ASP A 192 -20.26 -5.41 -25.30
N LEU A 193 -21.46 -5.23 -25.86
CA LEU A 193 -22.17 -6.28 -26.57
C LEU A 193 -21.33 -6.76 -27.76
N TYR A 194 -20.73 -5.83 -28.50
CA TYR A 194 -19.93 -6.18 -29.66
C TYR A 194 -18.67 -6.94 -29.26
N GLN A 195 -18.03 -6.50 -28.16
CA GLN A 195 -16.76 -7.07 -27.74
C GLN A 195 -16.96 -8.51 -27.24
N ARG A 196 -18.16 -8.81 -26.71
CA ARG A 196 -18.55 -10.17 -26.34
C ARG A 196 -19.23 -10.89 -27.50
N LYS A 197 -19.40 -10.20 -28.65
CA LYS A 197 -20.31 -10.59 -29.71
C LYS A 197 -21.47 -11.39 -29.14
N ALA A 198 -22.25 -10.73 -28.28
CA ALA A 198 -23.44 -11.31 -27.68
C ALA A 198 -24.65 -11.03 -28.57
N LEU A 199 -24.76 -11.77 -29.67
CA LEU A 199 -25.67 -11.44 -30.76
C LEU A 199 -27.13 -11.52 -30.33
N PRO A 200 -27.55 -12.49 -29.45
CA PRO A 200 -28.93 -12.52 -28.96
C PRO A 200 -29.31 -11.25 -28.22
N GLU A 201 -28.46 -10.79 -27.29
CA GLU A 201 -28.68 -9.54 -26.59
C GLU A 201 -28.61 -8.36 -27.57
N LEU A 202 -27.72 -8.43 -28.55
CA LEU A 202 -27.55 -7.37 -29.53
C LEU A 202 -28.83 -7.22 -30.36
N ALA A 203 -29.48 -8.34 -30.68
CA ALA A 203 -30.73 -8.31 -31.40
C ALA A 203 -31.76 -7.50 -30.61
N GLU A 204 -31.92 -7.84 -29.32
CA GLU A 204 -32.89 -7.18 -28.45
C GLU A 204 -32.56 -5.71 -28.26
N PHE A 205 -31.26 -5.39 -28.10
CA PHE A 205 -30.87 -4.02 -27.79
C PHE A 205 -31.03 -3.12 -29.01
N THR A 206 -30.96 -3.69 -30.22
CA THR A 206 -30.98 -2.90 -31.44
C THR A 206 -32.39 -2.78 -32.01
N GLN A 207 -33.31 -3.63 -31.56
CA GLN A 207 -34.71 -3.59 -31.97
C GLN A 207 -35.26 -2.16 -31.88
N ASN A 208 -35.31 -1.59 -30.67
CA ASN A 208 -35.73 -0.21 -30.50
C ASN A 208 -34.65 0.73 -31.06
N ASN A 210 -32.61 3.06 -32.83
CA ASN A 210 -32.61 3.95 -34.01
C ASN A 210 -31.43 3.60 -34.91
N MET A 211 -31.75 3.24 -36.16
CA MET A 211 -30.82 2.67 -37.13
C MET A 211 -30.28 1.33 -36.64
N GLY A 212 -31.13 0.59 -35.92
CA GLY A 212 -30.73 -0.59 -35.18
C GLY A 212 -30.32 -1.76 -36.08
N SER A 213 -30.86 -1.81 -37.30
CA SER A 213 -30.60 -2.92 -38.20
C SER A 213 -29.17 -2.83 -38.74
N ASP A 214 -28.63 -1.61 -38.85
CA ASP A 214 -27.23 -1.43 -39.23
C ASP A 214 -26.31 -1.83 -38.08
N PHE A 215 -26.72 -1.52 -36.85
CA PHE A 215 -25.97 -1.91 -35.67
C PHE A 215 -25.93 -3.43 -35.56
N TYR A 216 -27.06 -4.10 -35.88
CA TYR A 216 -27.11 -5.56 -35.83
C TYR A 216 -26.25 -6.14 -36.95
N ALA A 217 -26.35 -5.58 -38.15
CA ALA A 217 -25.59 -6.01 -39.32
C ALA A 217 -24.09 -5.97 -39.03
N LEU A 218 -23.67 -4.94 -38.30
CA LEU A 218 -22.25 -4.73 -38.03
C LEU A 218 -21.69 -5.89 -37.20
N GLY A 219 -22.54 -6.46 -36.33
CA GLY A 219 -22.15 -7.58 -35.47
C GLY A 219 -22.29 -8.93 -36.17
N ARG A 220 -23.35 -9.10 -36.97
CA ARG A 220 -23.66 -10.37 -37.61
C ARG A 220 -22.67 -10.65 -38.74
N TYR A 221 -22.29 -9.60 -39.48
CA TYR A 221 -21.46 -9.75 -40.66
C TYR A 221 -20.13 -9.03 -40.44
N ALA A 222 -19.55 -9.23 -39.25
CA ALA A 222 -18.35 -8.52 -38.82
C ALA A 222 -17.13 -8.99 -39.59
N SER A 223 -17.15 -10.24 -40.06
CA SER A 223 -15.98 -10.89 -40.62
C SER A 223 -15.92 -10.78 -42.14
N ASP A 224 -16.95 -10.18 -42.75
CA ASP A 224 -17.12 -10.27 -44.19
C ASP A 224 -17.59 -8.91 -44.72
N LEU A 225 -16.66 -8.18 -45.36
CA LEU A 225 -16.94 -6.84 -45.87
C LEU A 225 -18.04 -6.88 -46.92
N ASP A 226 -18.01 -7.87 -47.81
CA ASP A 226 -19.00 -7.97 -48.88
C ASP A 226 -20.39 -8.15 -48.31
N ALA A 227 -20.54 -9.17 -47.45
CA ALA A 227 -21.81 -9.49 -46.82
C ALA A 227 -22.30 -8.34 -45.95
N LEU A 228 -21.37 -7.57 -45.37
CA LEU A 228 -21.70 -6.42 -44.55
C LEU A 228 -22.28 -5.29 -45.41
N GLN A 229 -21.60 -4.98 -46.53
CA GLN A 229 -22.00 -3.89 -47.40
C GLN A 229 -23.36 -4.18 -48.04
N ALA A 230 -23.67 -5.47 -48.21
CA ALA A 230 -24.93 -5.90 -48.78
C ALA A 230 -26.07 -5.67 -47.79
N HIS A 231 -25.79 -5.81 -46.48
CA HIS A 231 -26.83 -5.74 -45.46
C HIS A 231 -26.90 -4.35 -44.82
N LEU A 232 -25.99 -3.44 -45.20
CA LEU A 232 -26.01 -2.10 -44.64
C LEU A 232 -26.95 -1.22 -45.45
N SER A 233 -27.58 -0.26 -44.78
CA SER A 233 -28.45 0.71 -45.43
C SER A 233 -27.61 1.69 -46.26
N ALA A 234 -28.22 2.23 -47.32
CA ALA A 234 -27.55 3.18 -48.20
C ALA A 234 -27.30 4.50 -47.47
N ASP A 235 -28.15 4.79 -46.47
CA ASP A 235 -27.98 5.93 -45.59
C ASP A 235 -26.54 5.97 -45.05
N ILE A 236 -26.12 4.87 -44.42
CA ILE A 236 -24.86 4.82 -43.68
C ILE A 236 -23.68 4.68 -44.64
N LEU A 237 -23.87 3.96 -45.76
CA LEU A 237 -22.84 3.85 -46.78
C LEU A 237 -22.54 5.23 -47.38
N LYS A 238 -23.56 6.09 -47.46
CA LYS A 238 -23.42 7.43 -48.02
C LYS A 238 -22.73 8.38 -47.03
N ASP A 239 -22.79 8.09 -45.73
CA ASP A 239 -22.17 8.92 -44.70
C ASP A 239 -20.67 9.03 -44.97
N ALA A 240 -20.17 10.27 -45.02
CA ALA A 240 -18.79 10.53 -45.42
C ALA A 240 -17.83 9.80 -44.49
N GLU A 241 -18.04 9.93 -43.17
CA GLU A 241 -17.09 9.43 -42.18
C GLU A 241 -17.10 7.91 -42.13
N PHE A 242 -18.29 7.29 -42.21
CA PHE A 242 -18.38 5.84 -42.25
C PHE A 242 -17.64 5.31 -43.48
N ASP A 243 -17.85 5.95 -44.64
CA ASP A 243 -17.29 5.49 -45.90
C ASP A 243 -15.77 5.66 -45.90
N ALA A 244 -15.28 6.74 -45.24
CA ALA A 244 -13.86 7.00 -45.14
C ALA A 244 -13.18 5.91 -44.32
N ALA A 245 -13.83 5.49 -43.22
CA ALA A 245 -13.33 4.43 -42.36
C ALA A 245 -13.31 3.10 -43.12
N LEU A 246 -14.35 2.85 -43.93
CA LEU A 246 -14.48 1.61 -44.68
C LEU A 246 -13.40 1.55 -45.76
N ASN A 247 -13.18 2.66 -46.46
CA ASN A 247 -12.15 2.76 -47.48
C ASN A 247 -10.78 2.56 -46.85
N ALA A 248 -10.55 3.18 -45.69
CA ALA A 248 -9.30 3.05 -44.97
C ALA A 248 -8.99 1.58 -44.67
N LEU A 249 -10.03 0.81 -44.32
CA LEU A 249 -9.86 -0.60 -44.00
C LEU A 249 -9.62 -1.41 -45.27
N LYS A 250 -10.38 -1.09 -46.34
CA LYS A 250 -10.30 -1.82 -47.60
C LYS A 250 -8.91 -1.63 -48.24
N THR A 251 -8.39 -0.40 -48.18
CA THR A 251 -7.09 -0.08 -48.75
C THR A 251 -5.98 -0.80 -47.98
N THR A 252 -6.12 -0.86 -46.65
CA THR A 252 -5.14 -1.52 -45.80
C THR A 252 -5.15 -3.02 -46.07
N LEU A 253 -6.36 -3.60 -46.20
CA LEU A 253 -6.49 -5.04 -46.42
C LEU A 253 -5.79 -5.44 -47.71
N GLU A 254 -5.88 -4.58 -48.74
CA GLU A 254 -5.32 -4.86 -50.06
C GLU A 254 -3.79 -4.77 -50.01
N GLN A 255 -3.27 -3.66 -49.48
CA GLN A 255 -1.83 -3.45 -49.44
C GLN A 255 -1.12 -4.52 -48.63
N ILE A 256 -1.67 -4.88 -47.47
CA ILE A 256 -1.05 -5.86 -46.59
C ILE A 256 -1.09 -7.24 -47.25
N LYS A 257 -2.22 -7.57 -47.89
CA LYS A 257 -2.35 -8.84 -48.60
C LYS A 257 -1.32 -8.92 -49.72
N ASN A 258 -1.01 -7.78 -50.36
CA ASN A 258 0.00 -7.71 -51.40
C ASN A 258 1.38 -8.01 -50.82
N ARG A 259 1.79 -7.22 -49.80
CA ARG A 259 3.13 -7.29 -49.23
C ARG A 259 3.41 -8.65 -48.59
N TRP A 260 2.37 -9.33 -48.10
CA TRP A 260 2.54 -10.57 -47.37
C TRP A 260 1.63 -11.65 -47.94
N PRO A 261 1.88 -12.14 -49.16
CA PRO A 261 0.96 -13.08 -49.83
C PRO A 261 0.76 -14.40 -49.09
N ALA A 262 1.74 -14.81 -48.27
CA ALA A 262 1.70 -16.07 -47.54
C ALA A 262 0.99 -15.93 -46.20
N LEU A 263 0.53 -14.72 -45.87
CA LEU A 263 -0.10 -14.47 -44.58
C LEU A 263 -1.62 -14.49 -44.72
N ASN A 264 -2.28 -15.23 -43.81
CA ASN A 264 -3.72 -15.20 -43.70
C ASN A 264 -4.15 -13.88 -43.07
N VAL A 265 -5.07 -13.18 -43.74
CA VAL A 265 -5.60 -11.92 -43.24
C VAL A 265 -7.11 -12.03 -43.12
N GLY A 266 -7.65 -11.55 -42.00
CA GLY A 266 -9.08 -11.52 -41.79
C GLY A 266 -9.55 -10.13 -41.39
N ILE A 267 -10.88 -10.00 -41.26
CA ILE A 267 -11.54 -8.75 -40.91
C ILE A 267 -12.43 -9.00 -39.70
N ASP A 268 -12.47 -8.01 -38.80
CA ASP A 268 -13.48 -7.98 -37.74
C ASP A 268 -13.78 -6.52 -37.39
N VAL A 269 -14.88 -5.98 -37.95
CA VAL A 269 -15.19 -4.57 -37.85
C VAL A 269 -15.75 -4.21 -36.48
N VAL A 270 -16.00 -5.20 -35.60
CA VAL A 270 -16.44 -4.92 -34.25
C VAL A 270 -15.44 -5.46 -33.24
N GLU A 271 -14.16 -5.53 -33.64
CA GLU A 271 -13.08 -5.60 -32.69
C GLU A 271 -12.91 -4.20 -32.09
N LEU A 272 -13.31 -4.07 -30.82
CA LEU A 272 -13.38 -2.76 -30.16
C LEU A 272 -12.66 -2.79 -28.82
N ARG A 273 -11.53 -3.52 -28.74
CA ARG A 273 -10.73 -3.54 -27.53
C ARG A 273 -10.29 -2.13 -27.19
N SER A 274 -10.53 -1.69 -25.95
CA SER A 274 -10.17 -0.35 -25.51
C SER A 274 -10.64 0.68 -26.53
N TYR A 275 -11.94 0.61 -26.85
CA TYR A 275 -12.58 1.50 -27.81
C TYR A 275 -12.38 2.97 -27.45
N HIS A 276 -12.29 3.26 -26.14
CA HIS A 276 -12.36 4.62 -25.64
C HIS A 276 -11.17 5.46 -26.10
N TYR A 277 -9.99 4.84 -26.30
CA TYR A 277 -8.82 5.59 -26.72
C TYR A 277 -8.35 5.20 -28.13
N HIS A 278 -8.92 4.16 -28.75
CA HIS A 278 -8.63 3.84 -30.14
C HIS A 278 -9.51 4.70 -31.06
N THR A 279 -8.97 5.12 -32.22
CA THR A 279 -9.66 6.07 -33.09
C THR A 279 -9.69 5.65 -34.56
N GLY A 280 -9.05 4.52 -34.93
CA GLY A 280 -9.00 4.08 -36.32
C GLY A 280 -8.75 2.58 -36.47
N LEU A 281 -7.74 2.24 -37.28
CA LEU A 281 -7.43 0.87 -37.60
C LEU A 281 -7.02 0.08 -36.36
N MET A 282 -7.42 -1.20 -36.32
CA MET A 282 -7.05 -2.14 -35.28
C MET A 282 -6.31 -3.30 -35.93
N TYR A 283 -5.27 -3.82 -35.28
CA TYR A 283 -4.48 -4.87 -35.90
C TYR A 283 -3.87 -5.76 -34.84
N ALA A 284 -3.98 -7.08 -35.04
CA ALA A 284 -3.41 -8.09 -34.15
C ALA A 284 -3.03 -9.34 -34.93
N VAL A 285 -2.07 -10.10 -34.42
CA VAL A 285 -1.58 -11.29 -35.08
C VAL A 285 -1.80 -12.47 -34.14
N TYR A 286 -2.49 -13.51 -34.63
CA TYR A 286 -2.75 -14.72 -33.87
C TYR A 286 -1.94 -15.87 -34.45
N ALA A 287 -1.70 -16.89 -33.62
CA ALA A 287 -0.90 -18.05 -34.00
C ALA A 287 -1.60 -19.32 -33.57
N PRO A 288 -1.23 -20.49 -34.15
CA PRO A 288 -1.85 -21.77 -33.78
C PRO A 288 -1.72 -22.12 -32.31
N ASN A 289 -2.81 -22.63 -31.74
CA ASN A 289 -2.86 -23.16 -30.39
C ASN A 289 -2.50 -22.08 -29.37
N ARG A 290 -3.00 -20.85 -29.58
CA ARG A 290 -2.81 -19.75 -28.64
C ARG A 290 -4.05 -18.86 -28.60
N ALA A 291 -4.62 -18.67 -27.40
CA ALA A 291 -5.78 -17.82 -27.23
C ALA A 291 -5.41 -16.35 -27.41
N ALA A 292 -4.27 -15.96 -26.81
CA ALA A 292 -3.79 -14.59 -26.87
C ALA A 292 -3.06 -14.34 -28.19
N PRO A 293 -3.26 -13.17 -28.84
CA PRO A 293 -2.47 -12.81 -30.02
C PRO A 293 -0.98 -12.68 -29.67
N LEU A 294 -0.11 -12.89 -30.66
CA LEU A 294 1.31 -12.68 -30.50
C LEU A 294 1.62 -11.19 -30.35
N ALA A 295 0.82 -10.34 -31.00
CA ALA A 295 1.02 -8.91 -30.96
C ALA A 295 -0.28 -8.22 -31.34
N GLN A 296 -0.51 -7.04 -30.76
CA GLN A 296 -1.71 -6.26 -31.03
C GLN A 296 -1.37 -4.77 -30.97
N GLY A 297 -2.04 -4.00 -31.82
CA GLY A 297 -1.83 -2.57 -31.88
C GLY A 297 -3.03 -1.87 -32.47
N GLY A 298 -2.92 -0.55 -32.61
CA GLY A 298 -3.99 0.24 -33.18
C GLY A 298 -3.63 1.70 -33.36
N ARG A 299 -4.49 2.40 -34.08
CA ARG A 299 -4.51 3.85 -34.17
C ARG A 299 -5.10 4.41 -32.87
N TYR A 300 -4.39 5.32 -32.22
CA TYR A 300 -4.92 5.99 -31.04
C TYR A 300 -4.48 7.46 -31.00
N ASP A 301 -5.06 8.25 -31.91
CA ASP A 301 -4.82 9.67 -31.99
C ASP A 301 -5.12 10.33 -30.65
N GLY A 302 -4.26 11.27 -30.24
CA GLY A 302 -4.49 12.08 -29.05
C GLY A 302 -4.29 11.31 -27.75
N ILE A 303 -3.59 10.17 -27.82
CA ILE A 303 -3.34 9.34 -26.64
C ILE A 303 -2.59 10.15 -25.58
N GLY A 304 -1.75 11.10 -26.03
CA GLY A 304 -0.92 11.85 -25.11
C GLY A 304 -1.50 13.20 -24.71
N GLU A 305 -2.76 13.48 -25.07
CA GLU A 305 -3.35 14.80 -24.85
C GLU A 305 -3.41 15.14 -23.36
N HIS A 306 -3.55 14.12 -22.52
CA HIS A 306 -3.51 14.27 -21.08
C HIS A 306 -2.24 14.99 -20.64
N PHE A 307 -1.14 14.78 -21.38
CA PHE A 307 0.18 15.25 -20.99
C PHE A 307 0.60 16.54 -21.68
N GLY A 308 -0.22 17.04 -22.61
CA GLY A 308 0.14 18.21 -23.39
C GLY A 308 -0.51 18.20 -24.77
N ARG A 309 0.32 18.27 -25.82
CA ARG A 309 -0.17 18.42 -27.18
C ARG A 309 -0.83 17.13 -27.63
N ALA A 310 -1.89 17.27 -28.44
CA ALA A 310 -2.62 16.15 -28.99
C ALA A 310 -1.93 15.73 -30.28
N ARG A 311 -1.55 14.46 -30.35
CA ARG A 311 -0.68 13.98 -31.41
C ARG A 311 -1.32 12.77 -32.05
N PRO A 312 -1.35 12.69 -33.40
CA PRO A 312 -1.72 11.44 -34.06
C PRO A 312 -0.70 10.38 -33.64
N ALA A 313 -1.18 9.14 -33.44
CA ALA A 313 -0.37 8.10 -32.85
C ALA A 313 -0.92 6.74 -33.25
N THR A 314 -0.02 5.81 -33.60
CA THR A 314 -0.38 4.43 -33.84
C THR A 314 0.80 3.56 -33.39
N GLY A 315 0.50 2.35 -32.91
CA GLY A 315 1.56 1.48 -32.40
C GLY A 315 1.04 0.11 -31.97
N PHE A 316 1.98 -0.76 -31.63
CA PHE A 316 1.67 -2.13 -31.25
C PHE A 316 2.56 -2.54 -30.08
N SER A 317 2.23 -3.65 -29.44
CA SER A 317 3.17 -4.30 -28.53
C SER A 317 2.94 -5.80 -28.51
N CYS A 318 3.91 -6.51 -27.94
CA CYS A 318 3.86 -7.96 -27.77
C CYS A 318 4.57 -8.33 -26.48
N ASP A 319 4.27 -9.54 -25.99
CA ASP A 319 5.07 -10.18 -24.97
C ASP A 319 6.18 -10.95 -25.68
N LEU A 320 7.42 -10.61 -25.35
CA LEU A 320 8.57 -11.19 -26.02
C LEU A 320 8.70 -12.66 -25.66
N TYR A 321 8.20 -13.07 -24.48
CA TYR A 321 8.23 -14.48 -24.09
C TYR A 321 7.36 -15.32 -25.02
N ALA A 322 6.36 -14.70 -25.66
CA ALA A 322 5.45 -15.40 -26.55
C ALA A 322 6.10 -15.68 -27.92
N LEU A 323 7.09 -14.89 -28.32
CA LEU A 323 7.82 -15.14 -29.55
C LEU A 323 9.00 -16.08 -29.31
N GLY A 324 9.39 -16.25 -28.04
CA GLY A 324 10.45 -17.17 -27.66
C GLY A 324 9.94 -18.60 -27.59
N PHE A 328 14.87 -23.34 -25.88
CA PHE A 328 15.80 -22.96 -24.78
C PHE A 328 16.97 -23.96 -24.74
N ALA A 329 17.91 -23.77 -25.68
CA ALA A 329 19.03 -24.70 -25.86
C ALA A 329 20.03 -24.58 -24.72
N GLU A 330 20.87 -25.61 -24.59
CA GLU A 330 21.87 -25.68 -23.54
C GLU A 330 23.03 -24.74 -23.90
N ILE A 331 23.85 -24.46 -22.88
CA ILE A 331 24.95 -23.52 -23.04
C ILE A 331 26.24 -24.32 -23.11
N GLU A 332 27.12 -23.93 -24.04
CA GLU A 332 28.43 -24.57 -24.19
C GLU A 332 29.46 -23.75 -23.43
N THR A 333 30.25 -24.44 -22.60
CA THR A 333 31.29 -23.81 -21.82
C THR A 333 32.62 -24.53 -22.06
N VAL A 334 33.67 -23.72 -22.31
CA VAL A 334 35.02 -24.21 -22.51
C VAL A 334 35.78 -24.05 -21.19
N VAL A 335 36.43 -25.12 -20.73
CA VAL A 335 37.23 -25.06 -19.52
C VAL A 335 38.71 -25.12 -19.89
N ALA A 336 39.47 -24.11 -19.46
CA ALA A 336 40.92 -24.10 -19.60
C ALA A 336 41.56 -24.26 -18.22
N PRO A 337 42.82 -24.68 -18.11
CA PRO A 337 43.49 -24.76 -16.81
C PRO A 337 43.82 -23.38 -16.25
N LYS A 338 44.06 -23.34 -14.94
CA LYS A 338 44.59 -22.17 -14.26
C LYS A 338 45.93 -21.80 -14.87
N GLY A 339 46.22 -20.48 -14.95
CA GLY A 339 47.53 -20.01 -15.39
C GLY A 339 47.47 -18.65 -16.10
N THR A 340 48.64 -18.00 -16.19
CA THR A 340 48.77 -16.70 -16.82
C THR A 340 49.93 -16.69 -17.82
N GLU A 341 50.30 -17.86 -18.33
CA GLU A 341 51.29 -17.98 -19.39
C GLU A 341 50.70 -17.37 -20.67
N ALA A 342 51.51 -16.60 -21.39
CA ALA A 342 51.03 -15.72 -22.44
C ALA A 342 50.30 -16.49 -23.54
N ASP A 343 50.86 -17.64 -23.94
CA ASP A 343 50.31 -18.42 -25.03
C ASP A 343 48.95 -19.01 -24.65
N LEU A 344 48.76 -19.32 -23.36
CA LEU A 344 47.49 -19.81 -22.86
C LEU A 344 46.44 -18.69 -22.87
N LEU A 345 46.79 -17.54 -22.26
CA LEU A 345 45.90 -16.40 -22.20
C LEU A 345 45.51 -15.97 -23.61
N LYS A 346 46.48 -16.02 -24.53
CA LYS A 346 46.28 -15.66 -25.92
C LYS A 346 45.19 -16.52 -26.54
N ALA A 347 45.26 -17.84 -26.33
CA ALA A 347 44.30 -18.78 -26.87
C ALA A 347 42.91 -18.54 -26.25
N ILE A 348 42.88 -18.28 -24.94
CA ILE A 348 41.65 -17.93 -24.24
C ILE A 348 41.05 -16.67 -24.86
N ALA A 349 41.89 -15.66 -25.12
CA ALA A 349 41.43 -14.38 -25.61
C ALA A 349 40.86 -14.51 -27.02
N ASN A 350 41.52 -15.32 -27.86
CA ASN A 350 41.06 -15.57 -29.22
C ASN A 350 39.69 -16.25 -29.18
N ALA A 351 39.56 -17.26 -28.31
CA ALA A 351 38.30 -17.97 -28.14
C ALA A 351 37.20 -17.00 -27.71
N ARG A 352 37.46 -16.22 -26.66
CA ARG A 352 36.50 -15.25 -26.14
C ARG A 352 36.15 -14.22 -27.21
N SER A 353 37.14 -13.89 -28.05
CA SER A 353 36.96 -12.96 -29.15
C SER A 353 35.92 -13.47 -30.15
N GLU A 354 35.85 -14.80 -30.33
CA GLU A 354 34.93 -15.41 -31.26
C GLU A 354 33.56 -15.66 -30.60
N GLY A 355 33.42 -15.28 -29.32
CA GLY A 355 32.13 -15.33 -28.63
C GLY A 355 31.94 -16.62 -27.84
N LEU A 356 33.02 -17.38 -27.61
CA LEU A 356 32.95 -18.60 -26.82
C LEU A 356 32.99 -18.25 -25.33
N ARG A 357 32.32 -19.08 -24.52
CA ARG A 357 32.31 -18.92 -23.08
C ARG A 357 33.43 -19.75 -22.49
N VAL A 358 34.47 -19.08 -21.98
CA VAL A 358 35.66 -19.75 -21.50
C VAL A 358 35.85 -19.39 -20.03
N VAL A 359 36.14 -20.42 -19.22
CA VAL A 359 36.53 -20.24 -17.84
C VAL A 359 37.85 -20.97 -17.62
N GLN A 360 38.56 -20.54 -16.59
CA GLN A 360 39.75 -21.22 -16.11
C GLN A 360 39.42 -21.89 -14.78
N LEU A 361 40.01 -23.08 -14.56
CA LEU A 361 39.92 -23.75 -13.28
C LEU A 361 40.51 -22.85 -12.20
N LEU A 362 39.89 -22.90 -11.00
CA LEU A 362 40.30 -22.07 -9.88
C LEU A 362 41.08 -22.93 -8.87
N GLY A 363 42.22 -22.42 -8.41
CA GLY A 363 42.99 -23.08 -7.37
C GLY A 363 43.33 -24.52 -7.73
N ASN A 364 42.93 -25.48 -6.87
CA ASN A 364 43.22 -26.89 -7.09
C ASN A 364 42.02 -27.62 -7.70
N ASP A 365 41.02 -26.88 -8.16
CA ASP A 365 39.83 -27.48 -8.76
C ASP A 365 40.24 -28.27 -10.01
N ASP A 366 39.64 -29.45 -10.19
CA ASP A 366 39.76 -30.20 -11.42
C ASP A 366 38.52 -29.92 -12.28
N LEU A 367 38.41 -30.65 -13.39
CA LEU A 367 37.38 -30.43 -14.40
C LEU A 367 35.98 -30.74 -13.86
N SER A 368 35.88 -31.54 -12.79
CA SER A 368 34.59 -31.90 -12.23
C SER A 368 33.95 -30.75 -11.46
N SER A 369 34.73 -29.69 -11.20
CA SER A 369 34.21 -28.46 -10.61
C SER A 369 33.28 -27.72 -11.59
N ILE A 370 33.42 -28.00 -12.89
CA ILE A 370 32.55 -27.44 -13.91
C ILE A 370 31.80 -28.60 -14.57
N PRO A 371 30.77 -29.20 -13.92
CA PRO A 371 30.14 -30.41 -14.44
C PRO A 371 29.36 -30.21 -15.74
N TYR A 372 28.96 -28.96 -16.02
CA TYR A 372 28.24 -28.59 -17.23
C TYR A 372 29.21 -28.25 -18.35
N ALA A 373 30.51 -28.55 -18.17
CA ALA A 373 31.51 -28.28 -19.18
C ALA A 373 31.24 -29.12 -20.43
N THR A 374 31.31 -28.48 -21.61
CA THR A 374 31.12 -29.16 -22.88
C THR A 374 32.45 -29.29 -23.64
N HIS A 375 33.41 -28.39 -23.39
CA HIS A 375 34.66 -28.36 -24.16
C HIS A 375 35.85 -28.08 -23.25
N GLN A 376 37.04 -28.44 -23.74
CA GLN A 376 38.29 -28.25 -23.02
C GLN A 376 39.30 -27.51 -23.90
N LEU A 377 40.10 -26.64 -23.29
CA LEU A 377 41.30 -26.11 -23.93
C LEU A 377 42.51 -26.91 -23.43
N VAL A 378 43.18 -27.61 -24.35
CA VAL A 378 44.21 -28.56 -23.98
C VAL A 378 45.40 -28.41 -24.95
N LEU A 379 46.60 -28.65 -24.41
CA LEU A 379 47.84 -28.49 -25.15
C LEU A 379 48.08 -29.74 -26.00
N GLN A 380 48.00 -29.58 -27.32
CA GLN A 380 48.20 -30.67 -28.26
C GLN A 380 49.34 -30.31 -29.22
N GLN A 383 50.62 -26.30 -28.95
CA GLN A 383 49.55 -25.32 -29.29
C GLN A 383 48.26 -25.67 -28.53
N TRP A 384 47.49 -24.64 -28.17
CA TRP A 384 46.28 -24.80 -27.39
C TRP A 384 45.08 -24.97 -28.31
N ASN A 385 44.32 -26.07 -28.13
CA ASN A 385 43.19 -26.39 -28.98
C ASN A 385 41.94 -26.65 -28.14
N ILE A 386 40.79 -26.40 -28.75
CA ILE A 386 39.50 -26.69 -28.16
C ILE A 386 38.99 -28.01 -28.72
N GLU A 387 38.64 -28.94 -27.81
CA GLU A 387 38.03 -30.22 -28.18
C GLU A 387 36.84 -30.49 -27.27
N LYS A 388 35.89 -31.28 -27.78
CA LYS A 388 34.67 -31.64 -27.07
C LYS A 388 34.98 -32.65 -25.97
N ILE A 389 34.21 -32.61 -24.87
CA ILE A 389 34.30 -33.61 -23.81
C ILE A 389 33.18 -34.64 -24.03
N THR B 7 0.68 17.43 -15.02
CA THR B 7 0.26 16.04 -15.36
C THR B 7 1.41 15.26 -16.01
N TRP B 8 2.41 15.98 -16.56
CA TRP B 8 3.58 15.36 -17.14
C TRP B 8 4.63 14.99 -16.08
N LEU B 9 4.43 15.44 -14.83
CA LEU B 9 5.44 15.39 -13.78
C LEU B 9 5.79 13.95 -13.45
N LEU B 10 7.09 13.65 -13.44
CA LEU B 10 7.60 12.40 -12.94
C LEU B 10 7.93 12.54 -11.46
N PRO B 11 7.95 11.43 -10.68
CA PRO B 11 8.39 11.48 -9.28
C PRO B 11 9.86 11.88 -9.16
N ASP B 12 10.26 12.40 -8.00
CA ASP B 12 11.65 12.69 -7.74
C ASP B 12 12.49 11.43 -7.86
N GLY B 13 13.66 11.56 -8.51
CA GLY B 13 14.61 10.46 -8.62
C GLY B 13 14.26 9.50 -9.76
N VAL B 14 13.29 9.88 -10.59
CA VAL B 14 12.80 9.03 -11.66
C VAL B 14 12.84 9.84 -12.94
N ALA B 15 13.41 9.27 -14.00
CA ALA B 15 13.55 9.99 -15.25
C ALA B 15 13.37 9.03 -16.42
N ASP B 16 12.94 9.59 -17.55
CA ASP B 16 13.04 8.89 -18.82
C ASP B 16 14.52 8.75 -19.16
N VAL B 17 14.86 7.66 -19.85
CA VAL B 17 16.11 7.59 -20.58
C VAL B 17 15.75 7.75 -22.05
N LEU B 18 15.99 8.96 -22.56
CA LEU B 18 15.60 9.34 -23.90
C LEU B 18 16.64 8.80 -24.88
N PRO B 19 16.40 8.84 -26.20
CA PRO B 19 17.19 8.05 -27.16
C PRO B 19 18.70 8.25 -27.17
N GLU B 20 19.14 9.49 -26.98
CA GLU B 20 20.56 9.79 -27.07
C GLU B 20 21.30 9.06 -25.94
N GLN B 21 20.79 9.17 -24.72
CA GLN B 21 21.37 8.49 -23.57
C GLN B 21 21.12 6.98 -23.67
N ALA B 22 19.94 6.59 -24.16
CA ALA B 22 19.58 5.18 -24.22
C ALA B 22 20.55 4.41 -25.12
N GLN B 23 20.90 4.98 -26.28
CA GLN B 23 21.82 4.33 -27.18
C GLN B 23 23.13 4.00 -26.45
N VAL B 24 23.67 4.97 -25.70
CA VAL B 24 24.92 4.77 -25.01
C VAL B 24 24.77 3.69 -23.94
N ILE B 25 23.72 3.75 -23.12
CA ILE B 25 23.56 2.82 -22.01
C ILE B 25 23.29 1.41 -22.54
N GLU B 26 22.47 1.29 -23.60
CA GLU B 26 22.12 0.00 -24.19
C GLU B 26 23.37 -0.69 -24.71
N LYS B 27 24.19 0.05 -25.45
CA LYS B 27 25.45 -0.45 -25.97
C LYS B 27 26.33 -0.93 -24.81
N LEU B 28 26.37 -0.10 -23.75
CA LEU B 28 27.18 -0.38 -22.57
C LEU B 28 26.67 -1.63 -21.85
N ARG B 29 25.34 -1.77 -21.79
CA ARG B 29 24.69 -2.91 -21.15
C ARG B 29 25.06 -4.21 -21.86
N ARG B 30 24.94 -4.21 -23.19
CA ARG B 30 25.17 -5.40 -23.97
C ARG B 30 26.64 -5.83 -23.88
N GLU B 31 27.55 -4.87 -24.00
CA GLU B 31 28.98 -5.17 -24.02
C GLU B 31 29.44 -5.68 -22.67
N ALA B 32 28.82 -5.18 -21.59
CA ALA B 32 29.15 -5.63 -20.24
C ALA B 32 28.66 -7.07 -20.04
N ILE B 33 27.41 -7.34 -20.42
CA ILE B 33 26.86 -8.69 -20.34
C ILE B 33 27.78 -9.64 -21.11
N ASP B 34 28.19 -9.21 -22.32
CA ASP B 34 28.95 -10.06 -23.22
C ASP B 34 30.37 -10.26 -22.68
N PHE B 35 30.95 -9.24 -22.07
CA PHE B 35 32.27 -9.32 -21.47
C PHE B 35 32.25 -10.36 -20.35
N LEU B 36 31.15 -10.38 -19.60
CA LEU B 36 30.95 -11.36 -18.52
C LEU B 36 30.66 -12.73 -19.09
N ALA B 37 29.83 -12.80 -20.14
CA ALA B 37 29.43 -14.06 -20.75
C ALA B 37 30.65 -14.90 -21.14
N VAL B 38 31.63 -14.28 -21.81
CA VAL B 38 32.75 -15.01 -22.35
C VAL B 38 33.73 -15.41 -21.24
N ARG B 39 33.51 -14.86 -20.03
CA ARG B 39 34.28 -15.24 -18.86
C ARG B 39 33.47 -16.22 -18.00
N GLY B 40 32.36 -16.73 -18.55
CA GLY B 40 31.63 -17.84 -17.96
C GLY B 40 30.43 -17.41 -17.10
N TYR B 41 30.16 -16.10 -17.05
CA TYR B 41 29.09 -15.59 -16.21
C TYR B 41 27.81 -15.58 -17.03
N GLN B 42 26.87 -16.48 -16.65
CA GLN B 42 25.65 -16.70 -17.41
C GLN B 42 24.59 -15.70 -16.98
N LEU B 43 24.02 -15.00 -17.96
CA LEU B 43 22.98 -14.02 -17.71
C LEU B 43 21.73 -14.71 -17.16
N VAL B 44 21.13 -14.06 -16.15
CA VAL B 44 19.81 -14.41 -15.66
C VAL B 44 19.01 -13.12 -15.56
N TYR B 45 17.68 -13.23 -15.67
CA TYR B 45 16.78 -12.17 -15.22
C TYR B 45 16.16 -12.61 -13.90
N THR B 46 16.32 -11.78 -12.87
CA THR B 46 15.69 -12.04 -11.59
C THR B 46 14.28 -11.44 -11.61
N PRO B 47 13.35 -11.91 -10.75
CA PRO B 47 12.04 -11.29 -10.61
C PRO B 47 12.11 -9.86 -10.12
N PHE B 48 11.18 -9.04 -10.62
CA PHE B 48 11.08 -7.65 -10.21
C PHE B 48 10.39 -7.55 -8.86
N ILE B 49 9.52 -8.53 -8.56
CA ILE B 49 8.81 -8.58 -7.29
C ILE B 49 9.00 -9.96 -6.68
N GLU B 50 9.04 -10.00 -5.35
CA GLU B 50 9.16 -11.21 -4.57
C GLU B 50 8.46 -10.97 -3.24
N TYR B 51 8.21 -12.06 -2.51
CA TYR B 51 7.78 -11.94 -1.13
C TYR B 51 8.85 -11.19 -0.36
N ILE B 52 8.43 -10.32 0.56
CA ILE B 52 9.35 -9.37 1.17
C ILE B 52 10.47 -10.12 1.90
N GLU B 53 10.16 -11.27 2.51
CA GLU B 53 11.15 -12.00 3.29
C GLU B 53 12.32 -12.45 2.43
N SER B 54 12.07 -12.71 1.14
CA SER B 54 13.10 -13.18 0.24
C SER B 54 14.06 -12.05 -0.15
N LEU B 55 13.54 -10.82 -0.27
CA LEU B 55 14.36 -9.66 -0.61
C LEU B 55 15.03 -9.07 0.62
N SER B 56 14.62 -9.49 1.82
CA SER B 56 15.05 -8.88 3.07
C SER B 56 15.89 -9.84 3.93
N SER B 57 16.33 -10.96 3.33
CA SER B 57 17.10 -11.96 4.07
C SER B 57 18.41 -11.37 4.59
N LEU B 58 18.98 -10.41 3.85
CA LEU B 58 20.18 -9.70 4.26
C LEU B 58 19.79 -8.47 5.09
N ASP B 66 14.11 -3.98 4.72
CA ASP B 66 14.59 -2.68 5.27
C ASP B 66 13.81 -1.53 4.61
N LEU B 67 14.17 -0.30 4.93
CA LEU B 67 13.36 0.85 4.55
C LEU B 67 13.42 1.10 3.05
N VAL B 68 14.44 0.58 2.36
CA VAL B 68 14.73 0.98 0.99
C VAL B 68 13.78 0.31 0.00
N THR B 69 13.20 -0.82 0.39
CA THR B 69 12.37 -1.64 -0.49
C THR B 69 10.93 -1.12 -0.55
N PHE B 70 10.44 -0.85 -1.77
CA PHE B 70 9.02 -0.59 -2.00
C PHE B 70 8.21 -1.84 -1.65
N LYS B 71 7.07 -1.64 -0.97
CA LYS B 71 6.27 -2.75 -0.47
C LYS B 71 4.84 -2.64 -0.99
N VAL B 72 4.31 -3.78 -1.48
CA VAL B 72 2.93 -3.90 -1.95
C VAL B 72 2.35 -5.23 -1.51
N ILE B 73 1.03 -5.26 -1.35
CA ILE B 73 0.32 -6.48 -1.00
C ILE B 73 0.05 -7.29 -2.25
N ASP B 74 0.28 -8.61 -2.14
CA ASP B 74 -0.08 -9.60 -3.14
C ASP B 74 -1.54 -9.98 -2.95
N GLN B 75 -2.37 -9.69 -3.95
CA GLN B 75 -3.80 -9.96 -3.88
C GLN B 75 -4.07 -11.46 -3.88
N LEU B 76 -3.21 -12.24 -4.54
CA LEU B 76 -3.38 -13.68 -4.63
C LEU B 76 -3.08 -14.37 -3.29
N SER B 77 -2.10 -13.91 -2.51
CA SER B 77 -1.72 -14.59 -1.26
C SER B 77 -2.11 -13.80 -0.01
N GLY B 78 -2.19 -12.47 -0.12
CA GLY B 78 -2.36 -11.61 1.05
C GLY B 78 -1.04 -11.29 1.74
N ARG B 79 0.07 -11.78 1.18
CA ARG B 79 1.39 -11.57 1.74
C ARG B 79 1.98 -10.29 1.15
N LEU B 80 2.99 -9.74 1.84
CA LEU B 80 3.63 -8.52 1.44
C LEU B 80 4.73 -8.84 0.42
N LEU B 81 4.73 -8.10 -0.69
CA LEU B 81 5.78 -8.20 -1.69
C LEU B 81 6.74 -7.03 -1.52
N GLY B 82 7.94 -7.18 -2.11
CA GLY B 82 8.82 -6.05 -2.35
C GLY B 82 9.22 -5.97 -3.81
N ILE B 83 9.52 -4.76 -4.28
CA ILE B 83 10.22 -4.60 -5.54
C ILE B 83 11.71 -4.72 -5.23
N ARG B 84 12.44 -5.43 -6.08
CA ARG B 84 13.84 -5.72 -5.84
C ARG B 84 14.63 -4.42 -5.71
N ALA B 85 15.46 -4.34 -4.66
CA ALA B 85 16.35 -3.22 -4.43
C ALA B 85 17.79 -3.63 -4.74
N ASP B 86 18.02 -4.94 -4.92
CA ASP B 86 19.34 -5.52 -5.01
C ASP B 86 19.18 -6.97 -5.42
N MET B 87 19.89 -7.38 -6.49
CA MET B 87 19.68 -8.69 -7.06
C MET B 87 20.56 -9.75 -6.41
N THR B 88 21.53 -9.30 -5.58
CA THR B 88 22.49 -10.19 -4.94
C THR B 88 21.77 -11.34 -4.23
N PRO B 89 20.82 -11.09 -3.31
CA PRO B 89 20.10 -12.17 -2.63
C PRO B 89 19.21 -13.04 -3.52
N GLN B 90 18.83 -12.51 -4.69
CA GLN B 90 17.97 -13.25 -5.60
C GLN B 90 18.78 -14.34 -6.30
N VAL B 91 19.98 -13.99 -6.78
CA VAL B 91 20.84 -14.95 -7.45
C VAL B 91 21.30 -16.00 -6.43
N ALA B 92 21.49 -15.56 -5.17
CA ALA B 92 21.81 -16.48 -4.08
C ALA B 92 20.71 -17.54 -3.96
N ARG B 93 19.44 -17.12 -4.08
CA ARG B 93 18.31 -18.04 -4.00
C ARG B 93 18.38 -19.04 -5.17
N ILE B 94 18.68 -18.52 -6.37
CA ILE B 94 18.78 -19.34 -7.56
C ILE B 94 19.85 -20.41 -7.36
N ASP B 95 21.02 -20.00 -6.88
CA ASP B 95 22.13 -20.93 -6.72
C ASP B 95 21.85 -21.90 -5.56
N ALA B 96 21.15 -21.43 -4.52
CA ALA B 96 20.92 -22.25 -3.32
C ALA B 96 19.81 -23.28 -3.55
N HIS B 97 18.75 -22.90 -4.28
CA HIS B 97 17.56 -23.72 -4.38
C HIS B 97 17.23 -24.10 -5.83
N VAL B 98 17.12 -23.11 -6.72
CA VAL B 98 16.51 -23.33 -8.03
C VAL B 98 17.44 -24.15 -8.93
N ARG B 99 18.72 -23.78 -8.98
CA ARG B 99 19.72 -24.51 -9.75
C ARG B 99 20.84 -24.97 -8.83
N PRO B 100 20.64 -26.06 -8.06
CA PRO B 100 21.65 -26.52 -7.09
C PRO B 100 22.81 -27.25 -7.77
N VAL B 101 23.57 -26.50 -8.59
CA VAL B 101 24.68 -27.04 -9.35
C VAL B 101 25.74 -27.60 -8.40
N GLU B 102 26.17 -28.83 -8.65
CA GLU B 102 27.14 -29.53 -7.83
C GLU B 102 28.54 -29.17 -8.30
N GLY B 103 28.99 -27.96 -7.93
CA GLY B 103 30.23 -27.41 -8.44
C GLY B 103 30.19 -25.88 -8.48
N VAL B 104 31.21 -25.29 -9.11
CA VAL B 104 31.32 -23.85 -9.25
C VAL B 104 30.28 -23.35 -10.24
N ALA B 105 29.70 -22.18 -9.95
CA ALA B 105 28.69 -21.57 -10.79
C ALA B 105 28.92 -20.06 -10.89
N ARG B 106 28.68 -19.52 -12.09
CA ARG B 106 28.90 -18.11 -12.37
C ARG B 106 27.66 -17.55 -13.06
N TYR B 107 27.13 -16.44 -12.53
CA TYR B 107 25.97 -15.79 -13.12
C TYR B 107 26.17 -14.27 -13.13
N CYS B 108 25.41 -13.59 -13.97
CA CYS B 108 25.38 -12.13 -13.97
C CYS B 108 23.97 -11.63 -14.29
N TYR B 109 23.77 -10.32 -14.09
CA TYR B 109 22.47 -9.68 -14.24
C TYR B 109 22.69 -8.22 -14.61
N ALA B 110 21.68 -7.62 -15.24
CA ALA B 110 21.68 -6.20 -15.56
C ALA B 110 20.25 -5.70 -15.69
N GLY B 111 19.78 -5.00 -14.64
CA GLY B 111 18.40 -4.57 -14.60
C GLY B 111 18.15 -3.48 -13.56
N THR B 112 17.01 -2.79 -13.73
CA THR B 112 16.57 -1.75 -12.83
C THR B 112 16.27 -2.34 -11.47
N VAL B 113 16.71 -1.65 -10.41
CA VAL B 113 16.27 -1.89 -9.04
C VAL B 113 15.66 -0.60 -8.55
N LEU B 114 14.74 -0.68 -7.58
CA LEU B 114 14.04 0.49 -7.09
C LEU B 114 14.34 0.69 -5.61
N HIS B 115 14.51 1.97 -5.23
CA HIS B 115 14.76 2.37 -3.86
C HIS B 115 13.73 3.43 -3.48
N THR B 116 13.16 3.32 -2.27
CA THR B 116 12.12 4.23 -1.83
C THR B 116 12.65 5.66 -1.74
N LYS B 117 13.95 5.78 -1.43
CA LYS B 117 14.69 7.03 -1.48
C LYS B 117 16.06 6.76 -2.10
N PRO B 118 16.66 7.74 -2.81
CA PRO B 118 17.99 7.58 -3.39
C PRO B 118 19.02 7.09 -2.38
N GLN B 119 19.86 6.13 -2.80
CA GLN B 119 20.93 5.60 -1.98
C GLN B 119 22.27 6.12 -2.53
N ASN B 120 23.30 6.20 -1.66
CA ASN B 120 24.66 6.41 -2.12
C ASN B 120 24.77 7.70 -2.94
N PHE B 121 24.09 8.77 -2.51
CA PHE B 121 24.22 10.08 -3.13
C PHE B 121 23.89 10.00 -4.62
N ASN B 122 23.06 9.01 -4.97
CA ASN B 122 22.66 8.77 -6.34
C ASN B 122 21.55 9.77 -6.69
N ALA B 123 21.49 10.18 -7.96
CA ALA B 123 20.40 11.03 -8.42
C ALA B 123 19.11 10.23 -8.54
N THR B 124 19.22 8.93 -8.86
CA THR B 124 18.07 8.14 -9.26
C THR B 124 17.63 7.18 -8.15
N ARG B 125 16.31 7.02 -8.04
CA ARG B 125 15.70 5.97 -7.24
C ARG B 125 15.60 4.68 -8.05
N ALA B 126 16.13 4.68 -9.28
CA ALA B 126 15.95 3.56 -10.19
C ALA B 126 17.27 3.25 -10.91
N PRO B 127 18.35 2.91 -10.18
CA PRO B 127 19.63 2.61 -10.81
C PRO B 127 19.57 1.33 -11.64
N LEU B 128 20.43 1.25 -12.65
CA LEU B 128 20.53 0.06 -13.49
C LEU B 128 21.66 -0.81 -12.95
N GLN B 129 21.31 -1.80 -12.13
CA GLN B 129 22.29 -2.58 -11.41
C GLN B 129 22.81 -3.70 -12.29
N LEU B 130 24.13 -3.67 -12.56
CA LEU B 130 24.81 -4.78 -13.21
C LEU B 130 25.75 -5.41 -12.19
N GLY B 131 25.83 -6.75 -12.21
CA GLY B 131 26.61 -7.48 -11.22
C GLY B 131 26.92 -8.90 -11.67
N ALA B 132 27.82 -9.54 -10.92
CA ALA B 132 28.29 -10.89 -11.20
C ALA B 132 28.47 -11.61 -9.88
N GLU B 133 28.28 -12.93 -9.92
CA GLU B 133 28.30 -13.77 -8.73
C GLU B 133 29.08 -15.06 -9.04
N LEU B 134 30.01 -15.42 -8.16
CA LEU B 134 30.79 -16.64 -8.29
C LEU B 134 30.54 -17.49 -7.04
N TYR B 135 29.87 -18.63 -7.23
CA TYR B 135 29.47 -19.53 -6.15
C TYR B 135 30.29 -20.81 -6.22
N GLY B 136 30.57 -21.40 -5.05
CA GLY B 136 31.03 -22.78 -4.98
C GLY B 136 32.56 -22.94 -4.92
N HIS B 137 33.31 -21.87 -4.69
CA HIS B 137 34.75 -21.99 -4.51
C HIS B 137 35.17 -21.23 -3.26
N ASP B 138 35.79 -21.95 -2.33
CA ASP B 138 36.12 -21.42 -1.01
C ASP B 138 37.30 -20.45 -1.08
N SER B 139 38.37 -20.82 -1.81
CA SER B 139 39.65 -20.18 -1.64
C SER B 139 39.64 -18.75 -2.18
N ILE B 140 40.67 -18.00 -1.77
CA ILE B 140 40.82 -16.59 -2.06
C ILE B 140 40.84 -16.33 -3.58
N GLU B 141 41.20 -17.35 -4.37
CA GLU B 141 41.34 -17.20 -5.80
C GLU B 141 40.02 -16.81 -6.47
N ALA B 142 38.88 -17.21 -5.88
CA ALA B 142 37.58 -16.81 -6.40
C ALA B 142 37.43 -15.30 -6.30
N ASP B 143 37.90 -14.73 -5.18
CA ASP B 143 37.83 -13.29 -4.95
C ASP B 143 38.76 -12.57 -5.93
N VAL B 144 39.91 -13.17 -6.23
CA VAL B 144 40.88 -12.57 -7.13
C VAL B 144 40.29 -12.50 -8.52
N GLU B 145 39.63 -13.57 -8.96
CA GLU B 145 38.92 -13.57 -10.23
C GLU B 145 37.90 -12.43 -10.25
N MET B 146 37.08 -12.34 -9.19
CA MET B 146 35.97 -11.40 -9.17
C MET B 146 36.51 -9.97 -9.23
N VAL B 147 37.53 -9.67 -8.43
CA VAL B 147 38.16 -8.36 -8.46
C VAL B 147 38.68 -8.09 -9.88
N ASP B 148 39.33 -9.09 -10.48
CA ASP B 148 39.88 -8.97 -11.82
C ASP B 148 38.77 -8.72 -12.84
N VAL B 149 37.62 -9.39 -12.67
CA VAL B 149 36.51 -9.26 -13.58
C VAL B 149 35.89 -7.87 -13.46
N MET B 150 35.71 -7.41 -12.21
CA MET B 150 35.16 -6.11 -11.92
C MET B 150 35.99 -5.02 -12.58
N LEU B 151 37.31 -5.07 -12.35
CA LEU B 151 38.24 -4.11 -12.93
C LEU B 151 38.19 -4.17 -14.46
N GLY B 152 38.22 -5.40 -15.00
CA GLY B 152 38.18 -5.61 -16.43
C GLY B 152 36.92 -5.02 -17.07
N LEU B 153 35.79 -5.14 -16.36
CA LEU B 153 34.52 -4.67 -16.88
C LEU B 153 34.49 -3.14 -16.86
N ILE B 154 34.99 -2.53 -15.79
CA ILE B 154 35.06 -1.08 -15.69
C ILE B 154 35.99 -0.55 -16.79
N GLU B 155 37.13 -1.23 -17.00
CA GLU B 155 38.09 -0.83 -18.02
C GLU B 155 37.45 -0.90 -19.39
N ASN B 156 36.67 -1.97 -19.63
CA ASN B 156 36.02 -2.19 -20.91
C ASN B 156 34.94 -1.15 -21.14
N ALA B 157 34.14 -0.87 -20.10
CA ALA B 157 33.00 0.02 -20.22
C ALA B 157 33.43 1.49 -20.25
N TYR B 158 34.49 1.82 -19.49
CA TYR B 158 34.78 3.20 -19.13
C TYR B 158 36.32 3.38 -19.14
N THR B 159 36.93 3.48 -17.96
CA THR B 159 38.37 3.67 -17.83
C THR B 159 38.78 3.57 -16.36
N LEU B 160 39.99 3.08 -16.10
CA LEU B 160 40.55 3.00 -14.77
C LEU B 160 41.58 4.11 -14.56
N GLN B 161 41.59 5.10 -15.46
CA GLN B 161 42.45 6.26 -15.33
C GLN B 161 42.09 7.01 -14.05
N GLY B 162 43.08 7.09 -13.15
CA GLY B 162 42.92 7.79 -11.88
C GLY B 162 42.04 7.04 -10.89
N ALA B 163 41.73 5.76 -11.18
CA ALA B 163 40.85 4.99 -10.31
C ALA B 163 41.63 4.49 -9.11
N HIS B 164 40.90 4.08 -8.06
CA HIS B 164 41.50 3.57 -6.85
C HIS B 164 40.73 2.33 -6.38
N LEU B 165 41.45 1.23 -6.18
CA LEU B 165 40.88 0.00 -5.63
C LEU B 165 41.14 -0.04 -4.13
N ASP B 166 40.05 -0.12 -3.36
CA ASP B 166 40.10 -0.25 -1.91
C ASP B 166 39.84 -1.72 -1.56
N LEU B 167 40.83 -2.37 -0.94
CA LEU B 167 40.72 -3.75 -0.51
C LEU B 167 40.58 -3.79 1.00
N GLY B 168 39.69 -4.65 1.48
CA GLY B 168 39.50 -4.89 2.90
C GLY B 168 39.34 -6.38 3.19
N HIS B 169 39.07 -6.70 4.45
CA HIS B 169 38.89 -8.09 4.87
C HIS B 169 38.27 -8.10 6.27
N VAL B 170 37.03 -8.57 6.35
CA VAL B 170 36.25 -8.48 7.59
C VAL B 170 36.72 -9.54 8.58
N GLY B 171 37.49 -10.53 8.11
CA GLY B 171 37.98 -11.61 8.94
C GLY B 171 38.92 -11.13 10.04
N LEU B 172 39.65 -10.03 9.78
CA LEU B 172 40.52 -9.44 10.78
C LEU B 172 39.69 -9.04 11.99
N PHE B 173 38.70 -8.16 11.79
CA PHE B 173 37.84 -7.71 12.87
C PHE B 173 37.13 -8.90 13.52
N ARG B 174 36.52 -9.77 12.70
CA ARG B 174 35.75 -10.91 13.19
C ARG B 174 36.64 -11.82 14.05
N SER B 175 37.88 -12.07 13.60
CA SER B 175 38.80 -12.93 14.33
C SER B 175 39.11 -12.33 15.71
N LEU B 176 39.35 -11.01 15.75
CA LEU B 176 39.71 -10.33 16.99
C LEU B 176 38.51 -10.31 17.95
N VAL B 177 37.30 -10.18 17.39
CA VAL B 177 36.09 -10.27 18.20
C VAL B 177 36.01 -11.64 18.86
N LYS B 178 36.36 -12.69 18.11
CA LYS B 178 36.28 -14.06 18.58
C LYS B 178 37.31 -14.29 19.69
N TYR B 179 38.57 -13.92 19.41
CA TYR B 179 39.67 -14.16 20.33
C TYR B 179 39.44 -13.41 21.64
N ALA B 180 38.86 -12.20 21.56
CA ALA B 180 38.67 -11.37 22.74
C ALA B 180 37.40 -11.75 23.50
N GLY B 181 36.53 -12.55 22.87
CA GLY B 181 35.33 -13.06 23.52
C GLY B 181 34.26 -12.00 23.73
N LEU B 182 34.22 -11.01 22.82
CA LEU B 182 33.25 -9.92 22.91
C LEU B 182 31.84 -10.47 22.67
N SER B 183 30.84 -9.81 23.26
CA SER B 183 29.45 -10.17 23.04
C SER B 183 28.98 -9.62 21.70
N LYS B 184 27.76 -10.01 21.29
CA LYS B 184 27.18 -9.57 20.03
C LYS B 184 26.91 -8.07 20.06
N ASN B 185 26.46 -7.56 21.22
CA ASN B 185 26.15 -6.15 21.39
C ASN B 185 27.44 -5.34 21.26
N GLU B 186 28.52 -5.82 21.89
CA GLU B 186 29.82 -5.16 21.81
C GLU B 186 30.32 -5.18 20.36
N GLU B 187 30.17 -6.32 19.69
CA GLU B 187 30.61 -6.48 18.31
C GLU B 187 29.84 -5.51 17.40
N HIS B 188 28.52 -5.42 17.60
CA HIS B 188 27.67 -4.56 16.79
C HIS B 188 28.05 -3.09 17.02
N GLU B 189 28.31 -2.72 18.29
CA GLU B 189 28.62 -1.33 18.62
C GLU B 189 29.96 -0.93 18.00
N LEU B 190 30.95 -1.83 18.06
CA LEU B 190 32.25 -1.63 17.43
C LEU B 190 32.10 -1.40 15.92
N SER B 191 31.31 -2.26 15.26
CA SER B 191 31.19 -2.21 13.82
C SER B 191 30.61 -0.86 13.37
N ASP B 192 29.71 -0.28 14.17
CA ASP B 192 29.18 1.05 13.89
C ASP B 192 30.29 2.09 14.00
N LEU B 193 31.06 2.01 15.09
CA LEU B 193 32.14 2.97 15.35
C LEU B 193 33.18 2.91 14.24
N TYR B 194 33.54 1.70 13.78
CA TYR B 194 34.53 1.54 12.73
C TYR B 194 34.01 2.10 11.41
N GLN B 195 32.74 1.84 11.10
CA GLN B 195 32.18 2.22 9.81
C GLN B 195 32.06 3.74 9.71
N ARG B 196 31.90 4.43 10.85
CA ARG B 196 31.96 5.88 10.93
C ARG B 196 33.39 6.39 11.18
N LYS B 197 34.34 5.47 11.34
CA LYS B 197 35.65 5.74 11.91
C LYS B 197 35.56 6.90 12.89
N ALA B 198 34.78 6.69 13.95
CA ALA B 198 34.61 7.67 15.01
C ALA B 198 35.67 7.43 16.09
N LEU B 199 36.90 7.85 15.82
CA LEU B 199 38.06 7.43 16.60
C LEU B 199 37.99 7.95 18.05
N PRO B 200 37.48 9.17 18.32
CA PRO B 200 37.32 9.63 19.70
C PRO B 200 36.42 8.71 20.53
N GLU B 201 35.25 8.36 19.99
CA GLU B 201 34.35 7.43 20.63
C GLU B 201 34.99 6.05 20.73
N LEU B 202 35.74 5.65 19.69
CA LEU B 202 36.40 4.35 19.64
C LEU B 202 37.42 4.25 20.76
N ALA B 203 38.13 5.35 21.05
CA ALA B 203 39.09 5.38 22.13
C ALA B 203 38.40 5.05 23.46
N GLU B 204 37.30 5.76 23.74
CA GLU B 204 36.54 5.58 24.97
C GLU B 204 35.94 4.19 25.06
N PHE B 205 35.43 3.67 23.94
CA PHE B 205 34.73 2.39 23.96
C PHE B 205 35.70 1.23 24.13
N THR B 206 36.96 1.41 23.73
CA THR B 206 37.93 0.33 23.74
C THR B 206 38.75 0.34 25.04
N GLN B 207 38.74 1.45 25.77
CA GLN B 207 39.54 1.54 26.99
C GLN B 207 39.04 0.46 27.96
N ASN B 210 38.05 -6.24 26.44
CA ASN B 210 39.36 -6.71 26.94
C ASN B 210 40.46 -6.11 26.05
N MET B 211 40.71 -6.74 24.90
CA MET B 211 41.92 -6.51 24.12
C MET B 211 41.79 -5.20 23.34
N GLY B 212 41.47 -4.13 24.07
CA GLY B 212 40.95 -2.90 23.50
C GLY B 212 41.97 -2.12 22.67
N SER B 213 43.27 -2.29 22.98
CA SER B 213 44.31 -1.54 22.29
C SER B 213 44.48 -2.06 20.86
N ASP B 214 44.19 -3.36 20.64
CA ASP B 214 44.21 -3.92 19.30
C ASP B 214 43.01 -3.43 18.51
N PHE B 215 41.85 -3.32 19.18
CA PHE B 215 40.66 -2.80 18.55
C PHE B 215 40.88 -1.34 18.14
N TYR B 216 41.57 -0.56 18.98
CA TYR B 216 41.85 0.83 18.65
C TYR B 216 42.85 0.90 17.50
N ALA B 217 43.90 0.08 17.56
CA ALA B 217 44.92 0.02 16.52
C ALA B 217 44.31 -0.28 15.15
N LEU B 218 43.29 -1.15 15.14
CA LEU B 218 42.67 -1.58 13.90
C LEU B 218 42.01 -0.39 13.19
N GLY B 219 41.51 0.56 13.98
CA GLY B 219 40.85 1.76 13.46
C GLY B 219 41.84 2.87 13.11
N ARG B 220 42.88 3.03 13.94
CA ARG B 220 43.84 4.12 13.80
C ARG B 220 44.74 3.87 12.59
N TYR B 221 45.12 2.59 12.39
CA TYR B 221 46.10 2.24 11.38
C TYR B 221 45.44 1.32 10.34
N ALA B 222 44.23 1.70 9.92
CA ALA B 222 43.39 0.88 9.05
C ALA B 222 43.95 0.83 7.63
N SER B 223 44.69 1.88 7.24
CA SER B 223 45.11 2.09 5.87
C SER B 223 46.51 1.53 5.60
N ASP B 224 47.18 1.02 6.62
CA ASP B 224 48.61 0.74 6.54
C ASP B 224 48.91 -0.57 7.27
N LEU B 225 49.17 -1.62 6.49
CA LEU B 225 49.43 -2.96 7.03
C LEU B 225 50.67 -2.95 7.92
N ASP B 226 51.73 -2.25 7.49
CA ASP B 226 52.99 -2.23 8.23
C ASP B 226 52.77 -1.59 9.61
N ALA B 227 52.20 -0.38 9.60
CA ALA B 227 51.93 0.38 10.81
C ALA B 227 50.97 -0.37 11.72
N LEU B 228 50.05 -1.14 11.13
CA LEU B 228 49.09 -1.92 11.88
C LEU B 228 49.77 -3.07 12.60
N GLN B 229 50.62 -3.82 11.87
CA GLN B 229 51.29 -5.00 12.42
C GLN B 229 52.26 -4.58 13.52
N ALA B 230 52.78 -3.35 13.45
CA ALA B 230 53.68 -2.83 14.45
C ALA B 230 52.94 -2.52 15.75
N HIS B 231 51.67 -2.11 15.64
CA HIS B 231 50.90 -1.67 16.80
C HIS B 231 50.00 -2.77 17.35
N LEU B 232 49.88 -3.91 16.66
CA LEU B 232 49.25 -5.09 17.23
C LEU B 232 50.32 -5.91 17.97
N ASP B 239 47.30 -15.70 16.30
CA ASP B 239 45.97 -16.35 16.12
C ASP B 239 45.85 -16.84 14.68
N ALA B 240 45.49 -18.11 14.52
CA ALA B 240 45.45 -18.75 13.21
C ALA B 240 44.52 -18.00 12.26
N GLU B 241 43.29 -17.72 12.72
CA GLU B 241 42.26 -17.15 11.88
C GLU B 241 42.58 -15.71 11.51
N PHE B 242 43.08 -14.91 12.45
CA PHE B 242 43.48 -13.54 12.16
C PHE B 242 44.58 -13.55 11.09
N ASP B 243 45.57 -14.43 11.24
CA ASP B 243 46.73 -14.49 10.35
C ASP B 243 46.31 -14.98 8.96
N ALA B 244 45.33 -15.88 8.91
CA ALA B 244 44.81 -16.40 7.65
C ALA B 244 44.12 -15.27 6.87
N ALA B 245 43.36 -14.44 7.59
CA ALA B 245 42.68 -13.30 7.00
C ALA B 245 43.70 -12.28 6.47
N LEU B 246 44.77 -12.06 7.23
CA LEU B 246 45.79 -11.10 6.87
C LEU B 246 46.56 -11.59 5.63
N ASN B 247 46.90 -12.88 5.61
CA ASN B 247 47.58 -13.49 4.48
C ASN B 247 46.69 -13.40 3.24
N ALA B 248 45.40 -13.68 3.40
CA ALA B 248 44.44 -13.63 2.31
C ALA B 248 44.41 -12.23 1.68
N LEU B 249 44.53 -11.19 2.51
CA LEU B 249 44.52 -9.82 2.04
C LEU B 249 45.84 -9.49 1.34
N LYS B 250 46.96 -9.92 1.95
CA LYS B 250 48.29 -9.63 1.44
C LYS B 250 48.50 -10.29 0.08
N THR B 251 48.03 -11.54 -0.07
CA THR B 251 48.15 -12.29 -1.32
C THR B 251 47.33 -11.62 -2.42
N THR B 252 46.12 -11.16 -2.06
CA THR B 252 45.25 -10.49 -3.02
C THR B 252 45.87 -9.17 -3.47
N LEU B 253 46.44 -8.42 -2.52
CA LEU B 253 47.02 -7.12 -2.81
C LEU B 253 48.15 -7.28 -3.83
N GLU B 254 48.93 -8.37 -3.69
CA GLU B 254 50.09 -8.62 -4.54
C GLU B 254 49.64 -9.02 -5.95
N GLN B 255 48.74 -9.98 -6.06
CA GLN B 255 48.29 -10.49 -7.35
C GLN B 255 47.61 -9.39 -8.17
N ILE B 256 46.76 -8.58 -7.52
CA ILE B 256 46.03 -7.53 -8.21
C ILE B 256 47.00 -6.44 -8.65
N LYS B 257 47.97 -6.10 -7.80
CA LYS B 257 48.99 -5.11 -8.14
C LYS B 257 49.79 -5.60 -9.34
N ASN B 258 50.01 -6.91 -9.45
CA ASN B 258 50.71 -7.50 -10.60
C ASN B 258 49.90 -7.31 -11.87
N ARG B 259 48.65 -7.79 -11.86
CA ARG B 259 47.79 -7.80 -13.04
C ARG B 259 47.47 -6.40 -13.53
N TRP B 260 47.46 -5.42 -12.62
CA TRP B 260 47.05 -4.05 -12.95
C TRP B 260 48.09 -3.05 -12.46
N PRO B 261 49.30 -3.03 -13.06
CA PRO B 261 50.40 -2.22 -12.54
C PRO B 261 50.14 -0.72 -12.46
N ALA B 262 49.25 -0.23 -13.34
CA ALA B 262 48.97 1.20 -13.44
C ALA B 262 47.83 1.61 -12.49
N LEU B 263 47.29 0.66 -11.72
CA LEU B 263 46.14 0.93 -10.87
C LEU B 263 46.59 1.23 -9.43
N ASN B 264 46.04 2.31 -8.85
CA ASN B 264 46.23 2.61 -7.44
C ASN B 264 45.40 1.63 -6.61
N VAL B 265 46.07 0.97 -5.66
CA VAL B 265 45.42 0.05 -4.75
C VAL B 265 45.71 0.51 -3.33
N GLY B 266 44.68 0.51 -2.49
CA GLY B 266 44.80 0.86 -1.09
C GLY B 266 44.19 -0.22 -0.19
N ILE B 267 44.33 -0.02 1.13
CA ILE B 267 43.88 -0.95 2.14
C ILE B 267 43.00 -0.19 3.13
N ASP B 268 41.92 -0.85 3.59
CA ASP B 268 41.15 -0.39 4.74
C ASP B 268 40.56 -1.59 5.47
N VAL B 269 41.22 -2.01 6.55
CA VAL B 269 40.89 -3.24 7.26
C VAL B 269 39.63 -3.07 8.11
N VAL B 270 39.09 -1.85 8.24
CA VAL B 270 37.84 -1.66 8.95
C VAL B 270 36.76 -1.10 8.03
N GLU B 271 36.88 -1.42 6.73
CA GLU B 271 35.74 -1.31 5.83
C GLU B 271 34.82 -2.49 6.14
N LEU B 272 33.67 -2.19 6.77
CA LEU B 272 32.78 -3.21 7.31
C LEU B 272 31.34 -2.96 6.85
N ARG B 273 31.18 -2.49 5.61
CA ARG B 273 29.85 -2.31 5.04
C ARG B 273 29.13 -3.66 5.04
N SER B 274 27.92 -3.68 5.60
CA SER B 274 27.12 -4.91 5.67
C SER B 274 27.98 -6.05 6.22
N TYR B 275 28.58 -5.79 7.39
CA TYR B 275 29.45 -6.74 8.07
C TYR B 275 28.75 -8.07 8.32
N HIS B 276 27.42 -8.02 8.54
CA HIS B 276 26.68 -9.15 9.05
C HIS B 276 26.65 -10.32 8.06
N TYR B 277 26.70 -10.03 6.75
CA TYR B 277 26.66 -11.11 5.76
C TYR B 277 27.95 -11.22 4.95
N HIS B 278 28.91 -10.29 5.13
CA HIS B 278 30.24 -10.43 4.51
C HIS B 278 31.11 -11.30 5.42
N THR B 279 31.99 -12.12 4.80
CA THR B 279 32.77 -13.10 5.54
C THR B 279 34.26 -13.09 5.20
N GLY B 280 34.68 -12.27 4.23
CA GLY B 280 36.07 -12.23 3.82
C GLY B 280 36.48 -10.91 3.17
N LEU B 281 37.09 -11.02 1.99
CA LEU B 281 37.65 -9.89 1.29
C LEU B 281 36.55 -8.90 0.89
N MET B 282 36.90 -7.61 0.96
CA MET B 282 36.02 -6.52 0.56
C MET B 282 36.73 -5.77 -0.57
N TYR B 283 35.98 -5.32 -1.57
CA TYR B 283 36.61 -4.66 -2.71
C TYR B 283 35.65 -3.66 -3.33
N ALA B 284 36.17 -2.45 -3.58
CA ALA B 284 35.42 -1.40 -4.25
C ALA B 284 36.38 -0.53 -5.08
N VAL B 285 35.83 0.10 -6.12
CA VAL B 285 36.61 0.94 -7.02
C VAL B 285 36.05 2.36 -6.95
N TYR B 286 36.94 3.32 -6.64
CA TYR B 286 36.57 4.72 -6.58
C TYR B 286 37.21 5.47 -7.75
N ALA B 287 36.61 6.62 -8.07
CA ALA B 287 37.02 7.43 -9.20
C ALA B 287 37.13 8.88 -8.77
N PRO B 288 37.86 9.73 -9.52
CA PRO B 288 37.97 11.16 -9.22
C PRO B 288 36.62 11.87 -9.18
N ASN B 289 36.46 12.76 -8.19
CA ASN B 289 35.30 13.62 -8.06
C ASN B 289 34.01 12.79 -7.95
N ARG B 290 34.04 11.69 -7.18
CA ARG B 290 32.87 10.87 -6.93
C ARG B 290 32.89 10.32 -5.51
N ALA B 291 31.84 10.61 -4.75
CA ALA B 291 31.68 10.12 -3.39
C ALA B 291 31.40 8.61 -3.42
N ALA B 292 30.50 8.19 -4.32
CA ALA B 292 30.10 6.80 -4.42
C ALA B 292 31.11 6.04 -5.27
N PRO B 293 31.50 4.80 -4.88
CA PRO B 293 32.36 3.98 -5.73
C PRO B 293 31.67 3.63 -7.06
N LEU B 294 32.48 3.37 -8.10
CA LEU B 294 31.96 2.91 -9.37
C LEU B 294 31.40 1.49 -9.23
N ALA B 295 32.00 0.70 -8.34
CA ALA B 295 31.58 -0.69 -8.13
C ALA B 295 32.07 -1.17 -6.78
N GLN B 296 31.30 -2.06 -6.15
CA GLN B 296 31.65 -2.61 -4.85
C GLN B 296 31.18 -4.05 -4.76
N GLY B 297 31.97 -4.87 -4.07
CA GLY B 297 31.67 -6.28 -3.92
C GLY B 297 32.36 -6.86 -2.70
N GLY B 298 32.19 -8.16 -2.50
CA GLY B 298 32.81 -8.83 -1.38
C GLY B 298 32.57 -10.33 -1.39
N ARG B 299 33.32 -11.01 -0.51
CA ARG B 299 33.08 -12.39 -0.14
C ARG B 299 31.89 -12.42 0.81
N TYR B 300 30.89 -13.26 0.49
CA TYR B 300 29.75 -13.45 1.38
C TYR B 300 29.31 -14.91 1.33
N ASP B 301 30.14 -15.79 1.92
CA ASP B 301 29.84 -17.22 2.04
C ASP B 301 28.50 -17.39 2.76
N GLY B 302 27.69 -18.34 2.26
CA GLY B 302 26.45 -18.73 2.92
C GLY B 302 25.35 -17.67 2.81
N ILE B 303 25.48 -16.76 1.83
CA ILE B 303 24.51 -15.71 1.62
C ILE B 303 23.14 -16.32 1.31
N GLY B 304 23.13 -17.50 0.68
CA GLY B 304 21.89 -18.13 0.26
C GLY B 304 21.37 -19.17 1.23
N GLU B 305 21.98 -19.28 2.43
CA GLU B 305 21.61 -20.34 3.37
C GLU B 305 20.15 -20.21 3.81
N HIS B 306 19.64 -18.98 3.83
CA HIS B 306 18.23 -18.71 4.10
C HIS B 306 17.32 -19.54 3.19
N PHE B 307 17.79 -19.77 1.95
CA PHE B 307 16.98 -20.36 0.89
C PHE B 307 17.23 -21.85 0.72
N GLY B 308 18.21 -22.42 1.43
CA GLY B 308 18.62 -23.80 1.20
C GLY B 308 20.08 -24.03 1.55
N ARG B 309 20.85 -24.57 0.60
CA ARG B 309 22.21 -25.01 0.86
C ARG B 309 23.11 -23.78 1.06
N ALA B 310 24.09 -23.94 1.96
CA ALA B 310 25.07 -22.89 2.24
C ALA B 310 26.20 -23.01 1.23
N ARG B 311 26.48 -21.93 0.52
CA ARG B 311 27.35 -21.95 -0.63
C ARG B 311 28.40 -20.85 -0.47
N PRO B 312 29.68 -21.14 -0.74
CA PRO B 312 30.68 -20.07 -0.83
C PRO B 312 30.25 -19.16 -1.99
N ALA B 313 30.46 -17.86 -1.80
CA ALA B 313 29.93 -16.88 -2.73
C ALA B 313 30.73 -15.59 -2.63
N THR B 314 31.04 -15.01 -3.79
CA THR B 314 31.66 -13.68 -3.86
C THR B 314 31.14 -12.99 -5.12
N GLY B 315 31.01 -11.66 -5.06
CA GLY B 315 30.48 -10.93 -6.18
C GLY B 315 30.49 -9.43 -5.97
N PHE B 316 30.14 -8.70 -7.02
CA PHE B 316 30.16 -7.25 -7.02
C PHE B 316 28.94 -6.74 -7.78
N SER B 317 28.66 -5.45 -7.64
CA SER B 317 27.73 -4.80 -8.54
C SER B 317 28.10 -3.33 -8.72
N CYS B 318 27.50 -2.71 -9.74
CA CYS B 318 27.69 -1.30 -10.04
C CYS B 318 26.39 -0.74 -10.60
N ASP B 319 26.27 0.59 -10.57
CA ASP B 319 25.24 1.30 -11.31
C ASP B 319 25.81 1.58 -12.70
N LEU B 320 25.14 1.08 -13.73
CA LEU B 320 25.61 1.20 -15.09
C LEU B 320 25.56 2.65 -15.55
N TYR B 321 24.66 3.46 -14.98
CA TYR B 321 24.59 4.88 -15.33
C TYR B 321 25.86 5.61 -14.88
N ALA B 322 26.57 5.07 -13.87
CA ALA B 322 27.78 5.69 -13.36
C ALA B 322 28.98 5.46 -14.29
N LEU B 323 28.95 4.39 -15.10
CA LEU B 323 30.00 4.13 -16.07
C LEU B 323 29.68 4.83 -17.39
N GLY B 324 28.41 5.24 -17.58
CA GLY B 324 28.00 6.02 -18.74
C GLY B 324 28.42 7.48 -18.62
N PHE B 328 26.50 11.20 -24.64
CA PHE B 328 25.13 11.11 -25.20
C PHE B 328 25.09 11.79 -26.58
N ALA B 329 25.68 11.14 -27.58
CA ALA B 329 25.82 11.71 -28.92
C ALA B 329 24.49 11.70 -29.66
N GLU B 330 24.42 12.50 -30.74
CA GLU B 330 23.21 12.62 -31.53
C GLU B 330 23.04 11.39 -32.42
N ILE B 331 21.82 11.22 -32.92
CA ILE B 331 21.48 10.05 -33.73
C ILE B 331 21.33 10.52 -35.17
N GLU B 332 21.90 9.74 -36.10
CA GLU B 332 21.83 10.04 -37.51
C GLU B 332 20.67 9.25 -38.14
N THR B 333 19.83 9.95 -38.90
CA THR B 333 18.69 9.33 -39.55
C THR B 333 18.70 9.68 -41.04
N VAL B 334 18.49 8.65 -41.87
CA VAL B 334 18.41 8.79 -43.32
C VAL B 334 16.93 8.82 -43.72
N VAL B 335 16.54 9.81 -44.53
CA VAL B 335 15.18 9.90 -45.02
C VAL B 335 15.15 9.54 -46.50
N ALA B 336 14.32 8.55 -46.85
CA ALA B 336 14.05 8.19 -48.24
C ALA B 336 12.62 8.60 -48.58
N PRO B 337 12.29 8.78 -49.88
CA PRO B 337 10.91 9.07 -50.28
C PRO B 337 9.99 7.87 -50.12
N LYS B 338 8.68 8.15 -50.09
CA LYS B 338 7.65 7.13 -50.13
C LYS B 338 7.79 6.33 -51.42
N GLY B 339 7.51 5.03 -51.35
CA GLY B 339 7.47 4.19 -52.54
C GLY B 339 7.84 2.74 -52.25
N THR B 340 7.46 1.85 -53.19
CA THR B 340 7.74 0.43 -53.09
C THR B 340 8.35 -0.09 -54.40
N GLU B 341 9.01 0.81 -55.16
CA GLU B 341 9.76 0.44 -56.34
C GLU B 341 10.97 -0.37 -55.89
N ALA B 342 11.27 -1.45 -56.62
CA ALA B 342 12.18 -2.49 -56.15
C ALA B 342 13.58 -1.93 -55.88
N ASP B 343 14.07 -1.07 -56.79
CA ASP B 343 15.41 -0.53 -56.70
C ASP B 343 15.53 0.40 -55.49
N LEU B 344 14.44 1.09 -55.11
CA LEU B 344 14.43 1.93 -53.93
C LEU B 344 14.44 1.09 -52.66
N LEU B 345 13.55 0.10 -52.58
CA LEU B 345 13.47 -0.78 -51.42
C LEU B 345 14.81 -1.50 -51.22
N LYS B 346 15.43 -1.90 -52.33
CA LYS B 346 16.72 -2.56 -52.36
C LYS B 346 17.76 -1.69 -51.67
N ALA B 347 17.82 -0.40 -52.04
CA ALA B 347 18.78 0.54 -51.50
C ALA B 347 18.52 0.77 -50.02
N ILE B 348 17.24 0.87 -49.64
CA ILE B 348 16.85 1.00 -48.24
C ILE B 348 17.33 -0.23 -47.46
N ALA B 349 17.13 -1.42 -48.02
CA ALA B 349 17.47 -2.67 -47.36
C ALA B 349 19.00 -2.77 -47.16
N ASN B 350 19.76 -2.38 -48.18
CA ASN B 350 21.21 -2.40 -48.11
C ASN B 350 21.68 -1.45 -47.02
N ALA B 351 21.10 -0.25 -46.97
CA ALA B 351 21.43 0.74 -45.96
C ALA B 351 21.15 0.20 -44.56
N ARG B 352 19.94 -0.33 -44.37
CA ARG B 352 19.53 -0.90 -43.08
C ARG B 352 20.45 -2.06 -42.72
N SER B 353 20.89 -2.82 -43.72
CA SER B 353 21.80 -3.94 -43.54
C SER B 353 23.13 -3.49 -42.95
N GLU B 354 23.57 -2.25 -43.28
CA GLU B 354 24.82 -1.71 -42.80
C GLU B 354 24.65 -1.04 -41.44
N GLY B 355 23.41 -1.04 -40.90
CA GLY B 355 23.15 -0.56 -39.56
C GLY B 355 22.69 0.90 -39.53
N LEU B 356 22.34 1.45 -40.70
CA LEU B 356 21.86 2.83 -40.79
C LEU B 356 20.38 2.86 -40.44
N ARG B 357 19.94 3.98 -39.85
CA ARG B 357 18.55 4.20 -39.48
C ARG B 357 17.86 4.91 -40.63
N VAL B 358 16.97 4.20 -41.33
CA VAL B 358 16.34 4.73 -42.52
C VAL B 358 14.83 4.75 -42.31
N VAL B 359 14.21 5.88 -42.69
CA VAL B 359 12.76 5.99 -42.71
C VAL B 359 12.35 6.46 -44.10
N GLN B 360 11.08 6.19 -44.43
CA GLN B 360 10.46 6.70 -45.65
C GLN B 360 9.43 7.76 -45.27
N LEU B 361 9.33 8.80 -46.11
CA LEU B 361 8.27 9.79 -45.98
C LEU B 361 6.92 9.09 -46.09
N LEU B 362 5.95 9.59 -45.32
CA LEU B 362 4.59 9.06 -45.30
C LEU B 362 3.67 9.97 -46.10
N GLY B 363 2.86 9.37 -46.98
CA GLY B 363 1.88 10.10 -47.76
C GLY B 363 2.51 11.28 -48.50
N ASN B 364 1.97 12.48 -48.25
CA ASN B 364 2.41 13.70 -48.90
C ASN B 364 3.38 14.50 -48.03
N ASP B 365 3.90 13.88 -46.96
CA ASP B 365 4.90 14.52 -46.12
C ASP B 365 6.14 14.86 -46.96
N ASP B 366 6.72 16.05 -46.74
CA ASP B 366 8.02 16.37 -47.29
C ASP B 366 9.08 16.14 -46.20
N LEU B 367 10.33 16.53 -46.51
CA LEU B 367 11.48 16.26 -45.65
C LEU B 367 11.39 17.01 -44.32
N SER B 368 10.59 18.07 -44.25
CA SER B 368 10.46 18.87 -43.03
C SER B 368 9.65 18.14 -41.97
N SER B 369 8.97 17.04 -42.36
CA SER B 369 8.28 16.17 -41.41
C SER B 369 9.26 15.41 -40.52
N ILE B 370 10.52 15.28 -40.98
CA ILE B 370 11.58 14.67 -40.19
C ILE B 370 12.67 15.71 -39.91
N PRO B 371 12.44 16.68 -38.98
CA PRO B 371 13.37 17.80 -38.79
C PRO B 371 14.74 17.39 -38.24
N TYR B 372 14.82 16.22 -37.59
CA TYR B 372 16.06 15.69 -37.04
C TYR B 372 16.80 14.87 -38.10
N ALA B 373 16.37 14.93 -39.37
CA ALA B 373 17.01 14.20 -40.44
C ALA B 373 18.43 14.73 -40.65
N THR B 374 19.39 13.80 -40.77
CA THR B 374 20.78 14.15 -41.02
C THR B 374 21.19 13.81 -42.47
N HIS B 375 20.53 12.82 -43.08
CA HIS B 375 20.92 12.32 -44.40
C HIS B 375 19.70 12.06 -45.27
N GLN B 376 19.91 12.00 -46.59
CA GLN B 376 18.86 11.74 -47.57
C GLN B 376 19.27 10.61 -48.51
N LEU B 377 18.30 9.78 -48.92
CA LEU B 377 18.48 8.86 -50.02
C LEU B 377 17.90 9.50 -51.28
N VAL B 378 18.75 9.71 -52.30
CA VAL B 378 18.35 10.41 -53.51
C VAL B 378 18.97 9.68 -54.72
N GLN B 383 20.84 5.87 -59.81
CA GLN B 383 21.24 5.08 -58.61
C GLN B 383 20.86 5.84 -57.34
N TRP B 384 20.52 5.08 -56.28
CA TRP B 384 20.14 5.65 -55.00
C TRP B 384 21.38 5.78 -54.11
N ASN B 385 21.66 7.00 -53.64
CA ASN B 385 22.83 7.30 -52.83
C ASN B 385 22.41 8.05 -51.57
N ILE B 386 23.26 7.93 -50.53
CA ILE B 386 23.09 8.66 -49.29
C ILE B 386 24.00 9.89 -49.30
N GLU B 387 23.42 11.07 -49.03
CA GLU B 387 24.17 12.32 -48.91
C GLU B 387 23.70 13.06 -47.66
N LYS B 388 24.62 13.85 -47.09
CA LYS B 388 24.37 14.62 -45.87
C LYS B 388 23.49 15.83 -46.18
N ILE B 389 22.69 16.26 -45.19
CA ILE B 389 21.93 17.49 -45.25
C ILE B 389 20.49 17.16 -45.63
N GLU C 6 -22.78 3.01 -9.59
CA GLU C 6 -22.17 2.16 -8.53
C GLU C 6 -21.21 2.97 -7.65
N THR C 7 -21.37 4.30 -7.62
CA THR C 7 -20.51 5.18 -6.84
C THR C 7 -20.83 5.11 -5.35
N TRP C 8 -22.01 4.57 -5.01
CA TRP C 8 -22.46 4.43 -3.63
C TRP C 8 -21.91 3.16 -2.98
N LEU C 9 -21.26 2.28 -3.76
CA LEU C 9 -20.90 0.94 -3.33
C LEU C 9 -19.92 0.98 -2.16
N LEU C 10 -20.23 0.23 -1.10
CA LEU C 10 -19.30 -0.02 -0.01
C LEU C 10 -18.51 -1.28 -0.30
N PRO C 11 -17.30 -1.45 0.27
CA PRO C 11 -16.55 -2.70 0.13
C PRO C 11 -17.27 -3.86 0.81
N ASP C 12 -16.96 -5.09 0.40
CA ASP C 12 -17.53 -6.26 1.05
C ASP C 12 -17.11 -6.29 2.51
N GLY C 13 -18.07 -6.66 3.37
CA GLY C 13 -17.84 -6.82 4.79
C GLY C 13 -17.87 -5.50 5.55
N VAL C 14 -18.28 -4.43 4.88
CA VAL C 14 -18.28 -3.10 5.45
C VAL C 14 -19.68 -2.50 5.27
N ALA C 15 -20.25 -1.96 6.35
CA ALA C 15 -21.58 -1.38 6.28
C ALA C 15 -21.66 -0.15 7.18
N ASP C 16 -22.54 0.76 6.79
CA ASP C 16 -23.00 1.81 7.68
C ASP C 16 -23.77 1.15 8.83
N VAL C 17 -23.69 1.78 10.01
CA VAL C 17 -24.63 1.51 11.08
C VAL C 17 -25.57 2.71 11.12
N LEU C 18 -26.77 2.51 10.58
CA LEU C 18 -27.74 3.57 10.42
C LEU C 18 -28.46 3.76 11.75
N PRO C 19 -29.28 4.83 11.93
CA PRO C 19 -29.73 5.25 13.27
C PRO C 19 -30.45 4.22 14.12
N GLU C 20 -31.28 3.38 13.50
CA GLU C 20 -32.07 2.43 14.26
C GLU C 20 -31.14 1.45 14.96
N GLN C 21 -30.19 0.89 14.21
CA GLN C 21 -29.22 -0.04 14.76
C GLN C 21 -28.24 0.69 15.67
N ALA C 22 -27.87 1.92 15.29
CA ALA C 22 -26.87 2.66 16.03
C ALA C 22 -27.34 2.94 17.45
N GLN C 23 -28.61 3.33 17.61
CA GLN C 23 -29.16 3.59 18.93
C GLN C 23 -28.98 2.36 19.84
N VAL C 24 -29.29 1.16 19.32
CA VAL C 24 -29.20 -0.06 20.10
C VAL C 24 -27.74 -0.34 20.47
N ILE C 25 -26.83 -0.27 19.50
CA ILE C 25 -25.43 -0.61 19.73
C ILE C 25 -24.78 0.41 20.67
N GLU C 26 -25.08 1.71 20.49
CA GLU C 26 -24.52 2.76 21.31
C GLU C 26 -24.90 2.56 22.77
N LYS C 27 -26.20 2.30 23.00
CA LYS C 27 -26.71 2.03 24.34
C LYS C 27 -25.99 0.83 24.94
N LEU C 28 -25.81 -0.21 24.12
CA LEU C 28 -25.15 -1.44 24.52
C LEU C 28 -23.68 -1.18 24.85
N ARG C 29 -23.04 -0.34 24.04
CA ARG C 29 -21.64 0.04 24.21
C ARG C 29 -21.44 0.73 25.55
N ARG C 30 -22.28 1.72 25.84
CA ARG C 30 -22.14 2.53 27.04
C ARG C 30 -22.35 1.68 28.29
N GLU C 31 -23.39 0.84 28.27
CA GLU C 31 -23.75 0.04 29.44
C GLU C 31 -22.66 -1.00 29.72
N ALA C 32 -22.02 -1.51 28.66
CA ALA C 32 -20.96 -2.49 28.80
C ALA C 32 -19.72 -1.83 29.41
N ILE C 33 -19.34 -0.66 28.87
CA ILE C 33 -18.22 0.10 29.41
C ILE C 33 -18.46 0.36 30.89
N ASP C 34 -19.69 0.78 31.21
CA ASP C 34 -20.03 1.19 32.57
C ASP C 34 -20.06 -0.01 33.49
N PHE C 35 -20.53 -1.16 33.00
CA PHE C 35 -20.58 -2.39 33.78
C PHE C 35 -19.16 -2.80 34.16
N LEU C 36 -18.23 -2.60 33.23
CA LEU C 36 -16.83 -2.89 33.47
C LEU C 36 -16.20 -1.85 34.39
N ALA C 37 -16.54 -0.57 34.17
CA ALA C 37 -15.97 0.53 34.94
C ALA C 37 -16.15 0.29 36.44
N VAL C 38 -17.37 -0.08 36.84
CA VAL C 38 -17.69 -0.16 38.27
C VAL C 38 -17.09 -1.43 38.87
N ARG C 39 -16.55 -2.31 38.02
CA ARG C 39 -15.81 -3.48 38.47
C ARG C 39 -14.31 -3.23 38.37
N GLY C 40 -13.92 -1.97 38.14
CA GLY C 40 -12.54 -1.54 38.26
C GLY C 40 -11.79 -1.51 36.92
N TYR C 41 -12.48 -1.83 35.81
CA TYR C 41 -11.84 -1.88 34.51
C TYR C 41 -11.91 -0.48 33.87
N GLN C 42 -10.74 0.17 33.78
CA GLN C 42 -10.63 1.55 33.33
C GLN C 42 -10.57 1.60 31.81
N LEU C 43 -11.47 2.41 31.23
CA LEU C 43 -11.55 2.57 29.79
C LEU C 43 -10.28 3.23 29.26
N VAL C 44 -9.78 2.70 28.14
CA VAL C 44 -8.72 3.33 27.36
C VAL C 44 -9.17 3.32 25.91
N TYR C 45 -8.68 4.28 25.13
CA TYR C 45 -8.71 4.18 23.67
C TYR C 45 -7.31 3.83 23.19
N THR C 46 -7.20 2.73 22.45
CA THR C 46 -5.94 2.35 21.85
C THR C 46 -5.80 3.06 20.51
N PRO C 47 -4.57 3.20 19.97
CA PRO C 47 -4.36 3.73 18.63
C PRO C 47 -4.98 2.84 17.56
N PHE C 48 -5.48 3.49 16.49
CA PHE C 48 -6.05 2.79 15.37
C PHE C 48 -4.92 2.29 14.46
N ILE C 49 -3.77 2.98 14.49
CA ILE C 49 -2.61 2.58 13.71
C ILE C 49 -1.39 2.54 14.62
N GLU C 50 -0.49 1.60 14.30
CA GLU C 50 0.73 1.38 15.03
C GLU C 50 1.74 0.81 14.05
N TYR C 51 3.02 0.84 14.44
CA TYR C 51 4.04 0.12 13.69
C TYR C 51 3.66 -1.35 13.68
N ILE C 52 3.90 -2.02 12.54
CA ILE C 52 3.36 -3.35 12.34
C ILE C 52 3.89 -4.31 13.41
N GLU C 53 5.14 -4.13 13.84
CA GLU C 53 5.75 -5.04 14.81
C GLU C 53 4.97 -5.05 16.13
N SER C 54 4.35 -3.92 16.48
CA SER C 54 3.62 -3.80 17.74
C SER C 54 2.30 -4.57 17.68
N LEU C 55 1.65 -4.57 16.51
CA LEU C 55 0.38 -5.26 16.33
C LEU C 55 0.58 -6.73 16.03
N SER C 56 1.81 -7.15 15.74
CA SER C 56 2.11 -8.50 15.26
C SER C 56 2.96 -9.27 16.26
N SER C 57 3.10 -8.78 17.49
CA SER C 57 3.97 -9.41 18.49
C SER C 57 3.50 -10.83 18.81
N LEU C 58 2.17 -11.04 18.74
CA LEU C 58 1.57 -12.36 18.89
C LEU C 58 1.57 -13.10 17.55
N ASP C 66 0.49 -10.66 10.74
CA ASP C 66 -0.15 -11.82 10.05
C ASP C 66 -1.03 -11.27 8.92
N LEU C 67 -1.76 -12.15 8.23
CA LEU C 67 -2.46 -11.78 7.03
C LEU C 67 -3.62 -10.83 7.31
N VAL C 68 -4.13 -10.83 8.55
CA VAL C 68 -5.41 -10.21 8.83
C VAL C 68 -5.29 -8.69 8.94
N THR C 69 -4.08 -8.21 9.22
CA THR C 69 -3.82 -6.79 9.47
C THR C 69 -3.65 -6.01 8.17
N PHE C 70 -4.45 -4.94 8.00
CA PHE C 70 -4.24 -3.98 6.92
C PHE C 70 -2.90 -3.28 7.13
N LYS C 71 -2.13 -3.10 6.05
CA LYS C 71 -0.79 -2.55 6.14
C LYS C 71 -0.66 -1.31 5.25
N VAL C 72 -0.05 -0.25 5.81
CA VAL C 72 0.22 1.00 5.11
C VAL C 72 1.60 1.52 5.53
N ILE C 73 2.21 2.29 4.62
CA ILE C 73 3.49 2.92 4.87
C ILE C 73 3.28 4.22 5.63
N ASP C 74 4.12 4.44 6.65
CA ASP C 74 4.23 5.70 7.37
C ASP C 74 5.16 6.62 6.60
N GLN C 75 4.62 7.75 6.11
CA GLN C 75 5.39 8.71 5.33
C GLN C 75 6.46 9.38 6.20
N LEU C 76 6.17 9.54 7.50
CA LEU C 76 7.09 10.21 8.41
C LEU C 76 8.32 9.33 8.72
N SER C 77 8.19 8.00 8.82
CA SER C 77 9.30 7.14 9.21
C SER C 77 9.77 6.25 8.06
N GLY C 78 8.89 5.93 7.12
CA GLY C 78 9.18 4.94 6.09
C GLY C 78 8.92 3.52 6.55
N ARG C 79 8.44 3.36 7.78
CA ARG C 79 8.16 2.06 8.37
C ARG C 79 6.72 1.67 8.05
N LEU C 80 6.47 0.36 8.15
CA LEU C 80 5.17 -0.18 7.85
C LEU C 80 4.28 -0.08 9.08
N LEU C 81 3.05 0.42 8.88
CA LEU C 81 2.04 0.48 9.92
C LEU C 81 1.05 -0.65 9.70
N GLY C 82 0.30 -0.96 10.77
CA GLY C 82 -0.91 -1.75 10.65
C GLY C 82 -2.10 -1.01 11.25
N ILE C 83 -3.29 -1.30 10.73
CA ILE C 83 -4.51 -0.93 11.43
C ILE C 83 -4.80 -2.06 12.42
N ARG C 84 -5.21 -1.68 13.65
CA ARG C 84 -5.40 -2.64 14.71
C ARG C 84 -6.45 -3.68 14.30
N ALA C 85 -6.11 -4.95 14.52
CA ALA C 85 -7.00 -6.07 14.27
C ALA C 85 -7.51 -6.65 15.59
N ASP C 86 -6.88 -6.22 16.69
CA ASP C 86 -7.09 -6.81 18.00
C ASP C 86 -6.38 -5.92 19.02
N MET C 87 -7.09 -5.50 20.06
CA MET C 87 -6.57 -4.51 20.99
C MET C 87 -5.79 -5.17 22.12
N THR C 88 -5.89 -6.50 22.24
CA THR C 88 -5.25 -7.25 23.31
C THR C 88 -3.77 -6.87 23.43
N PRO C 89 -2.95 -6.98 22.35
CA PRO C 89 -1.53 -6.61 22.45
C PRO C 89 -1.25 -5.14 22.71
N GLN C 90 -2.22 -4.27 22.40
CA GLN C 90 -2.03 -2.84 22.59
C GLN C 90 -2.12 -2.50 24.07
N VAL C 91 -3.13 -3.05 24.76
CA VAL C 91 -3.29 -2.82 26.17
C VAL C 91 -2.13 -3.46 26.93
N ALA C 92 -1.62 -4.59 26.42
CA ALA C 92 -0.43 -5.22 26.97
C ALA C 92 0.75 -4.24 26.94
N ARG C 93 0.88 -3.50 25.84
CA ARG C 93 1.95 -2.51 25.69
C ARG C 93 1.77 -1.41 26.74
N ILE C 94 0.53 -0.96 26.92
CA ILE C 94 0.20 0.09 27.87
C ILE C 94 0.61 -0.37 29.27
N ASP C 95 0.23 -1.60 29.64
CA ASP C 95 0.50 -2.09 30.98
C ASP C 95 2.00 -2.37 31.14
N ALA C 96 2.68 -2.79 30.05
CA ALA C 96 4.08 -3.19 30.14
C ALA C 96 5.00 -1.98 30.18
N HIS C 97 4.68 -0.94 29.41
CA HIS C 97 5.60 0.19 29.23
C HIS C 97 4.99 1.52 29.68
N VAL C 98 3.80 1.87 29.17
CA VAL C 98 3.29 3.23 29.26
C VAL C 98 2.88 3.54 30.70
N ARG C 99 2.10 2.63 31.32
CA ARG C 99 1.67 2.77 32.70
C ARG C 99 2.15 1.57 33.50
N PRO C 100 3.44 1.55 33.91
CA PRO C 100 3.99 0.39 34.62
C PRO C 100 3.57 0.34 36.08
N VAL C 101 2.26 0.17 36.30
CA VAL C 101 1.68 0.18 37.64
C VAL C 101 2.28 -0.97 38.45
N GLU C 102 2.77 -0.66 39.66
CA GLU C 102 3.42 -1.64 40.53
C GLU C 102 2.33 -2.33 41.36
N GLY C 103 1.62 -3.27 40.73
CA GLY C 103 0.45 -3.88 41.32
C GLY C 103 -0.54 -4.34 40.25
N VAL C 104 -1.72 -4.75 40.69
CA VAL C 104 -2.77 -5.25 39.81
C VAL C 104 -3.36 -4.07 39.04
N ALA C 105 -3.69 -4.31 37.76
CA ALA C 105 -4.27 -3.29 36.91
C ALA C 105 -5.38 -3.89 36.04
N ARG C 106 -6.42 -3.10 35.84
CA ARG C 106 -7.59 -3.52 35.09
C ARG C 106 -7.95 -2.45 34.06
N TYR C 107 -8.11 -2.85 32.80
CA TYR C 107 -8.48 -1.93 31.74
C TYR C 107 -9.52 -2.56 30.82
N CYS C 108 -10.23 -1.71 30.08
CA CYS C 108 -11.15 -2.18 29.04
C CYS C 108 -11.14 -1.24 27.86
N TYR C 109 -11.75 -1.71 26.76
CA TYR C 109 -11.77 -0.99 25.50
C TYR C 109 -13.04 -1.38 24.73
N ALA C 110 -13.46 -0.50 23.82
CA ALA C 110 -14.58 -0.78 22.94
C ALA C 110 -14.44 0.05 21.67
N GLY C 111 -14.01 -0.60 20.58
CA GLY C 111 -13.74 0.11 19.35
C GLY C 111 -13.66 -0.84 18.15
N THR C 112 -13.78 -0.24 16.96
CA THR C 112 -13.67 -0.95 15.70
C THR C 112 -12.25 -1.49 15.55
N VAL C 113 -12.16 -2.73 15.07
CA VAL C 113 -10.91 -3.30 14.57
C VAL C 113 -11.17 -3.71 13.13
N LEU C 114 -10.12 -3.76 12.31
CA LEU C 114 -10.27 -4.07 10.90
C LEU C 114 -9.53 -5.34 10.56
N HIS C 115 -10.15 -6.15 9.70
CA HIS C 115 -9.58 -7.39 9.20
C HIS C 115 -9.60 -7.37 7.68
N THR C 116 -8.50 -7.79 7.05
CA THR C 116 -8.38 -7.75 5.60
C THR C 116 -9.42 -8.64 4.95
N LYS C 117 -9.78 -9.73 5.64
CA LYS C 117 -10.90 -10.60 5.29
C LYS C 117 -11.66 -10.96 6.56
N PRO C 118 -12.99 -11.17 6.48
CA PRO C 118 -13.79 -11.57 7.65
C PRO C 118 -13.20 -12.78 8.37
N GLN C 119 -13.17 -12.71 9.71
CA GLN C 119 -12.70 -13.78 10.56
C GLN C 119 -13.90 -14.41 11.26
N ASN C 120 -13.76 -15.67 11.71
CA ASN C 120 -14.70 -16.27 12.65
C ASN C 120 -16.13 -16.22 12.11
N PHE C 121 -16.31 -16.51 10.81
CA PHE C 121 -17.64 -16.61 10.22
C PHE C 121 -18.43 -15.32 10.42
N ASN C 122 -17.70 -14.22 10.58
CA ASN C 122 -18.29 -12.92 10.81
C ASN C 122 -18.74 -12.35 9.48
N ALA C 123 -19.82 -11.57 9.48
CA ALA C 123 -20.26 -10.87 8.27
C ALA C 123 -19.32 -9.71 7.97
N THR C 124 -18.75 -9.08 9.03
CA THR C 124 -18.10 -7.79 8.90
C THR C 124 -16.58 -7.93 8.97
N ARG C 125 -15.91 -7.11 8.16
CA ARG C 125 -14.47 -6.90 8.26
C ARG C 125 -14.17 -5.82 9.31
N ALA C 126 -15.20 -5.33 10.00
CA ALA C 126 -15.03 -4.20 10.90
C ALA C 126 -15.82 -4.43 12.19
N PRO C 127 -15.53 -5.50 12.95
CA PRO C 127 -16.26 -5.77 14.19
C PRO C 127 -15.97 -4.72 15.25
N LEU C 128 -16.93 -4.53 16.16
CA LEU C 128 -16.77 -3.63 17.28
C LEU C 128 -16.28 -4.43 18.49
N GLN C 129 -14.96 -4.42 18.70
CA GLN C 129 -14.36 -5.28 19.71
C GLN C 129 -14.44 -4.60 21.07
N LEU C 130 -15.14 -5.25 22.01
CA LEU C 130 -15.12 -4.86 23.41
C LEU C 130 -14.39 -5.95 24.19
N GLY C 131 -13.59 -5.54 25.17
CA GLY C 131 -12.76 -6.47 25.91
C GLY C 131 -12.27 -5.88 27.23
N ALA C 132 -11.71 -6.76 28.06
CA ALA C 132 -11.23 -6.41 29.38
C ALA C 132 -9.96 -7.20 29.66
N GLU C 133 -9.06 -6.59 30.44
CA GLU C 133 -7.74 -7.14 30.70
C GLU C 133 -7.39 -6.98 32.18
N LEU C 134 -6.93 -8.07 32.82
CA LEU C 134 -6.53 -8.06 34.21
C LEU C 134 -5.05 -8.47 34.29
N TYR C 135 -4.20 -7.51 34.68
CA TYR C 135 -2.76 -7.70 34.72
C TYR C 135 -2.29 -7.75 36.18
N GLY C 136 -1.23 -8.52 36.43
CA GLY C 136 -0.47 -8.41 37.66
C GLY C 136 -0.87 -9.38 38.77
N HIS C 137 -1.71 -10.38 38.47
CA HIS C 137 -2.04 -11.40 39.46
C HIS C 137 -1.85 -12.79 38.87
N ASP C 138 -1.01 -13.59 39.53
CA ASP C 138 -0.60 -14.89 39.00
C ASP C 138 -1.71 -15.92 39.14
N SER C 139 -2.36 -15.97 40.32
CA SER C 139 -3.16 -17.13 40.68
C SER C 139 -4.44 -17.24 39.84
N ILE C 140 -5.03 -18.43 39.89
CA ILE C 140 -6.21 -18.80 39.12
C ILE C 140 -7.37 -17.84 39.39
N GLU C 141 -7.37 -17.17 40.54
CA GLU C 141 -8.48 -16.31 40.93
C GLU C 141 -8.68 -15.16 39.97
N ALA C 142 -7.61 -14.70 39.31
CA ALA C 142 -7.71 -13.65 38.32
C ALA C 142 -8.56 -14.15 37.14
N ASP C 143 -8.36 -15.40 36.76
CA ASP C 143 -9.11 -16.02 35.67
C ASP C 143 -10.58 -16.18 36.06
N VAL C 144 -10.81 -16.51 37.33
CA VAL C 144 -12.17 -16.73 37.82
C VAL C 144 -12.93 -15.40 37.75
N GLU C 145 -12.28 -14.31 38.17
CA GLU C 145 -12.88 -12.99 38.06
C GLU C 145 -13.23 -12.72 36.60
N MET C 146 -12.27 -12.96 35.70
CA MET C 146 -12.45 -12.57 34.30
C MET C 146 -13.60 -13.37 33.70
N VAL C 147 -13.65 -14.68 33.94
CA VAL C 147 -14.76 -15.50 33.48
C VAL C 147 -16.06 -14.94 34.03
N ASP C 148 -16.07 -14.61 35.32
CA ASP C 148 -17.25 -14.08 36.00
C ASP C 148 -17.67 -12.74 35.36
N VAL C 149 -16.69 -11.90 35.01
CA VAL C 149 -16.95 -10.60 34.43
C VAL C 149 -17.55 -10.78 33.03
N MET C 150 -16.95 -11.68 32.25
CA MET C 150 -17.37 -11.97 30.89
C MET C 150 -18.83 -12.41 30.90
N LEU C 151 -19.14 -13.40 31.74
CA LEU C 151 -20.50 -13.91 31.88
C LEU C 151 -21.45 -12.80 32.32
N GLY C 152 -21.03 -12.02 33.32
CA GLY C 152 -21.83 -10.93 33.85
C GLY C 152 -22.17 -9.90 32.77
N LEU C 153 -21.19 -9.63 31.90
CA LEU C 153 -21.35 -8.62 30.86
C LEU C 153 -22.32 -9.12 29.79
N ILE C 154 -22.19 -10.39 29.42
CA ILE C 154 -23.08 -11.01 28.45
C ILE C 154 -24.51 -11.01 29.01
N GLU C 155 -24.65 -11.36 30.29
CA GLU C 155 -25.94 -11.41 30.94
C GLU C 155 -26.57 -10.02 30.96
N ASN C 156 -25.75 -8.99 31.24
CA ASN C 156 -26.22 -7.62 31.31
C ASN C 156 -26.64 -7.14 29.92
N ALA C 157 -25.81 -7.43 28.91
CA ALA C 157 -26.03 -6.93 27.56
C ALA C 157 -27.15 -7.69 26.85
N TYR C 158 -27.27 -9.01 27.13
CA TYR C 158 -28.02 -9.92 26.29
C TYR C 158 -28.72 -10.94 27.19
N THR C 159 -28.23 -12.19 27.22
CA THR C 159 -28.83 -13.26 28.01
C THR C 159 -27.94 -14.50 27.94
N LEU C 160 -27.90 -15.27 29.04
CA LEU C 160 -27.15 -16.51 29.10
C LEU C 160 -28.12 -17.70 29.00
N GLN C 161 -29.37 -17.44 28.61
CA GLN C 161 -30.35 -18.49 28.40
C GLN C 161 -29.87 -19.39 27.26
N GLY C 162 -29.63 -20.66 27.57
CA GLY C 162 -29.19 -21.63 26.58
C GLY C 162 -27.74 -21.42 26.16
N ALA C 163 -27.00 -20.62 26.91
CA ALA C 163 -25.59 -20.41 26.64
C ALA C 163 -24.79 -21.59 27.17
N HIS C 164 -23.55 -21.72 26.66
CA HIS C 164 -22.65 -22.78 27.08
C HIS C 164 -21.26 -22.18 27.28
N LEU C 165 -20.68 -22.42 28.47
CA LEU C 165 -19.32 -22.02 28.78
C LEU C 165 -18.38 -23.20 28.54
N ASP C 166 -17.39 -22.99 27.67
CA ASP C 166 -16.35 -23.97 27.40
C ASP C 166 -15.09 -23.55 28.15
N LEU C 167 -14.64 -24.38 29.10
CA LEU C 167 -13.43 -24.13 29.87
C LEU C 167 -12.34 -25.09 29.39
N GLY C 168 -11.12 -24.55 29.25
CA GLY C 168 -9.95 -25.34 28.91
C GLY C 168 -8.74 -24.93 29.74
N HIS C 169 -7.59 -25.55 29.46
CA HIS C 169 -6.36 -25.24 30.16
C HIS C 169 -5.18 -25.81 29.38
N VAL C 170 -4.34 -24.90 28.84
CA VAL C 170 -3.29 -25.29 27.92
C VAL C 170 -2.13 -25.92 28.69
N GLY C 171 -2.10 -25.73 30.01
CA GLY C 171 -1.04 -26.25 30.86
C GLY C 171 -0.99 -27.78 30.86
N LEU C 172 -2.14 -28.44 30.66
CA LEU C 172 -2.17 -29.88 30.57
C LEU C 172 -1.30 -30.33 29.40
N PHE C 173 -1.63 -29.87 28.19
CA PHE C 173 -0.86 -30.23 27.01
C PHE C 173 0.60 -29.82 27.17
N ARG C 174 0.84 -28.56 27.58
CA ARG C 174 2.19 -28.03 27.72
C ARG C 174 3.01 -28.85 28.72
N SER C 175 2.39 -29.25 29.84
CA SER C 175 3.07 -30.05 30.85
C SER C 175 3.49 -31.40 30.29
N LEU C 176 2.59 -32.03 29.51
CA LEU C 176 2.84 -33.36 28.97
C LEU C 176 3.92 -33.28 27.89
N VAL C 177 3.94 -32.18 27.13
CA VAL C 177 5.00 -31.92 26.15
C VAL C 177 6.34 -31.86 26.87
N LYS C 178 6.38 -31.20 28.04
CA LYS C 178 7.59 -31.01 28.81
C LYS C 178 8.09 -32.35 29.34
N TYR C 179 7.19 -33.08 30.01
CA TYR C 179 7.53 -34.34 30.67
C TYR C 179 8.02 -35.36 29.64
N ALA C 180 7.43 -35.35 28.44
CA ALA C 180 7.75 -36.33 27.41
C ALA C 180 8.99 -35.91 26.61
N GLY C 181 9.41 -34.65 26.76
CA GLY C 181 10.63 -34.16 26.14
C GLY C 181 10.51 -33.98 24.63
N LEU C 182 9.29 -33.67 24.16
CA LEU C 182 9.03 -33.47 22.75
C LEU C 182 9.75 -32.22 22.25
N SER C 183 10.09 -32.21 20.96
CA SER C 183 10.69 -31.04 20.34
C SER C 183 9.62 -30.01 20.03
N LYS C 184 10.05 -28.82 19.61
CA LYS C 184 9.14 -27.74 19.26
C LYS C 184 8.32 -28.10 18.02
N ASN C 185 8.96 -28.78 17.06
CA ASN C 185 8.29 -29.17 15.83
C ASN C 185 7.19 -30.20 16.14
N GLU C 186 7.51 -31.15 17.03
CA GLU C 186 6.55 -32.15 17.46
C GLU C 186 5.38 -31.48 18.20
N GLU C 187 5.72 -30.53 19.09
CA GLU C 187 4.72 -29.82 19.87
C GLU C 187 3.80 -29.04 18.95
N HIS C 188 4.38 -28.35 17.95
CA HIS C 188 3.61 -27.54 17.02
C HIS C 188 2.69 -28.44 16.18
N GLU C 189 3.20 -29.59 15.74
CA GLU C 189 2.44 -30.51 14.90
C GLU C 189 1.25 -31.07 15.69
N LEU C 190 1.48 -31.45 16.96
CA LEU C 190 0.43 -31.92 17.85
C LEU C 190 -0.65 -30.86 18.03
N SER C 191 -0.25 -29.60 18.27
CA SER C 191 -1.21 -28.55 18.56
C SER C 191 -2.15 -28.34 17.35
N ASP C 192 -1.64 -28.51 16.13
CA ASP C 192 -2.47 -28.44 14.95
C ASP C 192 -3.47 -29.60 14.94
N LEU C 193 -2.98 -30.82 15.21
CA LEU C 193 -3.82 -32.01 15.21
C LEU C 193 -4.93 -31.88 16.25
N TYR C 194 -4.61 -31.36 17.44
CA TYR C 194 -5.60 -31.21 18.51
C TYR C 194 -6.64 -30.16 18.13
N GLN C 195 -6.19 -29.06 17.53
CA GLN C 195 -7.07 -27.94 17.23
C GLN C 195 -8.07 -28.33 16.13
N ARG C 196 -7.68 -29.26 15.25
CA ARG C 196 -8.57 -29.86 14.26
C ARG C 196 -9.27 -31.11 14.81
N LYS C 197 -8.95 -31.50 16.05
CA LYS C 197 -9.24 -32.82 16.59
C LYS C 197 -9.28 -33.86 15.47
N ALA C 198 -8.13 -34.02 14.79
CA ALA C 198 -7.98 -34.98 13.71
C ALA C 198 -7.51 -36.31 14.29
N LEU C 199 -8.43 -37.07 14.90
CA LEU C 199 -8.09 -38.20 15.74
C LEU C 199 -7.43 -39.33 14.95
N PRO C 200 -7.82 -39.61 13.68
CA PRO C 200 -7.12 -40.61 12.87
C PRO C 200 -5.65 -40.29 12.68
N GLU C 201 -5.33 -39.04 12.29
CA GLU C 201 -3.96 -38.59 12.17
C GLU C 201 -3.26 -38.61 13.53
N LEU C 202 -4.00 -38.24 14.59
CA LEU C 202 -3.47 -38.20 15.94
C LEU C 202 -3.05 -39.60 16.38
N ALA C 203 -3.84 -40.61 16.01
CA ALA C 203 -3.52 -41.99 16.32
C ALA C 203 -2.16 -42.36 15.71
N GLU C 204 -2.00 -42.08 14.41
CA GLU C 204 -0.77 -42.38 13.69
C GLU C 204 0.41 -41.61 14.27
N PHE C 205 0.21 -40.33 14.62
CA PHE C 205 1.32 -39.49 15.04
C PHE C 205 1.79 -39.89 16.45
N THR C 206 0.88 -40.46 17.26
CA THR C 206 1.19 -40.76 18.65
C THR C 206 1.70 -42.19 18.83
N GLN C 207 1.45 -43.04 17.83
CA GLN C 207 2.12 -44.33 17.68
C GLN C 207 3.59 -44.04 17.44
N ASN C 208 4.47 -44.64 18.24
CA ASN C 208 5.90 -44.43 18.13
C ASN C 208 6.24 -42.98 18.49
N LEU C 209 5.44 -42.37 19.37
CA LEU C 209 5.81 -41.13 20.04
C LEU C 209 5.93 -41.45 21.53
N ASN C 210 6.90 -40.82 22.19
CA ASN C 210 7.13 -41.07 23.60
C ASN C 210 5.93 -40.55 24.40
N MET C 211 5.36 -41.44 25.22
CA MET C 211 4.18 -41.17 26.03
C MET C 211 2.96 -40.91 25.15
N GLY C 212 2.91 -41.58 24.00
CA GLY C 212 1.95 -41.29 22.95
C GLY C 212 0.51 -41.63 23.33
N SER C 213 0.31 -42.58 24.24
CA SER C 213 -1.04 -43.01 24.61
C SER C 213 -1.71 -41.95 25.47
N ASP C 214 -0.92 -41.17 26.23
CA ASP C 214 -1.44 -40.05 26.99
C ASP C 214 -1.82 -38.90 26.05
N PHE C 215 -1.00 -38.69 25.01
CA PHE C 215 -1.28 -37.69 24.00
C PHE C 215 -2.57 -38.03 23.28
N TYR C 216 -2.78 -39.33 22.98
CA TYR C 216 -4.00 -39.76 22.31
C TYR C 216 -5.21 -39.60 23.24
N ALA C 217 -5.04 -40.01 24.51
CA ALA C 217 -6.08 -39.92 25.51
C ALA C 217 -6.56 -38.48 25.66
N LEU C 218 -5.63 -37.52 25.58
CA LEU C 218 -5.93 -36.12 25.79
C LEU C 218 -6.90 -35.63 24.71
N GLY C 219 -6.80 -36.18 23.50
CA GLY C 219 -7.66 -35.83 22.38
C GLY C 219 -8.99 -36.60 22.37
N ARG C 220 -8.93 -37.89 22.75
CA ARG C 220 -10.09 -38.77 22.68
C ARG C 220 -11.07 -38.42 23.80
N TYR C 221 -10.56 -38.07 24.98
CA TYR C 221 -11.38 -37.85 26.16
C TYR C 221 -11.24 -36.40 26.61
N ALA C 222 -11.27 -35.48 25.63
CA ALA C 222 -11.01 -34.06 25.86
C ALA C 222 -12.15 -33.41 26.65
N SER C 223 -13.36 -33.95 26.51
CA SER C 223 -14.57 -33.32 27.02
C SER C 223 -14.96 -33.84 28.41
N ASP C 224 -14.21 -34.81 28.94
CA ASP C 224 -14.63 -35.54 30.12
C ASP C 224 -13.45 -35.77 31.04
N LEU C 225 -13.39 -35.01 32.14
CA LEU C 225 -12.28 -35.08 33.08
C LEU C 225 -12.17 -36.47 33.71
N ASP C 226 -13.32 -37.07 34.06
CA ASP C 226 -13.33 -38.39 34.70
C ASP C 226 -12.74 -39.43 33.76
N ALA C 227 -13.29 -39.51 32.55
CA ALA C 227 -12.88 -40.46 31.53
C ALA C 227 -11.42 -40.24 31.15
N LEU C 228 -10.96 -38.98 31.21
CA LEU C 228 -9.59 -38.64 30.90
C LEU C 228 -8.65 -39.17 31.98
N GLN C 229 -8.99 -38.93 33.25
CA GLN C 229 -8.14 -39.32 34.38
C GLN C 229 -8.04 -40.83 34.46
N ALA C 230 -9.07 -41.53 33.98
CA ALA C 230 -9.09 -42.99 33.98
C ALA C 230 -8.13 -43.54 32.92
N HIS C 231 -7.97 -42.81 31.80
CA HIS C 231 -7.18 -43.31 30.69
C HIS C 231 -5.77 -42.72 30.70
N LEU C 232 -5.48 -41.81 31.63
CA LEU C 232 -4.14 -41.24 31.72
C LEU C 232 -3.26 -42.13 32.58
N SER C 233 -1.96 -42.15 32.27
CA SER C 233 -0.97 -42.89 33.02
C SER C 233 -0.75 -42.21 34.37
N ALA C 234 -0.36 -43.00 35.38
CA ALA C 234 -0.07 -42.50 36.72
C ALA C 234 1.16 -41.60 36.70
N ASP C 235 2.07 -41.87 35.75
CA ASP C 235 3.24 -41.05 35.52
C ASP C 235 2.85 -39.58 35.39
N ILE C 236 1.91 -39.28 34.48
CA ILE C 236 1.58 -37.90 34.12
C ILE C 236 0.68 -37.28 35.18
N LEU C 237 -0.19 -38.08 35.81
CA LEU C 237 -1.03 -37.59 36.89
C LEU C 237 -0.16 -37.17 38.08
N LYS C 238 0.98 -37.85 38.27
CA LYS C 238 1.89 -37.58 39.37
C LYS C 238 2.73 -36.32 39.11
N ASP C 239 2.90 -35.94 37.83
CA ASP C 239 3.68 -34.76 37.46
C ASP C 239 3.07 -33.53 38.12
N ALA C 240 3.90 -32.76 38.83
CA ALA C 240 3.44 -31.64 39.63
C ALA C 240 2.71 -30.63 38.75
N GLU C 241 3.33 -30.26 37.62
CA GLU C 241 2.80 -29.18 36.77
C GLU C 241 1.50 -29.61 36.07
N PHE C 242 1.45 -30.85 35.58
CA PHE C 242 0.22 -31.35 34.97
C PHE C 242 -0.92 -31.33 35.99
N ASP C 243 -0.64 -31.78 37.22
CA ASP C 243 -1.65 -31.90 38.27
C ASP C 243 -2.11 -30.52 38.72
N ALA C 244 -1.19 -29.54 38.73
CA ALA C 244 -1.52 -28.18 39.11
C ALA C 244 -2.47 -27.56 38.08
N ALA C 245 -2.22 -27.83 36.80
CA ALA C 245 -3.08 -27.36 35.72
C ALA C 245 -4.46 -27.99 35.81
N LEU C 246 -4.50 -29.29 36.17
CA LEU C 246 -5.76 -30.03 36.26
C LEU C 246 -6.58 -29.51 37.45
N ASN C 247 -5.91 -29.27 38.58
CA ASN C 247 -6.55 -28.73 39.76
C ASN C 247 -7.09 -27.34 39.47
N ALA C 248 -6.29 -26.51 38.77
CA ALA C 248 -6.68 -25.16 38.40
C ALA C 248 -7.98 -25.18 37.58
N LEU C 249 -8.13 -26.18 36.70
CA LEU C 249 -9.31 -26.29 35.86
C LEU C 249 -10.50 -26.78 36.70
N LYS C 250 -10.25 -27.77 37.57
CA LYS C 250 -11.29 -28.38 38.37
C LYS C 250 -11.87 -27.36 39.35
N THR C 251 -11.00 -26.54 39.95
CA THR C 251 -11.44 -25.54 40.92
C THR C 251 -12.23 -24.45 40.22
N THR C 252 -11.83 -24.06 39.01
CA THR C 252 -12.54 -23.06 38.23
C THR C 252 -13.93 -23.59 37.85
N LEU C 253 -13.99 -24.86 37.41
CA LEU C 253 -15.24 -25.47 36.99
C LEU C 253 -16.25 -25.45 38.14
N GLU C 254 -15.78 -25.68 39.38
CA GLU C 254 -16.63 -25.75 40.55
C GLU C 254 -17.15 -24.37 40.92
N GLN C 255 -16.25 -23.39 41.02
CA GLN C 255 -16.63 -22.05 41.45
C GLN C 255 -17.60 -21.40 40.47
N ILE C 256 -17.36 -21.58 39.17
CA ILE C 256 -18.20 -20.98 38.14
C ILE C 256 -19.57 -21.67 38.15
N LYS C 257 -19.59 -23.00 38.32
CA LYS C 257 -20.84 -23.74 38.41
C LYS C 257 -21.65 -23.27 39.62
N ASN C 258 -20.97 -22.89 40.71
CA ASN C 258 -21.62 -22.35 41.90
C ASN C 258 -22.27 -21.01 41.58
N ARG C 259 -21.47 -20.05 41.08
CA ARG C 259 -21.91 -18.69 40.86
C ARG C 259 -23.01 -18.61 39.80
N TRP C 260 -23.02 -19.55 38.86
CA TRP C 260 -23.95 -19.50 37.73
C TRP C 260 -24.68 -20.85 37.58
N PRO C 261 -25.56 -21.22 38.54
CA PRO C 261 -26.17 -22.55 38.56
C PRO C 261 -26.98 -22.91 37.33
N ALA C 262 -27.53 -21.89 36.64
CA ALA C 262 -28.38 -22.09 35.48
C ALA C 262 -27.57 -22.21 34.19
N LEU C 263 -26.23 -22.10 34.28
CA LEU C 263 -25.38 -22.06 33.10
C LEU C 263 -24.80 -23.44 32.80
N ASN C 264 -24.89 -23.86 31.53
CA ASN C 264 -24.24 -25.06 31.05
C ASN C 264 -22.74 -24.79 30.95
N VAL C 265 -21.94 -25.66 31.58
CA VAL C 265 -20.50 -25.55 31.54
C VAL C 265 -19.93 -26.86 31.02
N GLY C 266 -18.98 -26.77 30.08
CA GLY C 266 -18.30 -27.94 29.55
C GLY C 266 -16.79 -27.79 29.64
N ILE C 267 -16.09 -28.86 29.24
CA ILE C 267 -14.65 -28.95 29.30
C ILE C 267 -14.13 -29.33 27.92
N ASP C 268 -12.99 -28.74 27.54
CA ASP C 268 -12.22 -29.20 26.39
C ASP C 268 -10.73 -28.92 26.64
N VAL C 269 -10.00 -29.96 27.07
CA VAL C 269 -8.62 -29.81 27.51
C VAL C 269 -7.67 -29.67 26.33
N VAL C 270 -8.15 -29.82 25.09
CA VAL C 270 -7.31 -29.59 23.92
C VAL C 270 -7.87 -28.44 23.07
N GLU C 271 -8.57 -27.51 23.73
CA GLU C 271 -8.81 -26.20 23.14
C GLU C 271 -7.50 -25.41 23.23
N LEU C 272 -6.84 -25.23 22.08
CA LEU C 272 -5.49 -24.69 22.02
C LEU C 272 -5.42 -23.54 21.02
N ARG C 273 -6.48 -22.74 20.92
CA ARG C 273 -6.48 -21.57 20.05
C ARG C 273 -5.35 -20.64 20.49
N SER C 274 -4.49 -20.25 19.54
CA SER C 274 -3.35 -19.38 19.81
C SER C 274 -2.59 -19.91 21.03
N TYR C 275 -2.20 -21.18 20.94
CA TYR C 275 -1.48 -21.89 21.98
C TYR C 275 -0.18 -21.16 22.34
N HIS C 276 0.42 -20.50 21.34
CA HIS C 276 1.78 -19.98 21.46
C HIS C 276 1.88 -18.88 22.51
N TYR C 277 0.80 -18.10 22.72
CA TYR C 277 0.86 -17.03 23.72
C TYR C 277 -0.09 -17.26 24.90
N HIS C 278 -0.95 -18.30 24.85
CA HIS C 278 -1.78 -18.66 26.00
C HIS C 278 -0.97 -19.56 26.95
N THR C 279 -1.18 -19.41 28.26
CA THR C 279 -0.35 -20.09 29.25
C THR C 279 -1.15 -20.80 30.35
N GLY C 280 -2.49 -20.69 30.34
CA GLY C 280 -3.30 -21.31 31.38
C GLY C 280 -4.74 -21.56 30.95
N LEU C 281 -5.69 -21.07 31.76
CA LEU C 281 -7.10 -21.32 31.54
C LEU C 281 -7.57 -20.70 30.22
N MET C 282 -8.49 -21.41 29.55
CA MET C 282 -9.12 -20.95 28.32
C MET C 282 -10.62 -20.87 28.59
N TYR C 283 -11.30 -19.86 28.05
CA TYR C 283 -12.72 -19.71 28.32
C TYR C 283 -13.41 -19.01 27.16
N ALA C 284 -14.56 -19.57 26.75
CA ALA C 284 -15.39 -19.00 25.71
C ALA C 284 -16.87 -19.33 25.98
N VAL C 285 -17.76 -18.48 25.47
CA VAL C 285 -19.20 -18.64 25.66
C VAL C 285 -19.85 -18.82 24.30
N TYR C 286 -20.61 -19.91 24.15
CA TYR C 286 -21.32 -20.20 22.91
C TYR C 286 -22.82 -20.03 23.15
N ALA C 287 -23.56 -19.79 22.06
CA ALA C 287 -24.99 -19.57 22.08
C ALA C 287 -25.65 -20.42 21.00
N PRO C 288 -26.98 -20.70 21.11
CA PRO C 288 -27.67 -21.51 20.11
C PRO C 288 -27.61 -20.93 18.71
N ASN C 289 -27.41 -21.82 17.73
CA ASN C 289 -27.44 -21.48 16.30
C ASN C 289 -26.39 -20.42 15.98
N ARG C 290 -25.19 -20.56 16.55
CA ARG C 290 -24.04 -19.71 16.22
C ARG C 290 -22.76 -20.53 16.27
N ALA C 291 -22.01 -20.53 15.16
CA ALA C 291 -20.73 -21.23 15.07
C ALA C 291 -19.68 -20.53 15.93
N ALA C 292 -19.65 -19.19 15.85
CA ALA C 292 -18.67 -18.39 16.58
C ALA C 292 -19.16 -18.17 18.00
N PRO C 293 -18.27 -18.26 19.02
CA PRO C 293 -18.63 -17.91 20.38
C PRO C 293 -19.03 -16.43 20.51
N LEU C 294 -19.88 -16.12 21.51
CA LEU C 294 -20.22 -14.74 21.83
C LEU C 294 -18.99 -14.00 22.35
N ALA C 295 -18.12 -14.71 23.08
CA ALA C 295 -16.96 -14.12 23.71
C ALA C 295 -15.94 -15.20 24.00
N GLN C 296 -14.66 -14.83 23.93
CA GLN C 296 -13.58 -15.78 24.18
C GLN C 296 -12.41 -15.04 24.83
N GLY C 297 -11.71 -15.74 25.72
CA GLY C 297 -10.59 -15.17 26.44
C GLY C 297 -9.67 -16.26 26.96
N GLY C 298 -8.64 -15.84 27.69
CA GLY C 298 -7.70 -16.79 28.26
C GLY C 298 -6.64 -16.12 29.14
N ARG C 299 -5.91 -16.97 29.85
CA ARG C 299 -4.69 -16.59 30.55
C ARG C 299 -3.58 -16.48 29.51
N TYR C 300 -2.88 -15.33 29.50
CA TYR C 300 -1.72 -15.17 28.62
C TYR C 300 -0.64 -14.35 29.34
N ASP C 301 0.00 -14.97 30.34
CA ASP C 301 1.10 -14.39 31.08
C ASP C 301 2.21 -13.96 30.11
N GLY C 302 2.78 -12.78 30.38
CA GLY C 302 3.94 -12.30 29.64
C GLY C 302 3.61 -11.85 28.22
N ILE C 303 2.32 -11.60 27.94
CA ILE C 303 1.87 -11.16 26.64
C ILE C 303 2.58 -9.86 26.24
N GLY C 304 2.90 -9.03 27.24
CA GLY C 304 3.49 -7.72 26.97
C GLY C 304 5.01 -7.69 27.07
N GLU C 305 5.67 -8.86 27.22
CA GLU C 305 7.10 -8.91 27.46
C GLU C 305 7.87 -8.31 26.28
N HIS C 306 7.32 -8.44 25.07
CA HIS C 306 7.86 -7.82 23.87
C HIS C 306 8.11 -6.33 24.08
N PHE C 307 7.25 -5.69 24.89
CA PHE C 307 7.21 -4.24 25.04
C PHE C 307 7.97 -3.75 26.29
N GLY C 308 8.42 -4.68 27.14
CA GLY C 308 9.00 -4.30 28.42
C GLY C 308 8.84 -5.39 29.47
N ARG C 309 8.25 -5.03 30.62
CA ARG C 309 8.19 -5.95 31.76
C ARG C 309 7.21 -7.07 31.45
N ALA C 310 7.52 -8.27 31.95
CA ALA C 310 6.70 -9.45 31.79
C ALA C 310 5.64 -9.45 32.90
N ARG C 311 4.38 -9.51 32.50
CA ARG C 311 3.28 -9.30 33.42
C ARG C 311 2.30 -10.47 33.30
N PRO C 312 1.83 -11.03 34.44
CA PRO C 312 0.71 -11.97 34.39
C PRO C 312 -0.49 -11.21 33.81
N ALA C 313 -1.28 -11.90 32.99
CA ALA C 313 -2.34 -11.25 32.23
C ALA C 313 -3.39 -12.29 31.85
N THR C 314 -4.66 -11.88 31.97
CA THR C 314 -5.79 -12.68 31.51
C THR C 314 -6.88 -11.72 31.04
N GLY C 315 -7.65 -12.13 30.03
CA GLY C 315 -8.68 -11.26 29.50
C GLY C 315 -9.50 -11.93 28.41
N PHE C 316 -10.53 -11.22 27.95
CA PHE C 316 -11.47 -11.73 26.97
C PHE C 316 -11.83 -10.60 26.01
N SER C 317 -12.46 -10.96 24.89
CA SER C 317 -13.13 -9.96 24.08
C SER C 317 -14.34 -10.58 23.37
N CYS C 318 -15.18 -9.69 22.84
CA CYS C 318 -16.34 -10.09 22.05
C CYS C 318 -16.57 -9.05 20.95
N ASP C 319 -17.34 -9.46 19.95
CA ASP C 319 -17.91 -8.53 18.98
C ASP C 319 -19.23 -8.05 19.55
N LEU C 320 -19.34 -6.73 19.73
CA LEU C 320 -20.51 -6.14 20.35
C LEU C 320 -21.72 -6.29 19.45
N TYR C 321 -21.52 -6.39 18.12
CA TYR C 321 -22.64 -6.59 17.19
C TYR C 321 -23.28 -7.96 17.42
N ALA C 322 -22.53 -8.92 17.98
CA ALA C 322 -23.02 -10.27 18.24
C ALA C 322 -23.94 -10.31 19.47
N LEU C 323 -23.79 -9.36 20.40
CA LEU C 323 -24.68 -9.28 21.55
C LEU C 323 -25.90 -8.41 21.22
N GLY C 324 -25.81 -7.61 20.15
CA GLY C 324 -26.88 -6.72 19.74
C GLY C 324 -27.92 -7.45 18.91
N PHE C 328 -33.55 -3.64 16.57
CA PHE C 328 -33.32 -2.33 15.89
C PHE C 328 -34.66 -1.60 15.76
N ALA C 329 -35.17 -1.08 16.90
CA ALA C 329 -36.49 -0.46 16.96
C ALA C 329 -36.47 0.92 16.30
N GLU C 330 -37.67 1.44 16.02
CA GLU C 330 -37.85 2.73 15.39
C GLU C 330 -37.58 3.84 16.39
N ILE C 331 -37.36 5.05 15.84
CA ILE C 331 -37.05 6.22 16.63
C ILE C 331 -38.29 7.13 16.58
N GLU C 332 -38.63 7.70 17.74
CA GLU C 332 -39.75 8.62 17.84
C GLU C 332 -39.23 10.05 17.78
N THR C 333 -39.86 10.87 16.93
CA THR C 333 -39.47 12.26 16.78
C THR C 333 -40.70 13.16 16.94
N VAL C 334 -40.53 14.23 17.75
CA VAL C 334 -41.55 15.23 17.97
C VAL C 334 -41.26 16.43 17.07
N VAL C 335 -42.28 16.90 16.35
CA VAL C 335 -42.14 18.07 15.49
C VAL C 335 -42.90 19.23 16.12
N ALA C 336 -42.20 20.34 16.34
CA ALA C 336 -42.79 21.59 16.78
C ALA C 336 -42.72 22.60 15.64
N PRO C 337 -43.57 23.66 15.63
CA PRO C 337 -43.49 24.69 14.61
C PRO C 337 -42.26 25.58 14.77
N LYS C 338 -41.93 26.29 13.70
CA LYS C 338 -40.90 27.32 13.72
C LYS C 338 -41.30 28.40 14.72
N GLY C 339 -40.30 28.97 15.41
CA GLY C 339 -40.54 30.13 16.27
C GLY C 339 -39.59 30.20 17.46
N THR C 340 -39.52 31.39 18.07
CA THR C 340 -38.67 31.63 19.23
C THR C 340 -39.45 32.31 20.35
N GLU C 341 -40.78 32.11 20.35
CA GLU C 341 -41.64 32.58 21.42
C GLU C 341 -41.30 31.78 22.68
N ALA C 342 -41.23 32.47 23.82
CA ALA C 342 -40.61 31.94 25.04
C ALA C 342 -41.33 30.67 25.50
N ASP C 343 -42.67 30.69 25.46
CA ASP C 343 -43.50 29.61 25.96
C ASP C 343 -43.30 28.36 25.09
N LEU C 344 -43.05 28.55 23.78
CA LEU C 344 -42.81 27.45 22.88
C LEU C 344 -41.42 26.84 23.13
N LEU C 345 -40.38 27.69 23.20
CA LEU C 345 -39.03 27.23 23.46
C LEU C 345 -38.97 26.50 24.79
N LYS C 346 -39.70 27.03 25.78
CA LYS C 346 -39.80 26.45 27.11
C LYS C 346 -40.30 25.01 27.03
N ALA C 347 -41.39 24.79 26.28
CA ALA C 347 -41.99 23.48 26.12
C ALA C 347 -41.04 22.52 25.40
N ILE C 348 -40.35 23.05 24.37
CA ILE C 348 -39.34 22.28 23.65
C ILE C 348 -38.24 21.86 24.61
N ALA C 349 -37.78 22.80 25.46
CA ALA C 349 -36.68 22.54 26.37
C ALA C 349 -37.05 21.49 27.40
N ASN C 350 -38.28 21.57 27.93
CA ASN C 350 -38.76 20.60 28.90
C ASN C 350 -38.81 19.21 28.27
N ALA C 351 -39.32 19.14 27.04
CA ALA C 351 -39.40 17.88 26.31
C ALA C 351 -38.00 17.30 26.11
N ARG C 352 -37.06 18.11 25.61
CA ARG C 352 -35.69 17.69 25.38
C ARG C 352 -35.04 17.27 26.70
N SER C 353 -35.42 17.93 27.78
CA SER C 353 -34.92 17.63 29.11
C SER C 353 -35.31 16.20 29.53
N GLU C 354 -36.48 15.73 29.08
CA GLU C 354 -36.97 14.40 29.40
C GLU C 354 -36.42 13.35 28.43
N GLY C 355 -35.59 13.77 27.46
CA GLY C 355 -34.92 12.85 26.56
C GLY C 355 -35.68 12.61 25.27
N LEU C 356 -36.66 13.46 24.96
CA LEU C 356 -37.40 13.35 23.71
C LEU C 356 -36.59 14.02 22.59
N ARG C 357 -36.76 13.50 21.38
CA ARG C 357 -36.12 14.06 20.19
C ARG C 357 -37.08 15.06 19.55
N VAL C 358 -36.75 16.34 19.65
CA VAL C 358 -37.63 17.40 19.19
C VAL C 358 -36.93 18.20 18.10
N VAL C 359 -37.65 18.46 17.01
CA VAL C 359 -37.19 19.34 15.96
C VAL C 359 -38.26 20.40 15.72
N GLN C 360 -37.82 21.53 15.16
CA GLN C 360 -38.72 22.59 14.72
C GLN C 360 -38.73 22.61 13.19
N LEU C 361 -39.90 22.90 12.63
CA LEU C 361 -40.04 23.12 11.21
C LEU C 361 -39.15 24.30 10.81
N LEU C 362 -38.58 24.20 9.60
CA LEU C 362 -37.71 25.23 9.05
C LEU C 362 -38.47 26.06 8.01
N GLY C 363 -38.35 27.39 8.11
CA GLY C 363 -38.92 28.29 7.14
C GLY C 363 -40.40 28.03 6.92
N ASN C 364 -40.78 27.74 5.66
CA ASN C 364 -42.17 27.54 5.27
C ASN C 364 -42.51 26.04 5.19
N ASP C 365 -41.62 25.18 5.68
CA ASP C 365 -41.84 23.75 5.68
C ASP C 365 -43.08 23.43 6.53
N ASP C 366 -43.92 22.50 6.04
CA ASP C 366 -45.00 21.94 6.84
C ASP C 366 -44.53 20.61 7.42
N LEU C 367 -45.45 19.89 8.07
CA LEU C 367 -45.15 18.67 8.82
C LEU C 367 -44.69 17.54 7.89
N SER C 368 -45.01 17.62 6.58
CA SER C 368 -44.64 16.57 5.64
C SER C 368 -43.14 16.61 5.32
N SER C 369 -42.46 17.69 5.72
CA SER C 369 -41.01 17.79 5.61
C SER C 369 -40.30 16.82 6.56
N ILE C 370 -41.02 16.37 7.61
CA ILE C 370 -40.51 15.37 8.54
C ILE C 370 -41.40 14.13 8.44
N PRO C 371 -41.26 13.29 7.38
CA PRO C 371 -42.18 12.17 7.16
C PRO C 371 -42.10 11.07 8.22
N TYR C 372 -40.96 10.99 8.91
CA TYR C 372 -40.74 10.01 9.97
C TYR C 372 -41.24 10.54 11.32
N ALA C 373 -41.97 11.66 11.30
CA ALA C 373 -42.49 12.25 12.52
C ALA C 373 -43.51 11.31 13.17
N THR C 374 -43.39 11.10 14.49
CA THR C 374 -44.33 10.28 15.25
C THR C 374 -45.23 11.15 16.13
N HIS C 375 -44.77 12.35 16.54
CA HIS C 375 -45.49 13.17 17.50
C HIS C 375 -45.43 14.65 17.11
N GLN C 376 -46.36 15.45 17.64
CA GLN C 376 -46.46 16.88 17.38
C GLN C 376 -46.51 17.65 18.69
N LEU C 377 -45.89 18.84 18.70
CA LEU C 377 -46.12 19.81 19.76
C LEU C 377 -47.13 20.84 19.24
N VAL C 378 -48.30 20.92 19.90
CA VAL C 378 -49.40 21.74 19.41
C VAL C 378 -50.05 22.51 20.57
N GLN C 383 -51.55 26.35 26.16
CA GLN C 383 -50.43 25.51 26.64
C GLN C 383 -50.02 24.51 25.55
N TRP C 384 -48.70 24.23 25.49
CA TRP C 384 -48.11 23.38 24.45
C TRP C 384 -48.08 21.93 24.93
N ASN C 385 -48.67 21.03 24.12
CA ASN C 385 -48.77 19.61 24.47
C ASN C 385 -48.23 18.74 23.35
N ILE C 386 -47.79 17.52 23.73
CA ILE C 386 -47.36 16.50 22.80
C ILE C 386 -48.50 15.52 22.55
N GLU C 387 -48.84 15.29 21.26
CA GLU C 387 -49.79 14.26 20.89
C GLU C 387 -49.22 13.42 19.74
N LYS C 388 -49.68 12.17 19.63
CA LYS C 388 -49.27 11.23 18.60
C LYS C 388 -49.89 11.63 17.26
N ILE C 389 -49.19 11.34 16.15
CA ILE C 389 -49.72 11.55 14.81
C ILE C 389 -50.23 10.21 14.28
N GLU D 6 13.16 -0.37 21.71
CA GLU D 6 12.24 0.66 21.17
C GLU D 6 11.00 0.00 20.55
N THR D 7 10.62 -1.18 21.06
CA THR D 7 9.49 -1.94 20.54
C THR D 7 8.15 -1.33 21.00
N TRP D 8 8.20 -0.48 22.03
CA TRP D 8 7.04 0.20 22.56
C TRP D 8 6.68 1.46 21.75
N LEU D 9 7.55 1.86 20.80
CA LEU D 9 7.44 3.15 20.13
C LEU D 9 6.15 3.23 19.33
N LEU D 10 5.38 4.30 19.54
CA LEU D 10 4.23 4.61 18.71
C LEU D 10 4.69 5.54 17.58
N PRO D 11 3.99 5.55 16.43
CA PRO D 11 4.29 6.48 15.35
C PRO D 11 4.02 7.93 15.78
N ASP D 12 4.65 8.89 15.09
CA ASP D 12 4.42 10.28 15.39
C ASP D 12 2.95 10.63 15.15
N GLY D 13 2.39 11.43 16.05
CA GLY D 13 1.03 11.91 15.93
C GLY D 13 -0.01 10.90 16.45
N VAL D 14 0.48 9.82 17.08
CA VAL D 14 -0.38 8.74 17.52
C VAL D 14 -0.09 8.47 18.99
N ALA D 15 -1.14 8.42 19.81
CA ALA D 15 -0.97 8.22 21.24
C ALA D 15 -2.12 7.39 21.78
N ASP D 16 -1.84 6.67 22.86
CA ASP D 16 -2.86 6.08 23.69
C ASP D 16 -3.69 7.21 24.31
N VAL D 17 -4.98 6.94 24.52
CA VAL D 17 -5.77 7.74 25.43
C VAL D 17 -5.95 6.90 26.69
N LEU D 18 -5.16 7.26 27.71
CA LEU D 18 -5.09 6.51 28.94
C LEU D 18 -6.29 6.91 29.81
N PRO D 19 -6.56 6.19 30.94
CA PRO D 19 -7.86 6.28 31.61
C PRO D 19 -8.30 7.68 32.08
N GLU D 20 -7.36 8.48 32.56
CA GLU D 20 -7.72 9.76 33.12
C GLU D 20 -8.30 10.64 32.01
N GLN D 21 -7.60 10.70 30.87
CA GLN D 21 -8.08 11.47 29.73
C GLN D 21 -9.31 10.81 29.11
N ALA D 22 -9.33 9.47 29.08
CA ALA D 22 -10.41 8.73 28.43
C ALA D 22 -11.74 9.02 29.12
N GLN D 23 -11.74 9.03 30.46
CA GLN D 23 -12.96 9.31 31.20
C GLN D 23 -13.55 10.67 30.77
N VAL D 24 -12.69 11.69 30.67
CA VAL D 24 -13.15 13.03 30.32
C VAL D 24 -13.71 13.04 28.90
N ILE D 25 -12.98 12.44 27.95
CA ILE D 25 -13.38 12.49 26.55
C ILE D 25 -14.66 11.68 26.32
N GLU D 26 -14.75 10.51 26.97
CA GLU D 26 -15.90 9.61 26.84
C GLU D 26 -17.16 10.34 27.32
N LYS D 27 -17.07 10.97 28.49
CA LYS D 27 -18.16 11.73 29.06
C LYS D 27 -18.58 12.84 28.10
N LEU D 28 -17.57 13.50 27.53
CA LEU D 28 -17.77 14.60 26.60
C LEU D 28 -18.45 14.11 25.33
N ARG D 29 -18.02 12.93 24.85
CA ARG D 29 -18.56 12.30 23.66
C ARG D 29 -20.05 12.01 23.84
N ARG D 30 -20.40 11.37 24.97
CA ARG D 30 -21.77 10.93 25.21
C ARG D 30 -22.71 12.13 25.31
N GLU D 31 -22.29 13.16 26.06
CA GLU D 31 -23.14 14.31 26.32
C GLU D 31 -23.36 15.10 25.04
N ALA D 32 -22.34 15.13 24.16
CA ALA D 32 -22.45 15.83 22.89
C ALA D 32 -23.43 15.10 21.97
N ILE D 33 -23.28 13.77 21.86
CA ILE D 33 -24.18 12.96 21.06
C ILE D 33 -25.61 13.19 21.56
N ASP D 34 -25.79 13.20 22.88
CA ASP D 34 -27.11 13.28 23.48
C ASP D 34 -27.70 14.67 23.27
N PHE D 35 -26.86 15.71 23.34
CA PHE D 35 -27.28 17.09 23.13
C PHE D 35 -27.81 17.22 21.70
N LEU D 36 -27.14 16.55 20.76
CA LEU D 36 -27.55 16.54 19.36
C LEU D 36 -28.81 15.70 19.16
N ALA D 37 -28.87 14.54 19.83
CA ALA D 37 -29.98 13.61 19.70
C ALA D 37 -31.31 14.32 19.95
N VAL D 38 -31.38 15.08 21.04
CA VAL D 38 -32.65 15.66 21.47
C VAL D 38 -33.01 16.85 20.59
N ARG D 39 -32.07 17.28 19.74
CA ARG D 39 -32.32 18.32 18.75
C ARG D 39 -32.54 17.69 17.37
N GLY D 40 -32.73 16.37 17.34
CA GLY D 40 -33.20 15.69 16.16
C GLY D 40 -32.09 15.04 15.32
N TYR D 41 -30.83 15.17 15.78
CA TYR D 41 -29.70 14.66 15.02
C TYR D 41 -29.45 13.21 15.42
N GLN D 42 -29.72 12.29 14.49
CA GLN D 42 -29.67 10.87 14.74
C GLN D 42 -28.24 10.36 14.53
N LEU D 43 -27.72 9.68 15.55
CA LEU D 43 -26.38 9.13 15.52
C LEU D 43 -26.30 8.04 14.44
N VAL D 44 -25.20 8.07 13.69
CA VAL D 44 -24.83 6.99 12.79
C VAL D 44 -23.36 6.66 13.04
N TYR D 45 -22.99 5.40 12.75
CA TYR D 45 -21.57 5.06 12.63
C TYR D 45 -21.26 4.91 11.15
N THR D 46 -20.26 5.67 10.68
CA THR D 46 -19.83 5.55 9.30
C THR D 46 -18.75 4.47 9.25
N PRO D 47 -18.51 3.84 8.07
CA PRO D 47 -17.41 2.91 7.90
C PRO D 47 -16.04 3.56 8.09
N PHE D 48 -15.11 2.79 8.64
CA PHE D 48 -13.74 3.24 8.82
C PHE D 48 -12.98 3.17 7.51
N ILE D 49 -13.39 2.25 6.62
CA ILE D 49 -12.78 2.10 5.32
C ILE D 49 -13.88 2.14 4.25
N GLU D 50 -13.51 2.71 3.10
CA GLU D 50 -14.36 2.79 1.93
C GLU D 50 -13.46 2.76 0.70
N TYR D 51 -14.07 2.52 -0.46
CA TYR D 51 -13.39 2.71 -1.71
C TYR D 51 -12.94 4.17 -1.80
N ILE D 52 -11.74 4.39 -2.34
CA ILE D 52 -11.09 5.69 -2.25
C ILE D 52 -11.95 6.77 -2.92
N GLU D 53 -12.65 6.42 -4.01
CA GLU D 53 -13.45 7.40 -4.75
C GLU D 53 -14.55 7.99 -3.87
N SER D 54 -15.05 7.19 -2.92
CA SER D 54 -16.15 7.62 -2.07
C SER D 54 -15.67 8.62 -1.03
N LEU D 55 -14.44 8.45 -0.53
CA LEU D 55 -13.88 9.34 0.47
C LEU D 55 -13.25 10.58 -0.16
N SER D 56 -13.09 10.58 -1.50
CA SER D 56 -12.34 11.62 -2.20
C SER D 56 -13.25 12.43 -3.12
N SER D 57 -14.57 12.30 -2.99
CA SER D 57 -15.51 12.97 -3.87
C SER D 57 -15.36 14.50 -3.76
N LEU D 58 -14.99 14.97 -2.57
CA LEU D 58 -14.74 16.39 -2.33
C LEU D 58 -13.27 16.70 -2.69
N ASP D 66 -7.31 12.79 -1.72
CA ASP D 66 -6.50 13.83 -1.02
C ASP D 66 -5.19 13.17 -0.60
N LEU D 67 -4.14 13.96 -0.36
CA LEU D 67 -2.93 13.44 0.25
C LEU D 67 -3.16 12.93 1.67
N VAL D 68 -4.24 13.40 2.32
CA VAL D 68 -4.42 13.21 3.75
C VAL D 68 -4.92 11.79 4.05
N THR D 69 -5.55 11.13 3.07
CA THR D 69 -6.18 9.83 3.26
C THR D 69 -5.17 8.69 3.15
N PHE D 70 -5.10 7.85 4.20
CA PHE D 70 -4.37 6.59 4.14
C PHE D 70 -5.01 5.66 3.11
N LYS D 71 -4.18 5.00 2.31
CA LYS D 71 -4.67 4.19 1.19
C LYS D 71 -4.13 2.77 1.30
N VAL D 72 -5.03 1.78 1.12
CA VAL D 72 -4.72 0.36 1.15
C VAL D 72 -5.52 -0.34 0.07
N ILE D 73 -4.99 -1.48 -0.39
CA ILE D 73 -5.63 -2.31 -1.40
C ILE D 73 -6.64 -3.25 -0.73
N ASP D 74 -7.81 -3.35 -1.35
CA ASP D 74 -8.83 -4.32 -0.98
C ASP D 74 -8.53 -5.64 -1.68
N GLN D 75 -8.24 -6.68 -0.90
CA GLN D 75 -7.89 -7.98 -1.44
C GLN D 75 -9.12 -8.62 -2.11
N LEU D 76 -10.32 -8.30 -1.61
CA LEU D 76 -11.54 -8.88 -2.16
C LEU D 76 -11.88 -8.29 -3.54
N SER D 77 -11.63 -7.01 -3.80
CA SER D 77 -12.00 -6.40 -5.08
C SER D 77 -10.81 -6.04 -5.96
N GLY D 78 -9.65 -5.79 -5.34
CA GLY D 78 -8.50 -5.28 -6.06
C GLY D 78 -8.52 -3.76 -6.19
N ARG D 79 -9.54 -3.12 -5.60
CA ARG D 79 -9.70 -1.68 -5.66
C ARG D 79 -9.00 -1.06 -4.47
N LEU D 80 -8.71 0.25 -4.59
CA LEU D 80 -8.03 0.98 -3.55
C LEU D 80 -9.04 1.47 -2.53
N LEU D 81 -8.73 1.24 -1.24
CA LEU D 81 -9.54 1.76 -0.15
C LEU D 81 -8.86 2.99 0.43
N GLY D 82 -9.64 3.77 1.18
CA GLY D 82 -9.10 4.77 2.08
C GLY D 82 -9.63 4.58 3.50
N ILE D 83 -8.85 4.99 4.50
CA ILE D 83 -9.38 5.14 5.83
C ILE D 83 -9.96 6.54 5.91
N ARG D 84 -11.14 6.66 6.54
CA ARG D 84 -11.88 7.91 6.55
C ARG D 84 -11.02 9.00 7.19
N ALA D 85 -10.98 10.16 6.53
CA ALA D 85 -10.30 11.34 7.02
C ALA D 85 -11.32 12.38 7.48
N ASP D 86 -12.58 12.16 7.13
CA ASP D 86 -13.65 13.13 7.29
C ASP D 86 -14.97 12.43 6.98
N MET D 87 -15.93 12.52 7.90
CA MET D 87 -17.15 11.74 7.79
C MET D 87 -18.21 12.49 6.99
N THR D 88 -17.95 13.79 6.70
CA THR D 88 -18.91 14.64 6.00
C THR D 88 -19.39 13.97 4.72
N PRO D 89 -18.50 13.54 3.79
CA PRO D 89 -18.93 12.88 2.56
C PRO D 89 -19.60 11.53 2.75
N GLN D 90 -19.37 10.87 3.89
CA GLN D 90 -19.94 9.56 4.15
C GLN D 90 -21.42 9.72 4.48
N VAL D 91 -21.74 10.68 5.35
CA VAL D 91 -23.13 10.92 5.73
C VAL D 91 -23.89 11.44 4.51
N ALA D 92 -23.20 12.21 3.65
CA ALA D 92 -23.78 12.66 2.38
C ALA D 92 -24.22 11.46 1.55
N ARG D 93 -23.39 10.41 1.52
CA ARG D 93 -23.71 9.20 0.79
C ARG D 93 -24.96 8.54 1.38
N ILE D 94 -25.01 8.48 2.71
CA ILE D 94 -26.13 7.88 3.42
C ILE D 94 -27.41 8.62 3.05
N ASP D 95 -27.37 9.96 3.10
CA ASP D 95 -28.56 10.75 2.81
C ASP D 95 -28.91 10.69 1.33
N ALA D 96 -27.91 10.57 0.46
CA ALA D 96 -28.13 10.62 -0.99
C ALA D 96 -28.65 9.29 -1.52
N HIS D 97 -28.14 8.18 -0.98
CA HIS D 97 -28.45 6.86 -1.54
C HIS D 97 -29.10 5.93 -0.52
N VAL D 98 -28.48 5.76 0.66
CA VAL D 98 -28.83 4.65 1.54
C VAL D 98 -30.19 4.90 2.19
N ARG D 99 -30.40 6.11 2.72
CA ARG D 99 -31.67 6.50 3.31
C ARG D 99 -32.20 7.73 2.58
N PRO D 100 -32.82 7.55 1.39
CA PRO D 100 -33.31 8.68 0.60
C PRO D 100 -34.60 9.26 1.15
N VAL D 101 -34.52 9.81 2.37
CA VAL D 101 -35.68 10.36 3.06
C VAL D 101 -36.27 11.51 2.24
N GLU D 102 -37.58 11.46 2.01
CA GLU D 102 -38.28 12.44 1.20
C GLU D 102 -38.68 13.63 2.09
N GLY D 103 -37.70 14.47 2.42
CA GLY D 103 -37.88 15.54 3.39
C GLY D 103 -36.58 15.87 4.11
N VAL D 104 -36.68 16.66 5.18
CA VAL D 104 -35.53 17.11 5.95
C VAL D 104 -35.00 15.93 6.77
N ALA D 105 -33.67 15.85 6.88
CA ALA D 105 -33.02 14.79 7.65
C ALA D 105 -31.84 15.35 8.43
N ARG D 106 -31.65 14.83 9.65
CA ARG D 106 -30.61 15.29 10.56
C ARG D 106 -29.85 14.08 11.10
N TYR D 107 -28.51 14.12 10.99
CA TYR D 107 -27.67 13.04 11.50
C TYR D 107 -26.45 13.63 12.22
N CYS D 108 -25.81 12.79 13.03
CA CYS D 108 -24.53 13.17 13.66
C CYS D 108 -23.65 11.94 13.82
N TYR D 109 -22.37 12.19 14.16
CA TYR D 109 -21.35 11.15 14.25
C TYR D 109 -20.29 11.59 15.25
N ALA D 110 -19.56 10.61 15.80
CA ALA D 110 -18.45 10.88 16.70
C ALA D 110 -17.48 9.71 16.67
N GLY D 111 -16.35 9.88 15.97
CA GLY D 111 -15.40 8.81 15.78
C GLY D 111 -14.04 9.31 15.29
N THR D 112 -13.03 8.44 15.45
CA THR D 112 -11.68 8.69 15.01
C THR D 112 -11.66 8.80 13.48
N VAL D 113 -10.91 9.77 12.97
CA VAL D 113 -10.53 9.83 11.58
C VAL D 113 -9.00 9.84 11.55
N LEU D 114 -8.43 9.38 10.43
CA LEU D 114 -6.98 9.30 10.32
C LEU D 114 -6.48 10.22 9.21
N HIS D 115 -5.35 10.86 9.47
CA HIS D 115 -4.66 11.71 8.51
C HIS D 115 -3.23 11.23 8.37
N THR D 116 -2.74 11.17 7.13
CA THR D 116 -1.40 10.68 6.85
C THR D 116 -0.35 11.58 7.51
N LYS D 117 -0.68 12.88 7.62
CA LYS D 117 0.10 13.84 8.37
C LYS D 117 -0.85 14.72 9.17
N PRO D 118 -0.45 15.23 10.36
CA PRO D 118 -1.30 16.12 11.15
C PRO D 118 -1.80 17.31 10.34
N GLN D 119 -3.08 17.64 10.52
CA GLN D 119 -3.72 18.77 9.87
C GLN D 119 -3.96 19.85 10.92
N ASN D 120 -4.07 21.12 10.48
CA ASN D 120 -4.58 22.19 11.33
C ASN D 120 -3.77 22.31 12.62
N PHE D 121 -2.44 22.19 12.53
CA PHE D 121 -1.55 22.41 13.66
C PHE D 121 -1.93 21.50 14.82
N ASN D 122 -2.54 20.35 14.48
CA ASN D 122 -3.00 19.38 15.46
C ASN D 122 -1.80 18.55 15.89
N ALA D 123 -1.80 18.10 17.14
CA ALA D 123 -0.77 17.19 17.63
C ALA D 123 -0.99 15.79 17.05
N THR D 124 -2.25 15.41 16.81
CA THR D 124 -2.60 14.03 16.51
C THR D 124 -2.91 13.83 15.02
N ARG D 125 -2.50 12.67 14.50
CA ARG D 125 -2.93 12.18 13.21
C ARG D 125 -4.25 11.42 13.34
N ALA D 126 -4.84 11.41 14.54
CA ALA D 126 -6.02 10.60 14.80
C ALA D 126 -7.03 11.39 15.62
N PRO D 127 -7.54 12.54 15.12
CA PRO D 127 -8.50 13.34 15.87
C PRO D 127 -9.84 12.62 16.01
N LEU D 128 -10.58 12.96 17.06
CA LEU D 128 -11.89 12.40 17.30
C LEU D 128 -12.94 13.38 16.76
N GLN D 129 -13.41 13.11 15.54
CA GLN D 129 -14.27 14.03 14.84
C GLN D 129 -15.72 13.83 15.28
N LEU D 130 -16.31 14.88 15.86
CA LEU D 130 -17.74 14.94 16.09
C LEU D 130 -18.34 15.98 15.16
N GLY D 131 -19.53 15.68 14.62
CA GLY D 131 -20.16 16.56 13.64
C GLY D 131 -21.64 16.29 13.49
N ALA D 132 -22.32 17.19 12.77
CA ALA D 132 -23.76 17.13 12.57
C ALA D 132 -24.06 17.62 11.15
N GLU D 133 -25.14 17.09 10.56
CA GLU D 133 -25.48 17.36 9.17
C GLU D 133 -26.99 17.56 9.06
N LEU D 134 -27.40 18.64 8.37
CA LEU D 134 -28.81 18.94 8.14
C LEU D 134 -29.04 18.97 6.63
N TYR D 135 -29.82 18.00 6.14
CA TYR D 135 -30.08 17.84 4.71
C TYR D 135 -31.53 18.20 4.40
N GLY D 136 -31.76 18.74 3.20
CA GLY D 136 -33.11 18.81 2.63
C GLY D 136 -33.82 20.14 2.86
N HIS D 137 -33.13 21.18 3.34
CA HIS D 137 -33.75 22.49 3.48
C HIS D 137 -32.86 23.55 2.82
N ASP D 138 -33.43 24.28 1.85
CA ASP D 138 -32.67 25.23 1.04
C ASP D 138 -32.34 26.50 1.82
N SER D 139 -33.31 27.06 2.55
CA SER D 139 -33.22 28.44 3.01
C SER D 139 -32.16 28.60 4.10
N ILE D 140 -31.80 29.87 4.33
CA ILE D 140 -30.75 30.27 5.26
C ILE D 140 -31.05 29.75 6.68
N GLU D 141 -32.31 29.48 6.98
CA GLU D 141 -32.71 29.08 8.33
C GLU D 141 -32.04 27.78 8.76
N ALA D 142 -31.75 26.89 7.80
CA ALA D 142 -31.05 25.65 8.10
C ALA D 142 -29.66 25.96 8.64
N ASP D 143 -29.01 26.96 8.05
CA ASP D 143 -27.67 27.38 8.46
C ASP D 143 -27.73 28.01 9.85
N VAL D 144 -28.80 28.75 10.13
CA VAL D 144 -28.96 29.43 11.41
C VAL D 144 -29.10 28.37 12.50
N GLU D 145 -29.89 27.33 12.24
CA GLU D 145 -30.03 26.22 13.17
C GLU D 145 -28.64 25.62 13.43
N MET D 146 -27.90 25.33 12.36
CA MET D 146 -26.65 24.60 12.50
C MET D 146 -25.66 25.44 13.31
N VAL D 147 -25.55 26.73 12.99
CA VAL D 147 -24.69 27.63 13.75
C VAL D 147 -25.10 27.59 15.22
N ASP D 148 -26.41 27.66 15.46
CA ASP D 148 -26.96 27.68 16.80
C ASP D 148 -26.65 26.37 17.53
N VAL D 149 -26.72 25.25 16.80
CA VAL D 149 -26.46 23.93 17.37
C VAL D 149 -24.98 23.82 17.74
N MET D 150 -24.11 24.26 16.81
CA MET D 150 -22.68 24.21 17.00
C MET D 150 -22.30 24.98 18.25
N LEU D 151 -22.79 26.22 18.37
CA LEU D 151 -22.53 27.07 19.52
C LEU D 151 -23.05 26.41 20.79
N GLY D 152 -24.29 25.91 20.73
CA GLY D 152 -24.91 25.26 21.87
C GLY D 152 -24.09 24.08 22.37
N LEU D 153 -23.53 23.31 21.43
CA LEU D 153 -22.78 22.11 21.75
C LEU D 153 -21.45 22.49 22.41
N ILE D 154 -20.79 23.52 21.87
CA ILE D 154 -19.53 24.01 22.44
C ILE D 154 -19.79 24.54 23.85
N GLU D 155 -20.88 25.28 24.02
CA GLU D 155 -21.24 25.83 25.31
C GLU D 155 -21.49 24.71 26.31
N ASN D 156 -22.18 23.66 25.85
CA ASN D 156 -22.51 22.53 26.70
C ASN D 156 -21.25 21.76 27.08
N ALA D 157 -20.37 21.51 26.10
CA ALA D 157 -19.18 20.70 26.30
C ALA D 157 -18.10 21.46 27.07
N TYR D 158 -18.00 22.78 26.84
CA TYR D 158 -16.82 23.55 27.20
C TYR D 158 -17.27 24.93 27.69
N THR D 159 -17.10 25.96 26.87
CA THR D 159 -17.48 27.32 27.22
C THR D 159 -17.30 28.23 26.00
N LEU D 160 -18.15 29.25 25.88
CA LEU D 160 -18.02 30.26 24.83
C LEU D 160 -17.40 31.54 25.38
N GLN D 161 -16.90 31.48 26.62
CA GLN D 161 -16.22 32.61 27.24
C GLN D 161 -14.96 32.93 26.43
N GLY D 162 -14.93 34.14 25.86
CA GLY D 162 -13.80 34.60 25.06
C GLY D 162 -13.71 33.91 23.70
N ALA D 163 -14.79 33.22 23.30
CA ALA D 163 -14.83 32.60 21.98
C ALA D 163 -15.19 33.66 20.94
N HIS D 164 -14.94 33.34 19.67
CA HIS D 164 -15.21 34.24 18.56
C HIS D 164 -15.84 33.44 17.41
N LEU D 165 -17.00 33.88 16.92
CA LEU D 165 -17.66 33.29 15.77
C LEU D 165 -17.31 34.09 14.53
N ASP D 166 -16.73 33.42 13.54
CA ASP D 166 -16.44 34.00 12.25
C ASP D 166 -17.50 33.54 11.25
N LEU D 167 -18.27 34.50 10.70
CA LEU D 167 -19.29 34.22 9.70
C LEU D 167 -18.80 34.68 8.33
N GLY D 168 -19.04 33.85 7.30
CA GLY D 168 -18.73 34.21 5.92
C GLY D 168 -19.87 33.79 4.99
N HIS D 169 -19.66 33.97 3.67
CA HIS D 169 -20.64 33.59 2.67
C HIS D 169 -19.97 33.60 1.30
N VAL D 170 -19.84 32.41 0.69
CA VAL D 170 -19.08 32.27 -0.54
C VAL D 170 -19.87 32.79 -1.73
N GLY D 171 -21.18 32.99 -1.55
CA GLY D 171 -22.06 33.47 -2.61
C GLY D 171 -21.68 34.86 -3.09
N LEU D 172 -21.11 35.68 -2.19
CA LEU D 172 -20.65 37.01 -2.56
C LEU D 172 -19.61 36.89 -3.68
N PHE D 173 -18.51 36.19 -3.38
CA PHE D 173 -17.44 35.99 -4.34
C PHE D 173 -17.99 35.31 -5.60
N ARG D 174 -18.73 34.22 -5.43
CA ARG D 174 -19.24 33.43 -6.54
C ARG D 174 -20.14 34.30 -7.45
N SER D 175 -20.99 35.14 -6.84
CA SER D 175 -21.87 36.01 -7.60
C SER D 175 -21.08 37.00 -8.44
N LEU D 176 -20.03 37.58 -7.85
CA LEU D 176 -19.23 38.58 -8.52
C LEU D 176 -18.42 37.93 -9.65
N VAL D 177 -17.98 36.69 -9.44
CA VAL D 177 -17.31 35.93 -10.49
C VAL D 177 -18.25 35.75 -11.68
N LYS D 178 -19.54 35.47 -11.40
CA LYS D 178 -20.54 35.22 -12.41
C LYS D 178 -20.82 36.50 -13.20
N TYR D 179 -21.10 37.58 -12.47
CA TYR D 179 -21.48 38.85 -13.07
C TYR D 179 -20.34 39.38 -13.94
N ALA D 180 -19.09 39.18 -13.52
CA ALA D 180 -17.93 39.71 -14.22
C ALA D 180 -17.51 38.80 -15.38
N GLY D 181 -18.04 37.57 -15.41
CA GLY D 181 -17.79 36.65 -16.51
C GLY D 181 -16.37 36.08 -16.51
N LEU D 182 -15.79 35.94 -15.31
CA LEU D 182 -14.45 35.40 -15.16
C LEU D 182 -14.43 33.94 -15.57
N SER D 183 -13.27 33.46 -16.03
CA SER D 183 -13.08 32.06 -16.36
C SER D 183 -12.84 31.26 -15.08
N LYS D 184 -12.79 29.93 -15.22
CA LYS D 184 -12.58 29.05 -14.09
C LYS D 184 -11.16 29.22 -13.53
N ASN D 185 -10.19 29.43 -14.44
CA ASN D 185 -8.80 29.63 -14.06
C ASN D 185 -8.67 30.92 -13.26
N GLU D 186 -9.35 31.98 -13.71
CA GLU D 186 -9.33 33.26 -13.02
C GLU D 186 -9.99 33.12 -11.66
N GLU D 187 -11.12 32.41 -11.61
CA GLU D 187 -11.85 32.20 -10.37
C GLU D 187 -10.98 31.43 -9.37
N HIS D 188 -10.30 30.38 -9.85
CA HIS D 188 -9.46 29.55 -9.00
C HIS D 188 -8.28 30.37 -8.47
N GLU D 189 -7.68 31.19 -9.33
CA GLU D 189 -6.52 32.00 -8.96
C GLU D 189 -6.91 33.02 -7.89
N LEU D 190 -8.08 33.66 -8.06
CA LEU D 190 -8.60 34.61 -7.09
C LEU D 190 -8.82 33.94 -5.74
N SER D 191 -9.43 32.75 -5.73
CA SER D 191 -9.77 32.09 -4.49
C SER D 191 -8.51 31.78 -3.69
N ASP D 192 -7.40 31.45 -4.37
CA ASP D 192 -6.13 31.24 -3.68
C ASP D 192 -5.65 32.55 -3.07
N LEU D 193 -5.70 33.65 -3.84
CA LEU D 193 -5.24 34.95 -3.38
C LEU D 193 -6.04 35.39 -2.15
N TYR D 194 -7.37 35.18 -2.18
CA TYR D 194 -8.22 35.58 -1.07
C TYR D 194 -7.93 34.75 0.18
N GLN D 195 -7.72 33.44 -0.01
CA GLN D 195 -7.56 32.52 1.10
C GLN D 195 -6.23 32.79 1.81
N ARG D 196 -5.22 33.31 1.08
CA ARG D 196 -3.97 33.77 1.65
C ARG D 196 -4.03 35.25 2.03
N LYS D 197 -5.18 35.91 1.76
CA LYS D 197 -5.30 37.36 1.74
C LYS D 197 -3.97 37.99 1.35
N ALA D 198 -3.51 37.68 0.12
CA ALA D 198 -2.29 38.23 -0.42
C ALA D 198 -2.62 39.51 -1.18
N LEU D 199 -2.83 40.60 -0.43
CA LEU D 199 -3.43 41.82 -0.96
C LEU D 199 -2.52 42.49 -2.00
N PRO D 200 -1.17 42.48 -1.86
CA PRO D 200 -0.31 43.03 -2.90
C PRO D 200 -0.48 42.33 -4.26
N GLU D 201 -0.48 40.99 -4.25
CA GLU D 201 -0.74 40.22 -5.46
C GLU D 201 -2.17 40.47 -5.95
N LEU D 202 -3.12 40.60 -5.01
CA LEU D 202 -4.51 40.82 -5.36
C LEU D 202 -4.67 42.15 -6.09
N ALA D 203 -3.91 43.17 -5.65
CA ALA D 203 -3.93 44.47 -6.30
C ALA D 203 -3.54 44.31 -7.77
N GLU D 204 -2.40 43.65 -8.02
CA GLU D 204 -1.88 43.43 -9.36
C GLU D 204 -2.84 42.60 -10.21
N PHE D 205 -3.43 41.56 -9.63
CA PHE D 205 -4.27 40.64 -10.38
C PHE D 205 -5.59 41.31 -10.78
N THR D 206 -6.04 42.30 -9.99
CA THR D 206 -7.35 42.88 -10.18
C THR D 206 -7.28 44.15 -11.03
N GLN D 207 -6.08 44.71 -11.20
CA GLN D 207 -5.94 46.01 -11.86
C GLN D 207 -6.63 46.00 -13.23
N ASN D 208 -6.12 45.18 -14.16
CA ASN D 208 -6.70 45.07 -15.49
C ASN D 208 -7.55 43.81 -15.56
N LEU D 209 -8.43 43.66 -14.56
CA LEU D 209 -9.43 42.60 -14.53
C LEU D 209 -10.80 43.28 -14.56
N ASN D 210 -11.76 42.66 -15.25
CA ASN D 210 -13.09 43.21 -15.36
C ASN D 210 -13.74 43.22 -13.97
N MET D 211 -14.23 44.40 -13.57
CA MET D 211 -14.85 44.64 -12.28
C MET D 211 -13.85 44.46 -11.14
N GLY D 212 -12.56 44.77 -11.42
CA GLY D 212 -11.46 44.43 -10.55
C GLY D 212 -11.46 45.18 -9.23
N SER D 213 -12.05 46.38 -9.20
CA SER D 213 -12.02 47.20 -8.00
C SER D 213 -12.98 46.63 -6.95
N ASP D 214 -14.03 45.94 -7.39
CA ASP D 214 -14.93 45.24 -6.49
C ASP D 214 -14.25 43.99 -5.92
N PHE D 215 -13.47 43.30 -6.77
CA PHE D 215 -12.70 42.14 -6.34
C PHE D 215 -11.67 42.58 -5.29
N TYR D 216 -11.04 43.74 -5.49
CA TYR D 216 -10.05 44.24 -4.54
C TYR D 216 -10.75 44.64 -3.23
N ALA D 217 -11.87 45.35 -3.36
CA ALA D 217 -12.66 45.79 -2.21
C ALA D 217 -13.05 44.60 -1.32
N LEU D 218 -13.38 43.48 -1.96
CA LEU D 218 -13.87 42.31 -1.25
C LEU D 218 -12.79 41.78 -0.31
N GLY D 219 -11.51 41.92 -0.72
CA GLY D 219 -10.38 41.47 0.07
C GLY D 219 -9.92 42.50 1.10
N ARG D 220 -9.96 43.79 0.73
CA ARG D 220 -9.45 44.86 1.57
C ARG D 220 -10.40 45.10 2.75
N TYR D 221 -11.71 44.99 2.50
CA TYR D 221 -12.72 45.33 3.48
C TYR D 221 -13.53 44.08 3.82
N ALA D 222 -12.82 42.96 4.01
CA ALA D 222 -13.45 41.65 4.18
C ALA D 222 -14.13 41.55 5.53
N SER D 223 -13.63 42.30 6.52
CA SER D 223 -14.04 42.16 7.91
C SER D 223 -15.14 43.13 8.29
N ASP D 224 -15.55 44.01 7.37
CA ASP D 224 -16.41 45.13 7.71
C ASP D 224 -17.45 45.33 6.61
N LEU D 225 -18.70 44.94 6.91
CA LEU D 225 -19.78 45.00 5.95
C LEU D 225 -20.05 46.46 5.53
N ASP D 226 -20.00 47.40 6.49
CA ASP D 226 -20.28 48.80 6.22
C ASP D 226 -19.25 49.36 5.24
N ALA D 227 -17.97 49.19 5.60
CA ALA D 227 -16.86 49.69 4.80
C ALA D 227 -16.84 49.02 3.43
N LEU D 228 -17.31 47.76 3.37
CA LEU D 228 -17.36 47.02 2.11
C LEU D 228 -18.44 47.61 1.20
N GLN D 229 -19.64 47.85 1.75
CA GLN D 229 -20.77 48.33 0.97
C GLN D 229 -20.49 49.74 0.44
N ALA D 230 -19.66 50.49 1.19
CA ALA D 230 -19.29 51.85 0.79
C ALA D 230 -18.34 51.81 -0.41
N HIS D 231 -17.49 50.78 -0.50
CA HIS D 231 -16.46 50.71 -1.53
C HIS D 231 -16.90 49.86 -2.71
N LEU D 232 -18.09 49.24 -2.63
CA LEU D 232 -18.58 48.41 -3.71
C LEU D 232 -19.32 49.27 -4.71
N SER D 233 -19.26 48.89 -5.99
CA SER D 233 -19.98 49.56 -7.05
C SER D 233 -21.48 49.25 -6.94
N ALA D 234 -22.30 50.20 -7.40
CA ALA D 234 -23.76 50.05 -7.36
C ALA D 234 -24.19 48.94 -8.33
N ASP D 235 -23.39 48.71 -9.38
CA ASP D 235 -23.60 47.62 -10.32
C ASP D 235 -23.77 46.30 -9.55
N ILE D 236 -22.81 45.97 -8.69
CA ILE D 236 -22.76 44.67 -8.03
C ILE D 236 -23.77 44.60 -6.88
N LEU D 237 -23.99 45.73 -6.20
CA LEU D 237 -25.00 45.79 -5.14
C LEU D 237 -26.38 45.54 -5.74
N LYS D 238 -26.60 45.95 -6.99
CA LYS D 238 -27.88 45.78 -7.67
C LYS D 238 -28.08 44.34 -8.15
N ASP D 239 -26.98 43.58 -8.35
CA ASP D 239 -27.05 42.21 -8.80
C ASP D 239 -27.87 41.39 -7.81
N ALA D 240 -28.88 40.68 -8.31
CA ALA D 240 -29.84 39.97 -7.47
C ALA D 240 -29.12 38.96 -6.57
N GLU D 241 -28.25 38.15 -7.17
CA GLU D 241 -27.63 37.04 -6.46
C GLU D 241 -26.62 37.54 -5.43
N PHE D 242 -25.84 38.56 -5.78
CA PHE D 242 -24.90 39.14 -4.83
C PHE D 242 -25.66 39.70 -3.62
N ASP D 243 -26.77 40.41 -3.89
CA ASP D 243 -27.54 41.07 -2.84
C ASP D 243 -28.23 40.03 -1.95
N ALA D 244 -28.65 38.90 -2.55
CA ALA D 244 -29.29 37.82 -1.81
C ALA D 244 -28.29 37.19 -0.84
N ALA D 245 -27.05 37.01 -1.29
CA ALA D 245 -25.99 36.45 -0.46
C ALA D 245 -25.65 37.41 0.68
N LEU D 246 -25.65 38.72 0.39
CA LEU D 246 -25.31 39.73 1.38
C LEU D 246 -26.42 39.80 2.44
N ASN D 247 -27.68 39.76 2.00
CA ASN D 247 -28.82 39.77 2.90
C ASN D 247 -28.79 38.52 3.78
N ALA D 248 -28.50 37.37 3.18
CA ALA D 248 -28.40 36.12 3.90
C ALA D 248 -27.38 36.21 5.04
N LEU D 249 -26.27 36.90 4.79
CA LEU D 249 -25.22 37.05 5.79
C LEU D 249 -25.65 38.05 6.86
N LYS D 250 -26.28 39.15 6.43
CA LYS D 250 -26.68 40.23 7.33
C LYS D 250 -27.76 39.72 8.30
N THR D 251 -28.71 38.93 7.78
CA THR D 251 -29.79 38.40 8.59
C THR D 251 -29.23 37.39 9.61
N THR D 252 -28.27 36.57 9.19
CA THR D 252 -27.66 35.60 10.07
C THR D 252 -26.86 36.30 11.17
N LEU D 253 -26.13 37.36 10.81
CA LEU D 253 -25.30 38.09 11.77
C LEU D 253 -26.18 38.67 12.87
N GLU D 254 -27.39 39.15 12.51
CA GLU D 254 -28.30 39.79 13.43
C GLU D 254 -28.92 38.74 14.38
N GLN D 255 -29.45 37.65 13.81
CA GLN D 255 -30.12 36.63 14.61
C GLN D 255 -29.15 35.99 15.61
N ILE D 256 -27.93 35.68 15.17
CA ILE D 256 -26.95 35.02 16.01
C ILE D 256 -26.51 35.97 17.12
N LYS D 257 -26.31 37.25 16.78
CA LYS D 257 -25.92 38.26 17.77
C LYS D 257 -27.02 38.39 18.82
N ASN D 258 -28.30 38.23 18.41
CA ASN D 258 -29.42 38.27 19.33
C ASN D 258 -29.37 37.10 20.29
N ARG D 259 -29.35 35.87 19.74
CA ARG D 259 -29.43 34.64 20.51
C ARG D 259 -28.25 34.48 21.47
N TRP D 260 -27.09 35.04 21.10
CA TRP D 260 -25.86 34.85 21.86
C TRP D 260 -25.20 36.19 22.16
N PRO D 261 -25.81 37.06 23.01
CA PRO D 261 -25.28 38.40 23.25
C PRO D 261 -23.86 38.43 23.85
N ALA D 262 -23.46 37.34 24.53
CA ALA D 262 -22.17 37.24 25.18
C ALA D 262 -21.09 36.72 24.23
N LEU D 263 -21.45 36.45 22.98
CA LEU D 263 -20.51 35.90 22.02
C LEU D 263 -19.99 37.00 21.10
N ASN D 264 -18.67 37.05 20.92
CA ASN D 264 -18.05 37.89 19.91
C ASN D 264 -18.31 37.29 18.53
N VAL D 265 -18.84 38.10 17.61
CA VAL D 265 -19.11 37.66 16.25
C VAL D 265 -18.37 38.60 15.29
N GLY D 266 -17.70 38.00 14.30
CA GLY D 266 -17.01 38.74 13.26
C GLY D 266 -17.48 38.32 11.87
N ILE D 267 -16.99 39.05 10.86
CA ILE D 267 -17.31 38.79 9.47
C ILE D 267 -16.00 38.61 8.70
N ASP D 268 -16.01 37.67 7.74
CA ASP D 268 -14.95 37.59 6.75
C ASP D 268 -15.53 37.06 5.43
N VAL D 269 -15.82 37.96 4.49
CA VAL D 269 -16.54 37.62 3.28
C VAL D 269 -15.64 36.90 2.27
N VAL D 270 -14.32 36.81 2.54
CA VAL D 270 -13.43 36.05 1.67
C VAL D 270 -12.80 34.88 2.43
N GLU D 271 -13.50 34.38 3.44
CA GLU D 271 -13.24 33.04 3.95
C GLU D 271 -13.79 32.05 2.94
N LEU D 272 -12.88 31.38 2.22
CA LEU D 272 -13.25 30.54 1.09
C LEU D 272 -12.61 29.15 1.21
N ARG D 273 -12.50 28.64 2.45
CA ARG D 273 -11.97 27.29 2.67
C ARG D 273 -12.83 26.28 1.91
N SER D 274 -12.18 25.44 1.10
CA SER D 274 -12.88 24.44 0.31
C SER D 274 -14.04 25.08 -0.44
N TYR D 275 -13.71 26.14 -1.18
CA TYR D 275 -14.66 26.91 -1.97
C TYR D 275 -15.42 26.03 -2.96
N HIS D 276 -14.76 24.97 -3.43
CA HIS D 276 -15.25 24.19 -4.56
C HIS D 276 -16.55 23.46 -4.22
N TYR D 277 -16.73 23.07 -2.94
CA TYR D 277 -17.95 22.36 -2.56
C TYR D 277 -18.83 23.16 -1.60
N HIS D 278 -18.36 24.32 -1.10
CA HIS D 278 -19.21 25.20 -0.30
C HIS D 278 -20.03 26.12 -1.22
N THR D 279 -21.28 26.41 -0.83
CA THR D 279 -22.20 27.11 -1.70
C THR D 279 -22.93 28.29 -1.02
N GLY D 280 -22.70 28.52 0.28
CA GLY D 280 -23.38 29.60 0.99
C GLY D 280 -22.63 30.06 2.24
N LEU D 281 -23.34 30.08 3.38
CA LEU D 281 -22.80 30.58 4.63
C LEU D 281 -21.61 29.73 5.10
N MET D 282 -20.63 30.41 5.70
CA MET D 282 -19.46 29.77 6.30
C MET D 282 -19.44 30.13 7.78
N TYR D 283 -19.06 29.20 8.65
CA TYR D 283 -19.10 29.47 10.08
C TYR D 283 -18.05 28.65 10.80
N ALA D 284 -17.31 29.31 11.71
CA ALA D 284 -16.31 28.67 12.54
C ALA D 284 -16.20 29.41 13.87
N VAL D 285 -15.74 28.68 14.90
CA VAL D 285 -15.61 29.24 16.25
C VAL D 285 -14.14 29.14 16.66
N TYR D 286 -13.56 30.28 17.06
CA TYR D 286 -12.19 30.35 17.52
C TYR D 286 -12.15 30.61 19.02
N ALA D 287 -11.03 30.24 19.66
CA ALA D 287 -10.85 30.39 21.10
C ALA D 287 -9.48 30.99 21.37
N PRO D 288 -9.24 31.57 22.58
CA PRO D 288 -7.96 32.18 22.92
C PRO D 288 -6.77 31.22 22.81
N ASN D 289 -5.66 31.74 22.26
CA ASN D 289 -4.40 31.04 22.19
C ASN D 289 -4.54 29.72 21.41
N ARG D 290 -5.30 29.74 20.31
CA ARG D 290 -5.44 28.58 19.43
C ARG D 290 -5.53 29.07 17.98
N ALA D 291 -4.63 28.55 17.13
CA ALA D 291 -4.62 28.88 15.71
C ALA D 291 -5.81 28.24 15.01
N ALA D 292 -6.07 26.97 15.33
CA ALA D 292 -7.16 26.21 14.72
C ALA D 292 -8.47 26.53 15.43
N PRO D 293 -9.59 26.70 14.68
CA PRO D 293 -10.90 26.87 15.30
C PRO D 293 -11.31 25.64 16.11
N LEU D 294 -12.17 25.84 17.11
CA LEU D 294 -12.75 24.73 17.87
C LEU D 294 -13.69 23.93 16.97
N ALA D 295 -14.36 24.60 16.03
CA ALA D 295 -15.34 23.96 15.17
C ALA D 295 -15.53 24.80 13.92
N GLN D 296 -15.80 24.14 12.79
CA GLN D 296 -16.02 24.82 11.53
C GLN D 296 -17.04 24.04 10.71
N GLY D 297 -17.85 24.79 9.95
CA GLY D 297 -18.88 24.21 9.13
C GLY D 297 -19.26 25.15 8.01
N GLY D 298 -20.26 24.73 7.22
CA GLY D 298 -20.74 25.54 6.13
C GLY D 298 -21.93 24.93 5.41
N ARG D 299 -22.52 25.75 4.54
CA ARG D 299 -23.49 25.31 3.56
C ARG D 299 -22.74 24.60 2.43
N TYR D 300 -23.15 23.38 2.09
CA TYR D 300 -22.58 22.68 0.95
C TYR D 300 -23.65 21.86 0.23
N ASP D 301 -24.56 22.58 -0.46
CA ASP D 301 -25.61 22.00 -1.27
C ASP D 301 -25.00 21.03 -2.29
N GLY D 302 -25.66 19.88 -2.47
CA GLY D 302 -25.29 18.94 -3.52
C GLY D 302 -24.01 18.17 -3.22
N ILE D 303 -23.58 18.17 -1.94
CA ILE D 303 -22.38 17.48 -1.53
C ILE D 303 -22.47 16.00 -1.88
N GLY D 304 -23.67 15.43 -1.85
CA GLY D 304 -23.85 14.01 -2.06
C GLY D 304 -24.24 13.64 -3.49
N GLU D 305 -24.19 14.59 -4.43
CA GLU D 305 -24.66 14.35 -5.79
C GLU D 305 -23.84 13.26 -6.47
N HIS D 306 -22.56 13.14 -6.09
CA HIS D 306 -21.69 12.06 -6.56
C HIS D 306 -22.34 10.70 -6.33
N PHE D 307 -23.12 10.56 -5.25
CA PHE D 307 -23.65 9.29 -4.80
C PHE D 307 -25.09 9.04 -5.22
N GLY D 308 -25.74 10.04 -5.84
CA GLY D 308 -27.14 9.93 -6.20
C GLY D 308 -27.83 11.29 -6.26
N ARG D 309 -28.91 11.45 -5.48
CA ARG D 309 -29.73 12.65 -5.54
C ARG D 309 -28.95 13.83 -4.96
N ALA D 310 -29.19 15.01 -5.55
CA ALA D 310 -28.57 16.25 -5.11
C ALA D 310 -29.42 16.84 -4.00
N ARG D 311 -28.80 17.09 -2.85
CA ARG D 311 -29.53 17.43 -1.64
C ARG D 311 -28.95 18.72 -1.06
N PRO D 312 -29.79 19.69 -0.66
CA PRO D 312 -29.30 20.81 0.13
C PRO D 312 -28.74 20.24 1.44
N ALA D 313 -27.64 20.83 1.91
CA ALA D 313 -26.89 20.29 3.03
C ALA D 313 -26.07 21.38 3.69
N THR D 314 -26.07 21.36 5.03
CA THR D 314 -25.22 22.23 5.83
C THR D 314 -24.81 21.48 7.10
N GLY D 315 -23.61 21.75 7.59
CA GLY D 315 -23.13 21.02 8.76
C GLY D 315 -21.77 21.53 9.24
N PHE D 316 -21.34 21.00 10.39
CA PHE D 316 -20.09 21.40 11.01
C PHE D 316 -19.40 20.17 11.57
N SER D 317 -18.13 20.32 11.94
CA SER D 317 -17.46 19.32 12.77
C SER D 317 -16.41 19.97 13.65
N CYS D 318 -15.95 19.21 14.64
CA CYS D 318 -14.90 19.63 15.56
C CYS D 318 -14.07 18.43 15.97
N ASP D 319 -12.87 18.71 16.49
CA ASP D 319 -12.07 17.72 17.18
C ASP D 319 -12.47 17.75 18.65
N LEU D 320 -12.94 16.62 19.15
CA LEU D 320 -13.42 16.53 20.52
C LEU D 320 -12.28 16.73 21.51
N TYR D 321 -11.04 16.40 21.12
CA TYR D 321 -9.89 16.59 21.99
C TYR D 321 -9.65 18.09 22.23
N ALA D 322 -10.12 18.95 21.31
CA ALA D 322 -9.93 20.40 21.44
C ALA D 322 -10.89 21.01 22.47
N LEU D 323 -12.04 20.36 22.72
CA LEU D 323 -12.97 20.83 23.74
C LEU D 323 -12.61 20.20 25.09
N PHE D 328 -8.14 16.46 33.02
CA PHE D 328 -7.89 15.00 33.12
C PHE D 328 -7.67 14.62 34.59
N ALA D 329 -8.75 14.62 35.38
CA ALA D 329 -8.68 14.37 36.82
C ALA D 329 -8.43 12.89 37.10
N GLU D 330 -7.96 12.62 38.32
CA GLU D 330 -7.62 11.25 38.73
C GLU D 330 -8.89 10.47 39.03
N ILE D 331 -8.74 9.15 39.10
CA ILE D 331 -9.87 8.25 39.22
C ILE D 331 -9.88 7.70 40.64
N GLU D 332 -11.07 7.63 41.23
CA GLU D 332 -11.25 7.09 42.57
C GLU D 332 -11.63 5.61 42.48
N THR D 333 -10.93 4.77 43.25
CA THR D 333 -11.20 3.34 43.27
C THR D 333 -11.38 2.89 44.73
N VAL D 334 -12.45 2.11 44.95
CA VAL D 334 -12.77 1.53 46.23
C VAL D 334 -12.27 0.09 46.24
N VAL D 335 -11.53 -0.30 47.28
CA VAL D 335 -11.05 -1.66 47.41
C VAL D 335 -11.81 -2.35 48.54
N ALA D 336 -12.43 -3.49 48.22
CA ALA D 336 -13.09 -4.34 49.19
C ALA D 336 -12.29 -5.63 49.34
N PRO D 337 -12.43 -6.37 50.45
CA PRO D 337 -11.73 -7.66 50.59
C PRO D 337 -12.33 -8.74 49.71
N LYS D 338 -11.55 -9.80 49.48
CA LYS D 338 -12.01 -11.00 48.81
C LYS D 338 -13.18 -11.60 49.60
N GLY D 339 -14.16 -12.17 48.90
CA GLY D 339 -15.24 -12.89 49.55
C GLY D 339 -16.55 -12.84 48.75
N THR D 340 -17.46 -13.77 49.08
CA THR D 340 -18.76 -13.87 48.43
C THR D 340 -19.88 -13.95 49.47
N GLU D 341 -19.62 -13.43 50.68
CA GLU D 341 -20.63 -13.33 51.72
C GLU D 341 -21.68 -12.30 51.27
N ALA D 342 -22.96 -12.62 51.49
CA ALA D 342 -24.05 -11.92 50.85
C ALA D 342 -24.05 -10.43 51.22
N ASP D 343 -23.80 -10.13 52.50
CA ASP D 343 -23.87 -8.76 53.00
C ASP D 343 -22.74 -7.92 52.39
N LEU D 344 -21.59 -8.55 52.10
CA LEU D 344 -20.47 -7.87 51.47
C LEU D 344 -20.79 -7.60 49.99
N LEU D 345 -21.25 -8.63 49.27
CA LEU D 345 -21.59 -8.48 47.86
C LEU D 345 -22.69 -7.43 47.69
N LYS D 346 -23.63 -7.43 48.63
CA LYS D 346 -24.74 -6.48 48.66
C LYS D 346 -24.20 -5.05 48.71
N ALA D 347 -23.25 -4.80 49.61
CA ALA D 347 -22.65 -3.48 49.79
C ALA D 347 -21.88 -3.07 48.55
N ILE D 348 -21.14 -4.03 47.96
CA ILE D 348 -20.42 -3.80 46.72
C ILE D 348 -21.40 -3.42 45.62
N ALA D 349 -22.53 -4.14 45.53
CA ALA D 349 -23.52 -3.93 44.48
C ALA D 349 -24.17 -2.56 44.62
N ASN D 350 -24.48 -2.15 45.86
CA ASN D 350 -25.07 -0.85 46.12
C ASN D 350 -24.10 0.25 45.71
N ALA D 351 -22.83 0.09 46.07
CA ALA D 351 -21.79 1.04 45.71
C ALA D 351 -21.69 1.16 44.18
N ARG D 352 -21.57 0.02 43.50
CA ARG D 352 -21.48 -0.02 42.05
C ARG D 352 -22.73 0.58 41.41
N SER D 353 -23.87 0.39 42.07
CA SER D 353 -25.13 0.95 41.61
C SER D 353 -25.10 2.47 41.59
N GLU D 354 -24.35 3.08 42.52
CA GLU D 354 -24.24 4.53 42.63
C GLU D 354 -23.13 5.05 41.72
N GLY D 355 -22.46 4.16 40.97
CA GLY D 355 -21.50 4.55 39.97
C GLY D 355 -20.06 4.57 40.48
N LEU D 356 -19.83 3.97 41.66
CA LEU D 356 -18.49 3.90 42.23
C LEU D 356 -17.73 2.75 41.59
N ARG D 357 -16.40 2.90 41.50
CA ARG D 357 -15.53 1.88 40.95
C ARG D 357 -15.03 1.02 42.11
N VAL D 358 -15.50 -0.23 42.18
CA VAL D 358 -15.18 -1.10 43.30
C VAL D 358 -14.49 -2.34 42.76
N VAL D 359 -13.38 -2.72 43.41
CA VAL D 359 -12.70 -3.97 43.13
C VAL D 359 -12.55 -4.74 44.44
N GLN D 360 -12.39 -6.05 44.31
CA GLN D 360 -12.09 -6.92 45.44
C GLN D 360 -10.64 -7.39 45.31
N LEU D 361 -9.97 -7.53 46.47
CA LEU D 361 -8.65 -8.12 46.52
C LEU D 361 -8.72 -9.55 45.98
N LEU D 362 -7.65 -9.95 45.29
CA LEU D 362 -7.56 -11.29 44.69
C LEU D 362 -6.64 -12.16 45.53
N GLY D 363 -7.09 -13.39 45.82
CA GLY D 363 -6.26 -14.37 46.51
C GLY D 363 -5.72 -13.84 47.83
N ASN D 364 -4.39 -13.84 47.97
CA ASN D 364 -3.73 -13.42 49.19
C ASN D 364 -3.22 -11.98 49.07
N ASP D 365 -3.62 -11.26 48.01
CA ASP D 365 -3.21 -9.87 47.82
C ASP D 365 -3.72 -9.02 48.98
N ASP D 366 -2.89 -8.11 49.48
CA ASP D 366 -3.31 -7.10 50.43
C ASP D 366 -3.60 -5.81 49.66
N LEU D 367 -3.85 -4.72 50.40
CA LEU D 367 -4.28 -3.45 49.82
C LEU D 367 -3.19 -2.81 48.96
N SER D 368 -1.92 -3.19 49.17
CA SER D 368 -0.81 -2.63 48.41
C SER D 368 -0.79 -3.13 46.96
N SER D 369 -1.58 -4.17 46.66
CA SER D 369 -1.76 -4.66 45.31
C SER D 369 -2.52 -3.66 44.45
N ILE D 370 -3.28 -2.75 45.10
CA ILE D 370 -3.99 -1.69 44.41
C ILE D 370 -3.43 -0.35 44.90
N PRO D 371 -2.22 0.07 44.44
CA PRO D 371 -1.57 1.27 44.99
C PRO D 371 -2.29 2.58 44.68
N TYR D 372 -3.12 2.58 43.62
CA TYR D 372 -3.90 3.74 43.23
C TYR D 372 -5.25 3.78 43.96
N ALA D 373 -5.41 2.92 44.98
CA ALA D 373 -6.64 2.89 45.75
C ALA D 373 -6.83 4.20 46.50
N THR D 374 -8.05 4.76 46.44
CA THR D 374 -8.41 5.97 47.15
C THR D 374 -9.31 5.68 48.35
N HIS D 375 -10.09 4.58 48.30
CA HIS D 375 -11.07 4.29 49.33
C HIS D 375 -11.09 2.80 49.67
N GLN D 376 -11.65 2.47 50.85
CA GLN D 376 -11.77 1.11 51.32
C GLN D 376 -13.22 0.82 51.71
N LEU D 377 -13.67 -0.42 51.46
CA LEU D 377 -14.90 -0.93 52.04
C LEU D 377 -14.53 -1.77 53.26
N VAL D 378 -14.97 -1.34 54.45
CA VAL D 378 -14.53 -1.95 55.70
C VAL D 378 -15.73 -2.10 56.62
N LEU D 379 -15.70 -3.21 57.39
CA LEU D 379 -16.81 -3.60 58.26
C LEU D 379 -16.60 -2.91 59.60
N GLN D 380 -17.50 -1.96 59.92
CA GLN D 380 -17.45 -1.23 61.17
C GLN D 380 -18.79 -1.41 61.88
N ASN D 381 -18.74 -1.79 63.17
CA ASN D 381 -19.91 -2.05 64.00
C ASN D 381 -20.96 -2.81 63.19
N GLY D 382 -20.52 -3.82 62.41
CA GLY D 382 -21.41 -4.77 61.77
C GLY D 382 -22.01 -4.32 60.44
N GLN D 383 -21.61 -3.16 59.90
CA GLN D 383 -22.08 -2.69 58.60
C GLN D 383 -20.88 -2.32 57.72
N TRP D 384 -21.04 -2.48 56.39
CA TRP D 384 -19.97 -2.20 55.43
C TRP D 384 -20.03 -0.72 55.00
N ASN D 385 -18.91 -0.01 55.18
CA ASN D 385 -18.84 1.42 54.92
C ASN D 385 -17.64 1.74 54.03
N ILE D 386 -17.75 2.85 53.28
CA ILE D 386 -16.66 3.36 52.46
C ILE D 386 -15.98 4.50 53.22
N GLU D 387 -14.65 4.40 53.39
CA GLU D 387 -13.85 5.45 54.00
C GLU D 387 -12.58 5.69 53.18
N LYS D 388 -12.02 6.90 53.28
CA LYS D 388 -10.85 7.31 52.50
C LYS D 388 -9.58 6.65 53.05
N ILE D 389 -8.60 6.43 52.16
CA ILE D 389 -7.25 6.03 52.53
C ILE D 389 -7.11 4.53 52.27
N ARG E 6 -17.44 -36.79 -44.97
CA ARG E 6 -18.12 -37.89 -44.22
C ARG E 6 -17.06 -38.71 -43.46
N ASN E 7 -17.49 -39.30 -42.34
CA ASN E 7 -16.72 -40.30 -41.63
C ASN E 7 -17.68 -41.17 -40.83
N ASP E 8 -17.52 -42.49 -40.97
CA ASP E 8 -18.40 -43.45 -40.32
C ASP E 8 -17.61 -44.31 -39.33
N ASP E 9 -16.29 -44.10 -39.26
CA ASP E 9 -15.44 -44.88 -38.38
C ASP E 9 -15.54 -44.33 -36.96
N PRO E 10 -16.01 -45.15 -35.97
CA PRO E 10 -16.09 -44.71 -34.58
C PRO E 10 -14.74 -44.55 -33.87
N ASN E 11 -13.68 -45.18 -34.41
CA ASN E 11 -12.35 -45.10 -33.82
C ASN E 11 -11.42 -44.23 -34.67
N PHE E 12 -12.02 -43.42 -35.57
CA PHE E 12 -11.30 -42.39 -36.30
C PHE E 12 -10.45 -41.59 -35.31
N ASN E 13 -9.17 -41.41 -35.65
CA ASN E 13 -8.22 -40.76 -34.75
C ASN E 13 -8.47 -39.25 -34.78
N VAL E 14 -8.76 -38.70 -33.60
CA VAL E 14 -8.99 -37.28 -33.42
C VAL E 14 -8.17 -36.80 -32.24
N MET E 15 -7.04 -37.48 -31.98
CA MET E 15 -6.24 -37.25 -30.79
C MET E 15 -5.15 -36.23 -31.11
N GLY E 16 -4.56 -35.65 -30.06
CA GLY E 16 -3.43 -34.75 -30.20
C GLY E 16 -3.83 -33.38 -30.76
N ASN E 17 -3.09 -32.94 -31.77
CA ASN E 17 -3.27 -31.61 -32.36
C ASN E 17 -4.48 -31.61 -33.29
N PHE E 18 -5.33 -30.60 -33.15
CA PHE E 18 -6.55 -30.50 -33.94
C PHE E 18 -6.78 -29.04 -34.35
N ASP E 19 -5.69 -28.34 -34.65
CA ASP E 19 -5.75 -26.93 -34.97
C ASP E 19 -6.44 -26.73 -36.32
N HIS E 20 -6.37 -27.76 -37.18
CA HIS E 20 -6.97 -27.73 -38.51
C HIS E 20 -8.49 -27.85 -38.42
N GLY E 21 -9.00 -28.29 -37.26
CA GLY E 21 -10.43 -28.56 -37.09
C GLY E 21 -11.04 -27.83 -35.90
N LEU E 22 -12.22 -28.28 -35.49
CA LEU E 22 -12.96 -27.67 -34.40
C LEU E 22 -13.09 -28.68 -33.27
N THR E 23 -12.84 -28.22 -32.04
CA THR E 23 -13.08 -29.00 -30.84
C THR E 23 -14.33 -28.44 -30.18
N LEU E 24 -15.36 -29.27 -30.07
CA LEU E 24 -16.68 -28.85 -29.62
C LEU E 24 -16.92 -29.40 -28.22
N ALA E 25 -17.12 -28.51 -27.25
CA ALA E 25 -17.33 -28.89 -25.87
C ALA E 25 -18.82 -28.85 -25.55
N LEU E 26 -19.36 -29.98 -25.13
CA LEU E 26 -20.78 -30.07 -24.78
C LEU E 26 -20.92 -30.33 -23.29
N SER E 27 -21.91 -29.66 -22.69
CA SER E 27 -22.38 -29.95 -21.35
C SER E 27 -23.09 -31.31 -21.36
N LYS E 28 -22.76 -32.14 -20.37
CA LYS E 28 -23.22 -33.52 -20.33
C LYS E 28 -24.71 -33.61 -19.96
N ARG E 30 -28.72 -33.25 -20.22
CA ARG E 30 -29.91 -32.63 -20.86
C ARG E 30 -29.48 -31.76 -22.03
N ILE E 31 -28.47 -30.92 -21.84
CA ILE E 31 -28.00 -30.04 -22.89
C ILE E 31 -27.46 -30.88 -24.05
N LEU E 32 -26.77 -31.99 -23.73
CA LEU E 32 -26.28 -32.91 -24.74
C LEU E 32 -27.44 -33.42 -25.58
N LYS E 33 -28.50 -33.89 -24.91
CA LYS E 33 -29.65 -34.50 -25.55
C LYS E 33 -30.26 -33.55 -26.59
N GLU E 34 -30.47 -32.29 -26.21
CA GLU E 34 -31.17 -31.33 -27.05
C GLU E 34 -30.22 -30.73 -28.08
N THR E 35 -28.90 -30.84 -27.85
CA THR E 35 -27.91 -30.26 -28.75
C THR E 35 -27.67 -31.19 -29.94
N LEU E 36 -27.61 -32.50 -29.69
CA LEU E 36 -27.19 -33.47 -30.70
C LEU E 36 -28.08 -33.41 -31.94
N PRO E 37 -29.43 -33.27 -31.83
CA PRO E 37 -30.30 -33.10 -33.00
C PRO E 37 -29.97 -31.87 -33.84
N LEU E 38 -29.65 -30.75 -33.19
CA LEU E 38 -29.26 -29.54 -33.88
C LEU E 38 -27.99 -29.77 -34.69
N LEU E 39 -26.98 -30.37 -34.03
CA LEU E 39 -25.69 -30.67 -34.66
C LEU E 39 -25.88 -31.59 -35.86
N ALA E 40 -26.82 -32.52 -35.77
CA ALA E 40 -27.13 -33.45 -36.86
C ALA E 40 -27.48 -32.69 -38.13
N THR E 41 -28.16 -31.53 -37.99
CA THR E 41 -28.53 -30.70 -39.12
C THR E 41 -27.28 -30.14 -39.82
N ALA E 42 -26.17 -30.02 -39.08
CA ALA E 42 -24.91 -29.59 -39.67
C ALA E 42 -24.02 -30.77 -40.07
N GLY E 43 -24.59 -31.98 -40.09
CA GLY E 43 -23.87 -33.18 -40.50
C GLY E 43 -22.84 -33.63 -39.46
N ILE E 44 -23.12 -33.34 -38.18
CA ILE E 44 -22.23 -33.70 -37.09
C ILE E 44 -22.99 -34.59 -36.10
N ASN E 45 -22.60 -35.87 -36.07
CA ASN E 45 -23.22 -36.85 -35.19
C ASN E 45 -22.13 -37.66 -34.49
N LEU E 46 -22.42 -38.10 -33.27
CA LEU E 46 -21.60 -39.09 -32.58
C LEU E 46 -21.76 -40.44 -33.26
N LEU E 47 -20.79 -41.32 -33.04
CA LEU E 47 -20.78 -42.65 -33.62
C LEU E 47 -20.78 -43.70 -32.52
N GLU E 48 -21.21 -43.30 -31.31
CA GLU E 48 -21.47 -44.22 -30.21
C GLU E 48 -22.20 -43.46 -29.10
N ASP E 49 -22.72 -44.21 -28.12
CA ASP E 49 -23.43 -43.64 -26.99
C ASP E 49 -22.40 -43.23 -25.93
N PRO E 50 -22.28 -41.93 -25.60
CA PRO E 50 -21.31 -41.47 -24.60
C PRO E 50 -21.47 -42.12 -23.22
N GLU E 51 -22.73 -42.30 -22.79
CA GLU E 51 -23.04 -42.74 -21.44
C GLU E 51 -22.48 -44.15 -21.20
N LYS E 52 -22.30 -44.93 -22.28
CA LYS E 52 -21.75 -46.28 -22.18
C LYS E 52 -20.44 -46.35 -22.96
N SER E 53 -19.57 -45.34 -22.79
CA SER E 53 -18.32 -45.31 -23.53
C SER E 53 -17.20 -44.71 -22.70
N ARG E 54 -15.97 -45.07 -23.06
CA ARG E 54 -14.77 -44.77 -22.28
C ARG E 54 -13.95 -43.65 -22.92
N LYS E 55 -14.25 -43.32 -24.19
CA LYS E 55 -13.51 -42.29 -24.92
C LYS E 55 -13.75 -40.91 -24.31
N ILE E 57 -13.13 -38.07 -25.24
CA ILE E 57 -12.94 -37.34 -26.52
C ILE E 57 -13.48 -38.19 -27.68
N PHE E 58 -14.41 -37.62 -28.44
CA PHE E 58 -15.20 -38.40 -29.39
C PHE E 58 -14.99 -37.87 -30.79
N PRO E 59 -14.79 -38.74 -31.81
CA PRO E 59 -14.87 -38.31 -33.21
C PRO E 59 -16.33 -38.14 -33.62
N THR E 60 -16.55 -37.62 -34.84
CA THR E 60 -17.90 -37.38 -35.34
C THR E 60 -18.01 -37.84 -36.78
N THR E 61 -19.21 -37.68 -37.36
CA THR E 61 -19.43 -37.94 -38.78
C THR E 61 -18.72 -36.91 -39.64
N HIS E 62 -18.19 -35.86 -39.02
CA HIS E 62 -17.37 -34.86 -39.69
C HIS E 62 -15.92 -35.01 -39.21
N LYS E 63 -14.99 -35.06 -40.18
CA LYS E 63 -13.61 -35.44 -39.92
C LYS E 63 -12.86 -34.31 -39.20
N GLN E 64 -13.36 -33.08 -39.33
CA GLN E 64 -12.72 -31.91 -38.75
C GLN E 64 -13.51 -31.41 -37.54
N VAL E 65 -14.33 -32.28 -36.94
CA VAL E 65 -15.01 -31.95 -35.70
C VAL E 65 -14.86 -33.11 -34.73
N ARG E 66 -14.39 -32.82 -33.52
CA ARG E 66 -14.33 -33.77 -32.43
C ARG E 66 -15.07 -33.17 -31.25
N ILE E 67 -15.56 -34.03 -30.35
CA ILE E 67 -16.43 -33.59 -29.28
C ILE E 67 -15.82 -33.95 -27.93
N LEU E 68 -15.90 -32.99 -27.00
CA LEU E 68 -15.60 -33.21 -25.61
C LEU E 68 -16.90 -33.13 -24.82
N ILE E 69 -17.02 -34.02 -23.83
CA ILE E 69 -18.17 -34.01 -22.96
C ILE E 69 -17.69 -33.60 -21.57
N LEU E 70 -18.09 -32.38 -21.16
CA LEU E 70 -17.56 -31.73 -19.98
C LEU E 70 -18.69 -31.51 -18.99
N ARG E 71 -18.31 -31.35 -17.71
CA ARG E 71 -19.18 -30.72 -16.74
C ARG E 71 -19.42 -29.29 -17.20
N ALA E 72 -20.65 -28.79 -16.99
CA ALA E 72 -21.08 -27.51 -17.55
C ALA E 72 -20.12 -26.40 -17.13
N SER E 73 -19.64 -26.45 -15.88
CA SER E 73 -18.75 -25.43 -15.33
C SER E 73 -17.47 -25.29 -16.15
N ASP E 74 -17.01 -26.38 -16.76
CA ASP E 74 -15.73 -26.37 -17.45
C ASP E 74 -15.87 -25.83 -18.88
N VAL E 75 -17.10 -25.71 -19.41
CA VAL E 75 -17.27 -25.40 -20.83
C VAL E 75 -16.68 -24.00 -21.11
N PRO E 76 -17.05 -22.94 -20.37
CA PRO E 76 -16.46 -21.61 -20.60
C PRO E 76 -14.94 -21.58 -20.44
N THR E 77 -14.44 -22.30 -19.42
CA THR E 77 -13.01 -22.40 -19.18
C THR E 77 -12.31 -22.96 -20.43
N TYR E 78 -12.81 -24.09 -20.95
CA TYR E 78 -12.20 -24.74 -22.09
C TYR E 78 -12.26 -23.82 -23.31
N VAL E 79 -13.41 -23.17 -23.53
CA VAL E 79 -13.62 -22.38 -24.73
C VAL E 79 -12.74 -21.13 -24.69
N GLU E 80 -12.70 -20.42 -23.56
CA GLU E 80 -11.98 -19.17 -23.51
C GLU E 80 -10.48 -19.42 -23.64
N ASN E 81 -10.01 -20.58 -23.13
CA ASN E 81 -8.60 -20.95 -23.19
C ASN E 81 -8.21 -21.51 -24.55
N GLY E 82 -9.19 -21.86 -25.38
CA GLY E 82 -8.91 -22.38 -26.72
C GLY E 82 -8.62 -23.89 -26.72
N ALA E 83 -8.91 -24.58 -25.61
CA ALA E 83 -8.85 -26.04 -25.57
C ALA E 83 -10.06 -26.62 -26.31
N ALA E 84 -11.15 -25.84 -26.37
CA ALA E 84 -12.22 -26.06 -27.31
C ALA E 84 -12.41 -24.80 -28.14
N ASP E 85 -12.72 -24.97 -29.43
CA ASP E 85 -12.94 -23.87 -30.35
C ASP E 85 -14.32 -23.27 -30.11
N LEU E 86 -15.29 -24.13 -29.73
CA LEU E 86 -16.63 -23.67 -29.41
C LEU E 86 -17.30 -24.68 -28.47
N GLY E 87 -18.35 -24.22 -27.79
CA GLY E 87 -19.02 -25.05 -26.81
C GLY E 87 -20.46 -24.60 -26.57
N VAL E 88 -21.19 -25.44 -25.82
CA VAL E 88 -22.58 -25.15 -25.45
C VAL E 88 -22.66 -25.05 -23.93
N ALA E 89 -23.10 -23.89 -23.45
CA ALA E 89 -23.21 -23.62 -22.03
C ALA E 89 -24.47 -22.81 -21.77
N GLY E 90 -25.06 -23.03 -20.59
CA GLY E 90 -26.17 -22.20 -20.12
C GLY E 90 -25.73 -20.75 -19.95
N LYS E 91 -26.68 -19.84 -20.23
CA LYS E 91 -26.46 -18.41 -20.08
C LYS E 91 -26.03 -18.10 -18.64
N ASP E 92 -26.61 -18.84 -17.69
CA ASP E 92 -26.30 -18.68 -16.27
C ASP E 92 -24.84 -19.00 -16.00
N VAL E 93 -24.36 -20.13 -16.53
CA VAL E 93 -22.99 -20.58 -16.27
C VAL E 93 -22.02 -19.62 -16.94
N LEU E 94 -22.33 -19.26 -18.20
CA LEU E 94 -21.49 -18.35 -18.97
C LEU E 94 -21.30 -17.04 -18.23
N MET E 95 -22.42 -16.41 -17.83
CA MET E 95 -22.36 -15.07 -17.28
C MET E 95 -21.74 -15.09 -15.88
N GLU E 96 -21.88 -16.20 -15.15
CA GLU E 96 -21.30 -16.32 -13.82
C GLU E 96 -19.78 -16.49 -13.92
N HIS E 97 -19.34 -17.26 -14.91
CA HIS E 97 -17.92 -17.46 -15.14
C HIS E 97 -17.29 -16.14 -15.60
N GLY E 98 -18.00 -15.41 -16.45
CA GLY E 98 -17.46 -14.26 -17.16
C GLY E 98 -17.39 -14.55 -18.65
N ALA E 99 -18.01 -13.66 -19.44
CA ALA E 99 -18.28 -13.90 -20.85
C ALA E 99 -17.34 -13.09 -21.74
N GLN E 100 -16.35 -12.43 -21.13
CA GLN E 100 -15.58 -11.38 -21.79
C GLN E 100 -14.63 -11.96 -22.83
N HIS E 101 -14.27 -13.24 -22.72
CA HIS E 101 -13.21 -13.80 -23.55
C HIS E 101 -13.76 -14.82 -24.54
N VAL E 102 -15.08 -14.81 -24.77
CA VAL E 102 -15.68 -15.66 -25.79
C VAL E 102 -16.71 -14.85 -26.56
N TYR E 103 -17.15 -15.42 -27.68
CA TYR E 103 -18.24 -14.85 -28.46
C TYR E 103 -19.47 -15.72 -28.29
N GLU E 104 -20.61 -15.09 -27.98
CA GLU E 104 -21.88 -15.79 -27.79
C GLU E 104 -22.73 -15.60 -29.05
N LEU E 105 -22.57 -16.51 -30.02
CA LEU E 105 -23.07 -16.30 -31.38
C LEU E 105 -24.55 -16.68 -31.52
N LEU E 106 -25.01 -17.72 -30.81
CA LEU E 106 -26.35 -18.25 -31.00
C LEU E 106 -27.04 -18.51 -29.66
N ASP E 107 -28.33 -18.14 -29.61
CA ASP E 107 -29.24 -18.70 -28.63
C ASP E 107 -29.86 -19.96 -29.22
N LEU E 108 -29.48 -21.11 -28.65
CA LEU E 108 -29.95 -22.40 -29.13
C LEU E 108 -31.38 -22.66 -28.63
N GLN E 109 -31.86 -21.85 -27.69
CA GLN E 109 -33.23 -21.87 -27.22
C GLN E 109 -33.57 -23.24 -26.64
N ILE E 110 -32.62 -23.84 -25.92
CA ILE E 110 -32.85 -25.11 -25.26
C ILE E 110 -32.49 -24.98 -23.78
N ALA E 111 -33.03 -25.90 -22.97
CA ALA E 111 -32.85 -25.86 -21.52
C ALA E 111 -33.26 -24.50 -20.97
N LYS E 112 -34.45 -24.04 -21.36
CA LYS E 112 -34.94 -22.73 -20.96
C LYS E 112 -35.32 -22.76 -19.48
N CYS E 113 -34.92 -21.72 -18.75
CA CYS E 113 -35.39 -21.51 -17.38
C CYS E 113 -35.18 -20.04 -17.03
N LYS E 114 -35.32 -19.69 -15.75
CA LYS E 114 -35.13 -18.32 -15.29
C LYS E 114 -34.24 -18.32 -14.05
N LEU E 115 -33.29 -17.38 -14.01
CA LEU E 115 -32.53 -17.10 -12.79
C LEU E 115 -33.37 -16.17 -11.92
N MET E 116 -33.62 -16.55 -10.67
CA MET E 116 -34.58 -15.84 -9.83
C MET E 116 -34.06 -15.73 -8.39
N THR E 117 -34.60 -14.76 -7.64
CA THR E 117 -34.51 -14.79 -6.18
C THR E 117 -35.64 -15.67 -5.64
N ALA E 118 -35.47 -16.12 -4.39
CA ALA E 118 -36.48 -16.95 -3.74
C ALA E 118 -36.25 -16.98 -2.24
N GLY E 119 -37.35 -17.18 -1.50
CA GLY E 119 -37.30 -17.27 -0.05
C GLY E 119 -38.53 -17.96 0.54
N LYS E 120 -38.58 -18.03 1.87
CA LYS E 120 -39.68 -18.64 2.59
C LYS E 120 -40.97 -17.87 2.32
N VAL E 121 -42.07 -18.61 2.10
CA VAL E 121 -43.33 -18.05 1.67
C VAL E 121 -43.74 -16.95 2.65
N GLY E 122 -43.90 -15.74 2.11
CA GLY E 122 -44.47 -14.62 2.84
C GLY E 122 -43.59 -14.10 3.98
N MET E 123 -42.29 -14.42 3.96
CA MET E 123 -41.40 -13.99 5.02
C MET E 123 -41.19 -12.49 4.89
N GLU E 124 -41.17 -11.79 6.03
CA GLU E 124 -40.86 -10.37 6.06
C GLU E 124 -39.38 -10.17 5.73
N ARG E 125 -39.08 -9.12 4.95
CA ARG E 125 -37.71 -8.72 4.67
C ARG E 125 -37.00 -8.43 5.99
N PRO E 126 -35.86 -9.09 6.30
CA PRO E 126 -35.11 -8.77 7.51
C PRO E 126 -34.43 -7.40 7.43
N LYS E 127 -34.18 -6.80 8.60
CA LYS E 127 -33.45 -5.54 8.67
C LYS E 127 -31.96 -5.83 8.53
N GLY E 128 -31.22 -4.88 7.95
CA GLY E 128 -29.79 -5.02 7.77
C GLY E 128 -29.45 -5.71 6.45
N ARG E 129 -28.17 -6.01 6.27
CA ARG E 129 -27.67 -6.52 5.00
C ARG E 129 -28.11 -7.97 4.83
N LEU E 130 -28.73 -8.26 3.69
CA LEU E 130 -29.24 -9.58 3.39
C LEU E 130 -28.07 -10.53 3.17
N LYS E 131 -28.30 -11.81 3.48
CA LYS E 131 -27.38 -12.87 3.16
C LYS E 131 -28.02 -13.75 2.08
N ILE E 132 -27.32 -13.92 0.95
CA ILE E 132 -27.83 -14.71 -0.15
C ILE E 132 -27.00 -15.98 -0.27
N ALA E 133 -27.67 -17.14 -0.29
CA ALA E 133 -27.01 -18.40 -0.61
C ALA E 133 -27.25 -18.70 -2.10
N THR E 134 -26.17 -19.04 -2.83
CA THR E 134 -26.23 -19.16 -4.27
C THR E 134 -24.97 -19.84 -4.77
N LYS E 135 -25.04 -20.39 -5.99
CA LYS E 135 -23.84 -20.79 -6.71
C LYS E 135 -23.43 -19.68 -7.67
N TYR E 136 -24.30 -18.67 -7.83
CA TYR E 136 -24.11 -17.59 -8.78
C TYR E 136 -23.70 -16.32 -8.02
N VAL E 137 -22.48 -16.33 -7.48
CA VAL E 137 -22.00 -15.28 -6.59
C VAL E 137 -21.96 -13.94 -7.33
N ASN E 138 -21.42 -13.93 -8.56
CA ASN E 138 -21.24 -12.69 -9.29
C ASN E 138 -22.57 -12.13 -9.78
N LEU E 139 -23.42 -13.01 -10.32
CA LEU E 139 -24.71 -12.59 -10.85
C LEU E 139 -25.58 -12.04 -9.74
N THR E 140 -25.48 -12.62 -8.53
CA THR E 140 -26.22 -12.16 -7.38
C THR E 140 -25.82 -10.72 -7.07
N ARG E 141 -24.51 -10.43 -7.05
CA ARG E 141 -24.01 -9.11 -6.70
C ARG E 141 -24.43 -8.07 -7.74
N GLN E 142 -24.35 -8.41 -9.03
CA GLN E 142 -24.73 -7.50 -10.09
C GLN E 142 -26.23 -7.19 -10.01
N TYR E 143 -27.03 -8.22 -9.70
CA TYR E 143 -28.47 -8.03 -9.67
C TYR E 143 -28.84 -7.06 -8.55
N TYR E 144 -28.32 -7.32 -7.34
CA TYR E 144 -28.63 -6.49 -6.19
C TYR E 144 -28.09 -5.08 -6.41
N ALA E 145 -26.94 -4.97 -7.10
CA ALA E 145 -26.34 -3.68 -7.39
C ALA E 145 -27.25 -2.86 -8.29
N SER E 146 -27.92 -3.50 -9.24
CA SER E 146 -28.82 -2.81 -10.15
C SER E 146 -30.01 -2.20 -9.40
N LEU E 147 -30.32 -2.73 -8.20
CA LEU E 147 -31.38 -2.19 -7.36
C LEU E 147 -30.83 -1.14 -6.38
N GLY E 148 -29.55 -0.79 -6.50
CA GLY E 148 -28.90 0.09 -5.55
C GLY E 148 -28.61 -0.60 -4.22
N GLU E 149 -28.46 -1.93 -4.23
CA GLU E 149 -28.34 -2.72 -3.01
C GLU E 149 -27.11 -3.62 -3.03
N GLN E 150 -26.78 -4.14 -1.85
CA GLN E 150 -25.50 -4.79 -1.58
C GLN E 150 -25.74 -5.93 -0.59
N VAL E 151 -25.11 -7.09 -0.78
CA VAL E 151 -25.42 -8.25 0.05
C VAL E 151 -24.17 -9.02 0.44
N ASP E 152 -24.31 -9.81 1.52
CA ASP E 152 -23.40 -10.90 1.82
C ASP E 152 -23.83 -12.13 1.03
N VAL E 153 -22.87 -12.97 0.69
CA VAL E 153 -23.12 -14.18 -0.09
C VAL E 153 -22.43 -15.35 0.59
N ILE E 154 -23.07 -16.52 0.56
CA ILE E 154 -22.37 -17.76 0.84
C ILE E 154 -22.47 -18.64 -0.40
N LYS E 155 -21.31 -19.07 -0.90
CA LYS E 155 -21.24 -19.88 -2.10
C LYS E 155 -21.57 -21.32 -1.74
N LEU E 156 -22.62 -21.88 -2.36
CA LEU E 156 -22.96 -23.28 -2.25
C LEU E 156 -23.00 -23.86 -3.65
N TYR E 157 -22.93 -25.20 -3.73
CA TYR E 157 -22.77 -25.90 -4.99
C TYR E 157 -24.06 -26.60 -5.41
N GLY E 158 -24.97 -26.89 -4.45
CA GLY E 158 -26.23 -27.52 -4.80
C GLY E 158 -27.25 -27.48 -3.67
N SER E 159 -28.39 -28.16 -3.92
CA SER E 159 -29.52 -28.20 -3.01
C SER E 159 -29.78 -26.83 -2.39
N MET E 160 -29.99 -25.84 -3.26
CA MET E 160 -30.10 -24.44 -2.86
C MET E 160 -31.34 -24.19 -2.00
N GLU E 161 -32.39 -24.98 -2.20
CA GLU E 161 -33.64 -24.81 -1.49
C GLU E 161 -33.48 -25.08 0.01
N LEU E 162 -32.42 -25.82 0.39
CA LEU E 162 -32.15 -26.14 1.79
C LEU E 162 -31.65 -24.91 2.57
N ALA E 163 -30.93 -24.00 1.90
CA ALA E 163 -30.13 -22.99 2.58
C ALA E 163 -30.99 -22.19 3.56
N PRO E 164 -32.16 -21.63 3.14
CA PRO E 164 -33.00 -20.88 4.07
C PRO E 164 -33.54 -21.70 5.24
N LEU E 165 -33.78 -23.00 5.00
CA LEU E 165 -34.38 -23.88 6.01
C LEU E 165 -33.39 -24.17 7.14
N VAL E 166 -32.07 -24.10 6.87
CA VAL E 166 -31.07 -24.37 7.90
C VAL E 166 -30.27 -23.10 8.22
N GLY E 167 -30.76 -21.93 7.80
CA GLY E 167 -30.25 -20.66 8.27
C GLY E 167 -28.94 -20.21 7.63
N LEU E 168 -28.65 -20.67 6.41
CA LEU E 168 -27.43 -20.28 5.72
C LEU E 168 -27.65 -18.99 4.94
N GLY E 169 -28.90 -18.66 4.64
CA GLY E 169 -29.20 -17.40 3.94
C GLY E 169 -30.63 -16.94 4.21
N ASP E 170 -30.88 -15.65 3.96
CA ASP E 170 -32.21 -15.08 4.05
C ASP E 170 -32.98 -15.39 2.76
N TYR E 171 -32.26 -15.39 1.63
CA TYR E 171 -32.83 -15.65 0.33
C TYR E 171 -31.84 -16.49 -0.48
N ILE E 172 -32.30 -17.02 -1.62
CA ILE E 172 -31.41 -17.70 -2.54
C ILE E 172 -31.54 -17.06 -3.91
N VAL E 173 -30.49 -17.27 -4.72
CA VAL E 173 -30.52 -17.01 -6.15
C VAL E 173 -30.17 -18.32 -6.85
N ASP E 174 -31.05 -18.76 -7.77
CA ASP E 174 -30.94 -20.06 -8.39
C ASP E 174 -31.78 -20.05 -9.66
N VAL E 175 -31.53 -21.03 -10.53
CA VAL E 175 -32.33 -21.20 -11.73
C VAL E 175 -33.63 -21.90 -11.35
N VAL E 176 -34.74 -21.44 -11.95
CA VAL E 176 -36.07 -21.95 -11.65
C VAL E 176 -36.76 -22.27 -12.97
N ASP E 177 -37.27 -23.50 -13.09
CA ASP E 177 -38.11 -23.92 -14.20
C ASP E 177 -39.54 -24.08 -13.70
N GLY E 179 -40.21 -24.85 -10.60
CA GLY E 179 -40.61 -24.02 -9.44
C GLY E 179 -41.37 -24.84 -8.40
N ASN E 180 -41.52 -26.15 -8.66
CA ASN E 180 -42.27 -27.04 -7.78
C ASN E 180 -41.37 -27.47 -6.63
N THR E 181 -40.06 -27.61 -6.89
CA THR E 181 -39.11 -27.95 -5.85
C THR E 181 -39.16 -26.90 -4.75
N LEU E 182 -39.35 -25.62 -5.14
CA LEU E 182 -39.44 -24.52 -4.19
C LEU E 182 -40.72 -24.63 -3.38
N ARG E 183 -41.87 -24.64 -4.08
CA ARG E 183 -43.18 -24.70 -3.45
C ARG E 183 -43.22 -25.88 -2.47
N ALA E 184 -42.60 -27.00 -2.86
CA ALA E 184 -42.57 -28.21 -2.05
C ALA E 184 -41.97 -27.93 -0.68
N ASN E 185 -40.86 -27.18 -0.66
CA ASN E 185 -40.06 -27.02 0.55
C ASN E 185 -40.34 -25.67 1.22
N GLY E 186 -41.51 -25.07 0.92
CA GLY E 186 -41.99 -23.90 1.64
C GLY E 186 -41.34 -22.60 1.17
N LEU E 187 -40.71 -22.65 -0.01
CA LEU E 187 -40.12 -21.48 -0.64
C LEU E 187 -41.05 -20.98 -1.74
N GLU E 188 -40.81 -19.74 -2.20
CA GLU E 188 -41.54 -19.22 -3.35
C GLU E 188 -40.56 -18.45 -4.24
N PRO E 189 -40.73 -18.49 -5.58
CA PRO E 189 -39.99 -17.60 -6.47
C PRO E 189 -40.42 -16.15 -6.26
N LEU E 190 -39.45 -15.23 -6.24
CA LEU E 190 -39.74 -13.82 -6.00
C LEU E 190 -39.53 -13.03 -7.28
N GLU E 191 -38.28 -12.64 -7.56
CA GLU E 191 -37.98 -11.77 -8.69
C GLU E 191 -37.25 -12.54 -9.78
N GLU E 192 -37.57 -12.20 -11.04
CA GLU E 192 -36.86 -12.71 -12.19
C GLU E 192 -35.63 -11.85 -12.43
N ILE E 193 -34.45 -12.48 -12.45
CA ILE E 193 -33.21 -11.76 -12.70
C ILE E 193 -32.94 -11.75 -14.20
N CYS E 194 -33.02 -12.92 -14.84
CA CYS E 194 -32.95 -12.97 -16.30
C CYS E 194 -33.45 -14.31 -16.83
N LYS E 195 -33.71 -14.34 -18.14
CA LYS E 195 -34.07 -15.55 -18.86
C LYS E 195 -32.80 -16.33 -19.18
N VAL E 196 -32.85 -17.65 -19.02
CA VAL E 196 -31.69 -18.52 -19.18
C VAL E 196 -31.99 -19.56 -20.25
N SER E 197 -31.02 -19.78 -21.14
CA SER E 197 -31.07 -20.84 -22.13
C SER E 197 -29.65 -21.19 -22.53
N SER E 198 -29.48 -22.33 -23.22
CA SER E 198 -28.17 -22.76 -23.68
C SER E 198 -27.72 -21.91 -24.87
N ARG E 199 -26.42 -21.65 -24.92
CA ARG E 199 -25.83 -20.75 -25.89
C ARG E 199 -24.60 -21.42 -26.52
N LEU E 200 -24.36 -21.08 -27.79
CA LEU E 200 -23.14 -21.46 -28.48
C LEU E 200 -22.10 -20.36 -28.30
N ILE E 201 -21.02 -20.68 -27.57
CA ILE E 201 -19.92 -19.76 -27.39
C ILE E 201 -18.73 -20.19 -28.24
N VAL E 202 -17.94 -19.22 -28.71
CA VAL E 202 -16.81 -19.49 -29.57
C VAL E 202 -15.57 -18.78 -29.01
N ASN E 203 -14.44 -19.47 -29.06
CA ASN E 203 -13.15 -18.91 -28.72
C ASN E 203 -12.84 -17.78 -29.71
N LYS E 204 -12.30 -16.66 -29.21
CA LYS E 204 -12.12 -15.48 -30.04
C LYS E 204 -11.12 -15.76 -31.15
N ALA E 205 -9.97 -16.34 -30.80
CA ALA E 205 -8.93 -16.66 -31.76
C ALA E 205 -9.48 -17.61 -32.82
N SER E 206 -10.18 -18.67 -32.39
CA SER E 206 -10.78 -19.61 -33.33
C SER E 206 -11.72 -18.89 -34.29
N PHE E 207 -12.56 -18.00 -33.78
CA PHE E 207 -13.52 -17.29 -34.61
C PHE E 207 -12.79 -16.49 -35.69
N LYS E 208 -11.67 -15.87 -35.32
CA LYS E 208 -10.96 -14.99 -36.23
C LYS E 208 -10.24 -15.78 -37.33
N ARG E 209 -9.71 -16.97 -37.01
CA ARG E 209 -8.85 -17.66 -37.96
C ARG E 209 -9.50 -18.91 -38.55
N LYS E 210 -10.70 -19.30 -38.11
CA LYS E 210 -11.31 -20.52 -38.64
C LYS E 210 -12.70 -20.23 -39.21
N GLN E 211 -12.86 -19.09 -39.87
CA GLN E 211 -14.14 -18.67 -40.43
C GLN E 211 -14.63 -19.71 -41.44
N VAL E 212 -13.72 -20.18 -42.31
CA VAL E 212 -14.06 -21.08 -43.39
C VAL E 212 -14.81 -22.29 -42.83
N LEU E 213 -14.33 -22.83 -41.71
CA LEU E 213 -14.91 -24.02 -41.14
C LEU E 213 -16.11 -23.68 -40.24
N LEU E 214 -16.04 -22.57 -39.50
CA LEU E 214 -17.08 -22.21 -38.53
C LEU E 214 -18.35 -21.73 -39.23
N ASN E 215 -18.19 -20.84 -40.22
CA ASN E 215 -19.28 -20.03 -40.74
C ASN E 215 -20.43 -20.93 -41.20
N PRO E 216 -20.20 -21.97 -42.06
CA PRO E 216 -21.27 -22.86 -42.50
C PRO E 216 -21.93 -23.68 -41.39
N ILE E 217 -21.13 -24.12 -40.40
CA ILE E 217 -21.66 -24.93 -39.31
C ILE E 217 -22.56 -24.07 -38.42
N ILE E 218 -22.14 -22.82 -38.18
CA ILE E 218 -22.89 -21.90 -37.33
C ILE E 218 -24.21 -21.54 -38.03
N SER E 219 -24.14 -21.31 -39.34
CA SER E 219 -25.32 -20.96 -40.12
C SER E 219 -26.35 -22.08 -40.09
N GLN E 220 -25.88 -23.34 -40.14
CA GLN E 220 -26.75 -24.50 -40.16
C GLN E 220 -27.42 -24.68 -38.81
N LEU E 221 -26.67 -24.44 -37.72
CA LEU E 221 -27.21 -24.48 -36.36
C LEU E 221 -28.27 -23.41 -36.19
N GLU E 222 -28.03 -22.24 -36.77
CA GLU E 222 -28.97 -21.12 -36.71
C GLU E 222 -30.28 -21.53 -37.40
N GLN E 223 -30.18 -22.05 -38.63
CA GLN E 223 -31.34 -22.49 -39.39
C GLN E 223 -32.14 -23.53 -38.62
N ALA E 224 -31.42 -24.49 -38.01
CA ALA E 224 -32.01 -25.58 -37.24
C ALA E 224 -32.85 -25.04 -36.09
N VAL E 225 -32.38 -23.98 -35.44
CA VAL E 225 -33.05 -23.45 -34.26
C VAL E 225 -34.32 -22.71 -34.67
N GLN E 226 -34.29 -22.00 -35.81
CA GLN E 226 -35.40 -21.16 -36.24
C GLN E 226 -36.63 -22.02 -36.52
N SER E 227 -36.42 -23.27 -36.95
CA SER E 227 -37.48 -24.26 -37.05
C SER E 227 -37.69 -24.90 -35.67
N VAL F 5 -36.62 -42.84 21.76
CA VAL F 5 -35.47 -42.64 20.83
C VAL F 5 -35.78 -43.28 19.47
N ARG F 6 -36.38 -44.48 19.47
CA ARG F 6 -36.74 -45.18 18.24
C ARG F 6 -37.84 -44.39 17.50
N ASN F 7 -37.83 -44.51 16.16
CA ASN F 7 -38.86 -43.91 15.33
C ASN F 7 -38.95 -44.66 14.01
N ASP F 8 -40.18 -45.04 13.64
CA ASP F 8 -40.41 -45.80 12.41
C ASP F 8 -41.30 -44.99 11.46
N ASP F 9 -41.74 -43.80 11.89
CA ASP F 9 -42.61 -42.95 11.09
C ASP F 9 -41.77 -42.23 10.03
N PRO F 10 -42.04 -42.45 8.72
CA PRO F 10 -41.30 -41.76 7.66
C PRO F 10 -41.63 -40.26 7.51
N ASN F 11 -42.77 -39.83 8.06
CA ASN F 11 -43.21 -38.44 7.97
C ASN F 11 -43.07 -37.75 9.33
N PHE F 12 -42.31 -38.36 10.25
CA PHE F 12 -41.94 -37.73 11.50
C PHE F 12 -41.41 -36.32 11.20
N ASN F 13 -41.92 -35.32 11.94
CA ASN F 13 -41.58 -33.94 11.68
C ASN F 13 -40.19 -33.66 12.24
N VAL F 14 -39.29 -33.23 11.35
CA VAL F 14 -37.93 -32.87 11.70
C VAL F 14 -37.59 -31.51 11.10
N MET F 15 -38.62 -30.68 10.90
CA MET F 15 -38.49 -29.43 10.19
C MET F 15 -38.23 -28.29 11.18
N GLY F 16 -37.77 -27.15 10.64
CA GLY F 16 -37.58 -25.95 11.44
C GLY F 16 -36.33 -26.04 12.31
N ASN F 17 -36.52 -25.68 13.59
CA ASN F 17 -35.42 -25.61 14.56
C ASN F 17 -35.10 -27.02 15.04
N PHE F 18 -33.81 -27.35 15.06
CA PHE F 18 -33.36 -28.67 15.48
C PHE F 18 -32.09 -28.52 16.33
N ASP F 19 -32.04 -27.47 17.15
CA ASP F 19 -30.90 -27.22 18.01
C ASP F 19 -30.83 -28.29 19.11
N HIS F 20 -31.97 -28.89 19.43
CA HIS F 20 -32.06 -29.92 20.45
C HIS F 20 -31.51 -31.25 19.92
N GLY F 21 -31.32 -31.36 18.61
CA GLY F 21 -30.87 -32.61 17.99
C GLY F 21 -29.65 -32.40 17.09
N LEU F 22 -29.38 -33.40 16.25
CA LEU F 22 -28.23 -33.41 15.37
C LEU F 22 -28.71 -33.39 13.92
N THR F 23 -28.10 -32.50 13.12
CA THR F 23 -28.34 -32.46 11.68
C THR F 23 -27.12 -33.08 11.00
N LEU F 24 -27.35 -34.20 10.29
CA LEU F 24 -26.28 -35.00 9.71
C LEU F 24 -26.27 -34.80 8.19
N ALA F 25 -25.14 -34.28 7.68
CA ALA F 25 -24.99 -34.01 6.26
C ALA F 25 -24.22 -35.14 5.59
N LEU F 26 -24.81 -35.76 4.57
CA LEU F 26 -24.18 -36.86 3.87
C LEU F 26 -23.87 -36.44 2.43
N SER F 27 -22.71 -36.88 1.92
CA SER F 27 -22.34 -36.72 0.53
C SER F 27 -23.17 -37.68 -0.30
N LYS F 28 -23.75 -37.21 -1.41
CA LYS F 28 -24.57 -38.05 -2.29
C LYS F 28 -23.65 -38.92 -3.14
N GLY F 29 -24.26 -39.82 -3.94
CA GLY F 29 -23.55 -40.62 -4.91
C GLY F 29 -22.96 -41.91 -4.34
N ARG F 30 -21.66 -42.12 -4.57
CA ARG F 30 -21.00 -43.37 -4.19
C ARG F 30 -20.82 -43.41 -2.68
N ILE F 31 -20.44 -42.27 -2.10
CA ILE F 31 -20.21 -42.13 -0.68
C ILE F 31 -21.52 -42.46 0.07
N LEU F 32 -22.64 -41.99 -0.45
CA LEU F 32 -23.95 -42.25 0.13
C LEU F 32 -24.20 -43.75 0.21
N LYS F 33 -23.95 -44.44 -0.92
CA LYS F 33 -24.21 -45.87 -1.04
C LYS F 33 -23.47 -46.65 0.04
N GLU F 34 -22.17 -46.35 0.23
CA GLU F 34 -21.33 -47.10 1.14
C GLU F 34 -21.53 -46.63 2.59
N THR F 35 -22.08 -45.42 2.77
CA THR F 35 -22.26 -44.85 4.10
C THR F 35 -23.51 -45.41 4.76
N LEU F 36 -24.61 -45.54 3.99
CA LEU F 36 -25.92 -45.83 4.57
C LEU F 36 -25.90 -47.16 5.33
N PRO F 37 -25.26 -48.24 4.81
CA PRO F 37 -25.17 -49.51 5.54
C PRO F 37 -24.44 -49.40 6.87
N LEU F 38 -23.34 -48.62 6.89
CA LEU F 38 -22.57 -48.40 8.08
C LEU F 38 -23.42 -47.73 9.16
N LEU F 39 -24.13 -46.65 8.77
CA LEU F 39 -24.98 -45.89 9.67
C LEU F 39 -26.08 -46.77 10.25
N ALA F 40 -26.61 -47.68 9.40
CA ALA F 40 -27.65 -48.60 9.83
C ALA F 40 -27.21 -49.40 11.05
N THR F 41 -25.93 -49.79 11.09
CA THR F 41 -25.39 -50.60 12.16
C THR F 41 -25.37 -49.81 13.47
N ALA F 42 -25.31 -48.47 13.36
CA ALA F 42 -25.34 -47.58 14.53
C ALA F 42 -26.76 -47.12 14.83
N GLY F 43 -27.77 -47.76 14.22
CA GLY F 43 -29.16 -47.48 14.51
C GLY F 43 -29.63 -46.16 13.93
N ILE F 44 -29.00 -45.73 12.81
CA ILE F 44 -29.40 -44.53 12.11
C ILE F 44 -29.75 -44.90 10.67
N ASN F 45 -31.06 -44.90 10.37
CA ASN F 45 -31.51 -45.39 9.08
C ASN F 45 -32.54 -44.41 8.52
N LEU F 46 -32.49 -44.24 7.19
CA LEU F 46 -33.54 -43.57 6.47
C LEU F 46 -34.77 -44.47 6.46
N LEU F 47 -35.93 -43.84 6.23
CA LEU F 47 -37.20 -44.53 6.21
C LEU F 47 -37.85 -44.37 4.84
N GLU F 48 -37.03 -44.00 3.84
CA GLU F 48 -37.43 -43.83 2.46
C GLU F 48 -36.21 -44.09 1.58
N ASP F 49 -36.45 -44.34 0.29
CA ASP F 49 -35.40 -44.25 -0.72
C ASP F 49 -35.30 -42.79 -1.16
N PRO F 50 -34.15 -42.11 -0.94
CA PRO F 50 -33.97 -40.72 -1.38
C PRO F 50 -34.20 -40.50 -2.89
N ARG F 54 -38.62 -36.89 -2.75
CA ARG F 54 -38.89 -35.44 -2.94
C ARG F 54 -38.33 -34.63 -1.78
N LYS F 55 -38.17 -35.27 -0.60
CA LYS F 55 -37.79 -34.59 0.62
C LYS F 55 -36.34 -34.11 0.53
N LEU F 56 -36.05 -33.02 1.25
CA LEU F 56 -34.74 -32.39 1.25
C LEU F 56 -34.04 -32.58 2.60
N ILE F 57 -34.85 -32.57 3.66
CA ILE F 57 -34.48 -33.04 4.98
C ILE F 57 -35.20 -34.36 5.24
N PHE F 58 -34.48 -35.35 5.75
CA PHE F 58 -35.04 -36.67 6.01
C PHE F 58 -35.02 -36.97 7.51
N PRO F 59 -36.12 -37.53 8.07
CA PRO F 59 -36.08 -38.07 9.42
C PRO F 59 -35.36 -39.42 9.41
N THR F 60 -35.10 -39.95 10.61
CA THR F 60 -34.36 -41.19 10.75
C THR F 60 -35.04 -42.09 11.77
N THR F 61 -34.43 -43.27 11.99
CA THR F 61 -34.85 -44.18 13.03
C THR F 61 -34.55 -43.61 14.43
N HIS F 62 -33.80 -42.51 14.47
CA HIS F 62 -33.53 -41.77 15.70
C HIS F 62 -34.24 -40.42 15.64
N LYS F 63 -34.97 -40.07 16.71
CA LYS F 63 -35.87 -38.93 16.72
C LYS F 63 -35.10 -37.61 16.77
N GLN F 64 -33.85 -37.67 17.27
CA GLN F 64 -33.03 -36.48 17.44
C GLN F 64 -31.93 -36.43 16.38
N VAL F 65 -32.12 -37.16 15.27
CA VAL F 65 -31.21 -37.08 14.14
C VAL F 65 -32.04 -36.94 12.87
N ARG F 66 -31.69 -35.92 12.07
CA ARG F 66 -32.25 -35.74 10.75
C ARG F 66 -31.09 -35.67 9.76
N ILE F 67 -31.37 -35.97 8.49
CA ILE F 67 -30.33 -36.13 7.50
C ILE F 67 -30.57 -35.16 6.34
N LEU F 68 -29.46 -34.54 5.90
CA LEU F 68 -29.41 -33.78 4.67
C LEU F 68 -28.53 -34.54 3.69
N ILE F 69 -28.92 -34.55 2.42
CA ILE F 69 -28.10 -35.14 1.36
C ILE F 69 -27.60 -34.01 0.47
N LEU F 70 -26.29 -33.75 0.53
CA LEU F 70 -25.66 -32.60 -0.11
C LEU F 70 -24.70 -33.07 -1.18
N ARG F 71 -24.37 -32.16 -2.10
CA ARG F 71 -23.18 -32.34 -2.93
C ARG F 71 -21.98 -32.30 -1.99
N ALA F 72 -20.95 -33.11 -2.31
CA ALA F 72 -19.84 -33.34 -1.41
C ALA F 72 -19.18 -32.01 -1.03
N SER F 73 -19.09 -31.08 -1.98
CA SER F 73 -18.45 -29.78 -1.79
C SER F 73 -19.13 -28.98 -0.67
N ASP F 74 -20.44 -29.17 -0.48
CA ASP F 74 -21.18 -28.39 0.49
C ASP F 74 -21.07 -28.97 1.90
N VAL F 75 -20.58 -30.20 2.07
CA VAL F 75 -20.62 -30.86 3.38
C VAL F 75 -19.77 -30.08 4.36
N PRO F 76 -18.49 -29.76 4.07
CA PRO F 76 -17.66 -28.98 5.01
C PRO F 76 -18.25 -27.59 5.28
N THR F 77 -18.78 -26.94 4.23
CA THR F 77 -19.42 -25.64 4.37
C THR F 77 -20.54 -25.72 5.41
N TYR F 78 -21.45 -26.69 5.24
CA TYR F 78 -22.60 -26.83 6.13
C TYR F 78 -22.12 -27.10 7.55
N VAL F 79 -21.13 -27.99 7.69
CA VAL F 79 -20.69 -28.42 9.02
C VAL F 79 -19.99 -27.26 9.73
N GLU F 80 -19.07 -26.56 9.05
CA GLU F 80 -18.28 -25.54 9.73
C GLU F 80 -19.18 -24.37 10.11
N ASN F 81 -20.22 -24.11 9.32
CA ASN F 81 -21.16 -23.02 9.57
C ASN F 81 -22.20 -23.39 10.62
N GLY F 82 -22.32 -24.68 10.96
CA GLY F 82 -23.27 -25.12 11.97
C GLY F 82 -24.68 -25.33 11.43
N ALA F 83 -24.85 -25.35 10.10
CA ALA F 83 -26.12 -25.73 9.50
C ALA F 83 -26.33 -27.24 9.60
N ALA F 84 -25.21 -27.97 9.67
CA ALA F 84 -25.19 -29.35 10.09
C ALA F 84 -24.26 -29.49 11.29
N ASP F 85 -24.64 -30.35 12.24
CA ASP F 85 -23.87 -30.59 13.45
C ASP F 85 -22.68 -31.49 13.11
N LEU F 86 -22.90 -32.42 12.18
CA LEU F 86 -21.84 -33.32 11.72
C LEU F 86 -22.15 -33.81 10.31
N GLY F 87 -21.12 -34.32 9.62
CA GLY F 87 -21.26 -34.72 8.23
C GLY F 87 -20.21 -35.74 7.83
N VAL F 88 -20.39 -36.31 6.63
CA VAL F 88 -19.47 -37.29 6.07
C VAL F 88 -18.91 -36.71 4.78
N ALA F 89 -17.59 -36.57 4.75
CA ALA F 89 -16.89 -35.99 3.61
C ALA F 89 -15.60 -36.76 3.38
N GLY F 90 -15.22 -36.88 2.11
CA GLY F 90 -13.91 -37.40 1.73
C GLY F 90 -12.79 -36.54 2.31
N LYS F 91 -11.69 -37.20 2.69
CA LYS F 91 -10.51 -36.54 3.21
C LYS F 91 -10.00 -35.52 2.19
N ASP F 92 -10.12 -35.85 0.90
CA ASP F 92 -9.71 -34.98 -0.18
C ASP F 92 -10.51 -33.68 -0.16
N VAL F 93 -11.84 -33.79 -0.04
CA VAL F 93 -12.72 -32.64 -0.09
C VAL F 93 -12.48 -31.79 1.15
N LEU F 94 -12.41 -32.46 2.31
CA LEU F 94 -12.20 -31.78 3.57
C LEU F 94 -10.91 -30.94 3.52
N MET F 95 -9.78 -31.58 3.15
CA MET F 95 -8.48 -30.93 3.23
C MET F 95 -8.38 -29.83 2.17
N GLU F 96 -9.07 -29.97 1.03
CA GLU F 96 -9.03 -28.96 -0.02
C GLU F 96 -9.84 -27.74 0.40
N HIS F 97 -10.99 -27.97 1.05
CA HIS F 97 -11.85 -26.91 1.53
C HIS F 97 -11.13 -26.15 2.64
N GLY F 98 -10.42 -26.89 3.51
CA GLY F 98 -9.87 -26.35 4.74
C GLY F 98 -10.57 -26.97 5.94
N ALA F 99 -9.78 -27.56 6.85
CA ALA F 99 -10.30 -28.42 7.90
C ALA F 99 -10.25 -27.73 9.26
N GLN F 100 -9.89 -26.44 9.27
CA GLN F 100 -9.52 -25.74 10.48
C GLN F 100 -10.71 -25.50 11.42
N HIS F 101 -11.94 -25.51 10.88
CA HIS F 101 -13.10 -25.08 11.63
C HIS F 101 -14.04 -26.25 11.93
N VAL F 102 -13.55 -27.49 11.79
CA VAL F 102 -14.33 -28.66 12.16
C VAL F 102 -13.42 -29.64 12.90
N TYR F 103 -14.04 -30.65 13.51
CA TYR F 103 -13.33 -31.73 14.15
C TYR F 103 -13.49 -33.00 13.31
N GLU F 104 -12.38 -33.69 13.03
CA GLU F 104 -12.39 -34.91 12.25
C GLU F 104 -12.27 -36.12 13.18
N LEU F 105 -13.40 -36.63 13.68
CA LEU F 105 -13.40 -37.55 14.81
C LEU F 105 -13.17 -39.01 14.41
N LEU F 106 -13.67 -39.43 13.24
CA LEU F 106 -13.63 -40.84 12.83
C LEU F 106 -13.16 -40.97 11.38
N ASP F 107 -12.31 -41.97 11.14
CA ASP F 107 -12.11 -42.51 9.81
C ASP F 107 -13.13 -43.63 9.61
N LEU F 108 -14.10 -43.39 8.73
CA LEU F 108 -15.16 -44.36 8.47
C LEU F 108 -14.65 -45.49 7.59
N GLN F 109 -13.47 -45.32 6.99
CA GLN F 109 -12.79 -46.35 6.21
C GLN F 109 -13.67 -46.79 5.04
N ILE F 110 -14.33 -45.82 4.41
CA ILE F 110 -15.13 -46.10 3.23
C ILE F 110 -14.71 -45.16 2.11
N ALA F 111 -15.01 -45.55 0.87
CA ALA F 111 -14.68 -44.79 -0.32
C ALA F 111 -13.18 -44.51 -0.34
N LYS F 112 -12.40 -45.58 -0.14
CA LYS F 112 -10.95 -45.47 -0.12
C LYS F 112 -10.44 -45.21 -1.53
N CYS F 113 -9.51 -44.24 -1.64
CA CYS F 113 -8.80 -44.03 -2.90
C CYS F 113 -7.50 -43.30 -2.57
N LYS F 114 -6.81 -42.85 -3.63
CA LYS F 114 -5.56 -42.11 -3.48
C LYS F 114 -5.60 -40.83 -4.31
N LEU F 115 -5.15 -39.73 -3.70
CA LEU F 115 -4.88 -38.51 -4.45
C LEU F 115 -3.49 -38.66 -5.07
N MET F 116 -3.38 -38.47 -6.40
CA MET F 116 -2.16 -38.77 -7.13
C MET F 116 -1.90 -37.72 -8.20
N THR F 117 -0.64 -37.64 -8.65
CA THR F 117 -0.32 -36.97 -9.90
C THR F 117 -0.49 -37.96 -11.04
N ALA F 118 -0.64 -37.44 -12.26
CA ALA F 118 -0.82 -38.28 -13.44
C ALA F 118 -0.50 -37.48 -14.70
N GLY F 119 -0.09 -38.19 -15.76
CA GLY F 119 0.28 -37.60 -17.03
C GLY F 119 0.27 -38.62 -18.16
N LYS F 120 0.53 -38.15 -19.40
CA LYS F 120 0.58 -39.02 -20.56
C LYS F 120 1.73 -40.02 -20.40
N VAL F 121 1.48 -41.26 -20.81
CA VAL F 121 2.38 -42.38 -20.59
C VAL F 121 3.78 -42.01 -21.12
N GLU F 124 7.38 -36.93 -21.27
CA GLU F 124 8.70 -36.23 -21.16
C GLU F 124 8.52 -34.96 -20.33
N ARG F 125 9.36 -34.79 -19.30
CA ARG F 125 9.23 -33.66 -18.38
C ARG F 125 9.44 -32.37 -19.17
N PRO F 126 8.48 -31.42 -19.15
CA PRO F 126 8.63 -30.19 -19.92
C PRO F 126 9.62 -29.23 -19.26
N LYS F 127 10.17 -28.30 -20.06
CA LYS F 127 11.00 -27.23 -19.54
C LYS F 127 10.09 -26.15 -18.95
N GLY F 128 10.58 -25.47 -17.91
CA GLY F 128 9.86 -24.36 -17.32
C GLY F 128 8.92 -24.82 -16.20
N ARG F 129 8.12 -23.86 -15.71
CA ARG F 129 7.20 -24.12 -14.62
C ARG F 129 6.04 -24.98 -15.14
N LEU F 130 5.77 -26.07 -14.43
CA LEU F 130 4.72 -27.01 -14.78
C LEU F 130 3.36 -26.35 -14.62
N LYS F 131 2.41 -26.80 -15.43
CA LYS F 131 1.01 -26.41 -15.29
C LYS F 131 0.21 -27.63 -14.86
N ILE F 132 -0.49 -27.53 -13.72
CA ILE F 132 -1.28 -28.64 -13.20
C ILE F 132 -2.76 -28.31 -13.34
N ALA F 133 -3.51 -29.22 -13.97
CA ALA F 133 -4.96 -29.13 -13.99
C ALA F 133 -5.52 -30.00 -12.88
N THR F 134 -6.44 -29.45 -12.08
CA THR F 134 -6.91 -30.12 -10.87
C THR F 134 -8.16 -29.41 -10.35
N LYS F 135 -8.93 -30.13 -9.52
CA LYS F 135 -9.95 -29.49 -8.71
C LYS F 135 -9.41 -29.23 -7.32
N TYR F 136 -8.22 -29.77 -7.03
CA TYR F 136 -7.60 -29.69 -5.72
C TYR F 136 -6.45 -28.68 -5.77
N VAL F 137 -6.81 -27.40 -5.88
CA VAL F 137 -5.84 -26.34 -6.11
C VAL F 137 -4.87 -26.24 -4.94
N ASN F 138 -5.39 -26.25 -3.70
CA ASN F 138 -4.56 -26.06 -2.53
C ASN F 138 -3.67 -27.28 -2.27
N LEU F 139 -4.25 -28.49 -2.39
CA LEU F 139 -3.52 -29.72 -2.12
C LEU F 139 -2.39 -29.88 -3.14
N THR F 140 -2.64 -29.47 -4.39
CA THR F 140 -1.63 -29.51 -5.44
C THR F 140 -0.43 -28.66 -5.03
N ARG F 141 -0.69 -27.43 -4.55
CA ARG F 141 0.36 -26.48 -4.23
C ARG F 141 1.17 -26.98 -3.04
N GLN F 142 0.51 -27.53 -2.02
CA GLN F 142 1.19 -28.04 -0.85
C GLN F 142 2.08 -29.22 -1.23
N TYR F 143 1.58 -30.08 -2.11
CA TYR F 143 2.32 -31.27 -2.48
C TYR F 143 3.61 -30.86 -3.22
N TYR F 144 3.48 -30.01 -4.22
CA TYR F 144 4.62 -29.59 -5.01
C TYR F 144 5.60 -28.81 -4.11
N ALA F 145 5.06 -28.05 -3.15
CA ALA F 145 5.90 -27.28 -2.23
C ALA F 145 6.76 -28.21 -1.38
N SER F 146 6.21 -29.37 -0.98
CA SER F 146 6.93 -30.33 -0.19
C SER F 146 8.13 -30.91 -0.96
N LEU F 147 8.09 -30.83 -2.30
CA LEU F 147 9.19 -31.28 -3.13
C LEU F 147 10.16 -30.13 -3.45
N GLY F 148 9.95 -28.96 -2.83
CA GLY F 148 10.71 -27.78 -3.18
C GLY F 148 10.32 -27.19 -4.54
N GLU F 149 9.08 -27.42 -4.97
CA GLU F 149 8.65 -27.05 -6.30
C GLU F 149 7.37 -26.20 -6.28
N GLN F 150 7.10 -25.55 -7.40
CA GLN F 150 6.12 -24.48 -7.52
C GLN F 150 5.49 -24.56 -8.90
N VAL F 151 4.16 -24.41 -9.01
CA VAL F 151 3.49 -24.67 -10.26
C VAL F 151 2.42 -23.63 -10.56
N ASP F 152 2.06 -23.54 -11.83
CA ASP F 152 0.81 -22.92 -12.27
C ASP F 152 -0.30 -23.96 -12.13
N VAL F 153 -1.52 -23.47 -11.88
CA VAL F 153 -2.68 -24.33 -11.71
C VAL F 153 -3.80 -23.80 -12.58
N ILE F 154 -4.57 -24.70 -13.20
CA ILE F 154 -5.87 -24.32 -13.76
C ILE F 154 -6.92 -25.15 -13.04
N LYS F 155 -7.89 -24.45 -12.45
CA LYS F 155 -8.95 -25.10 -11.69
C LYS F 155 -9.99 -25.63 -12.67
N LEU F 156 -10.22 -26.95 -12.63
CA LEU F 156 -11.31 -27.57 -13.36
C LEU F 156 -12.19 -28.31 -12.36
N TYR F 157 -13.41 -28.66 -12.78
CA TYR F 157 -14.38 -29.28 -11.90
C TYR F 157 -14.56 -30.76 -12.24
N GLY F 158 -14.23 -31.15 -13.48
CA GLY F 158 -14.48 -32.52 -13.92
C GLY F 158 -13.63 -32.95 -15.11
N SER F 159 -13.82 -34.22 -15.49
CA SER F 159 -13.13 -34.83 -16.63
C SER F 159 -11.66 -34.41 -16.66
N MET F 160 -10.96 -34.70 -15.56
CA MET F 160 -9.59 -34.26 -15.34
C MET F 160 -8.63 -34.90 -16.34
N GLU F 161 -8.93 -36.12 -16.77
CA GLU F 161 -8.06 -36.89 -17.63
C GLU F 161 -7.95 -36.22 -19.01
N LEU F 162 -8.91 -35.35 -19.35
CA LEU F 162 -8.92 -34.66 -20.64
C LEU F 162 -7.85 -33.57 -20.71
N ALA F 163 -7.53 -32.95 -19.57
CA ALA F 163 -6.76 -31.70 -19.56
C ALA F 163 -5.44 -31.85 -20.32
N PRO F 164 -4.62 -32.88 -20.04
CA PRO F 164 -3.36 -33.09 -20.78
C PRO F 164 -3.55 -33.33 -22.28
N LEU F 165 -4.66 -33.96 -22.66
CA LEU F 165 -4.92 -34.33 -24.04
C LEU F 165 -5.24 -33.11 -24.90
N VAL F 166 -5.74 -32.03 -24.29
CA VAL F 166 -6.06 -30.82 -25.04
C VAL F 166 -5.17 -29.65 -24.61
N GLY F 167 -4.08 -29.92 -23.87
CA GLY F 167 -3.04 -28.95 -23.62
C GLY F 167 -3.39 -27.91 -22.55
N LEU F 168 -4.29 -28.25 -21.62
CA LEU F 168 -4.64 -27.36 -20.52
C LEU F 168 -3.68 -27.54 -19.35
N GLY F 169 -2.97 -28.67 -19.30
CA GLY F 169 -1.98 -28.91 -18.27
C GLY F 169 -0.94 -29.91 -18.72
N ASP F 170 0.21 -29.91 -18.04
CA ASP F 170 1.26 -30.87 -18.28
C ASP F 170 0.96 -32.15 -17.50
N TYR F 171 0.37 -31.99 -16.31
CA TYR F 171 0.02 -33.09 -15.44
C TYR F 171 -1.30 -32.77 -14.76
N ILE F 172 -1.90 -33.76 -14.10
CA ILE F 172 -3.10 -33.53 -13.30
C ILE F 172 -2.86 -34.04 -11.89
N VAL F 173 -3.66 -33.50 -10.96
CA VAL F 173 -3.81 -34.05 -9.63
C VAL F 173 -5.29 -34.38 -9.44
N ASP F 174 -5.56 -35.63 -9.07
CA ASP F 174 -6.93 -36.14 -9.00
C ASP F 174 -6.93 -37.39 -8.12
N VAL F 175 -8.12 -37.79 -7.70
CA VAL F 175 -8.27 -39.02 -6.94
C VAL F 175 -8.27 -40.19 -7.91
N VAL F 176 -7.60 -41.28 -7.51
CA VAL F 176 -7.43 -42.46 -8.35
C VAL F 176 -7.81 -43.68 -7.52
N ASP F 177 -8.68 -44.53 -8.09
CA ASP F 177 -9.05 -45.80 -7.48
C ASP F 177 -8.38 -46.93 -8.28
N THR F 178 -9.09 -47.44 -9.28
CA THR F 178 -8.55 -48.50 -10.12
C THR F 178 -7.54 -47.90 -11.09
N GLY F 179 -7.79 -46.65 -11.50
CA GLY F 179 -6.91 -45.94 -12.41
C GLY F 179 -7.09 -46.40 -13.85
N ASN F 180 -8.28 -46.95 -14.14
CA ASN F 180 -8.58 -47.50 -15.44
C ASN F 180 -8.99 -46.37 -16.39
N THR F 181 -9.65 -45.34 -15.85
CA THR F 181 -10.04 -44.18 -16.62
C THR F 181 -8.79 -43.53 -17.22
N LEU F 182 -7.69 -43.52 -16.45
CA LEU F 182 -6.41 -42.98 -16.89
C LEU F 182 -5.83 -43.84 -18.00
N ARG F 183 -5.60 -45.13 -17.71
CA ARG F 183 -5.02 -46.06 -18.67
C ARG F 183 -5.79 -45.99 -19.99
N ALA F 184 -7.13 -45.88 -19.89
CA ALA F 184 -8.01 -45.83 -21.05
C ALA F 184 -7.61 -44.69 -21.98
N ASN F 185 -7.33 -43.51 -21.41
CA ASN F 185 -7.13 -42.30 -22.19
C ASN F 185 -5.65 -41.97 -22.35
N GLY F 186 -4.77 -42.98 -22.18
CA GLY F 186 -3.35 -42.83 -22.50
C GLY F 186 -2.56 -42.13 -21.40
N LEU F 187 -3.15 -42.02 -20.21
CA LEU F 187 -2.50 -41.44 -19.05
C LEU F 187 -2.00 -42.56 -18.13
N GLU F 188 -1.16 -42.22 -17.16
CA GLU F 188 -0.72 -43.16 -16.14
C GLU F 188 -0.67 -42.44 -14.79
N PRO F 189 -0.96 -43.13 -13.67
CA PRO F 189 -0.68 -42.59 -12.34
C PRO F 189 0.82 -42.48 -12.11
N LEU F 190 1.26 -41.38 -11.50
CA LEU F 190 2.67 -41.19 -11.18
C LEU F 190 2.89 -41.33 -9.67
N GLU F 191 2.68 -40.25 -8.91
CA GLU F 191 3.05 -40.21 -7.50
C GLU F 191 1.80 -40.19 -6.63
N GLU F 192 1.87 -40.90 -5.50
CA GLU F 192 0.83 -40.88 -4.50
C GLU F 192 1.04 -39.69 -3.58
N ILE F 193 0.03 -38.82 -3.47
CA ILE F 193 0.12 -37.65 -2.62
C ILE F 193 -0.38 -38.02 -1.22
N CYS F 194 -1.56 -38.65 -1.14
CA CYS F 194 -2.02 -39.16 0.14
C CYS F 194 -3.16 -40.17 -0.06
N LYS F 195 -3.40 -40.94 1.01
CA LYS F 195 -4.50 -41.88 1.07
C LYS F 195 -5.77 -41.12 1.45
N VAL F 196 -6.88 -41.47 0.80
CA VAL F 196 -8.15 -40.76 0.95
C VAL F 196 -9.21 -41.75 1.40
N SER F 197 -10.05 -41.32 2.34
CA SER F 197 -11.23 -42.06 2.76
C SER F 197 -12.25 -41.10 3.35
N SER F 198 -13.50 -41.56 3.50
CA SER F 198 -14.55 -40.73 4.05
C SER F 198 -14.38 -40.60 5.57
N ARG F 199 -14.72 -39.40 6.07
CA ARG F 199 -14.48 -39.03 7.46
C ARG F 199 -15.74 -38.43 8.04
N LEU F 200 -15.90 -38.60 9.36
CA LEU F 200 -16.95 -37.92 10.11
C LEU F 200 -16.37 -36.63 10.68
N ILE F 201 -16.89 -35.49 10.20
CA ILE F 201 -16.52 -34.18 10.72
C ILE F 201 -17.64 -33.63 11.59
N VAL F 202 -17.27 -32.85 12.62
CA VAL F 202 -18.23 -32.29 13.56
C VAL F 202 -17.98 -30.79 13.69
N ASN F 203 -19.07 -30.03 13.74
CA ASN F 203 -19.03 -28.61 14.02
C ASN F 203 -18.48 -28.40 15.43
N LYS F 204 -17.60 -27.41 15.60
CA LYS F 204 -16.90 -27.23 16.86
C LYS F 204 -17.88 -26.87 17.97
N ALA F 205 -18.76 -25.90 17.71
CA ALA F 205 -19.76 -25.48 18.68
C ALA F 205 -20.64 -26.65 19.08
N SER F 206 -21.13 -27.42 18.09
CA SER F 206 -21.96 -28.58 18.35
C SER F 206 -21.24 -29.56 19.27
N PHE F 207 -19.96 -29.83 18.96
CA PHE F 207 -19.17 -30.77 19.74
C PHE F 207 -19.10 -30.33 21.20
N LYS F 208 -18.93 -29.02 21.42
CA LYS F 208 -18.72 -28.50 22.76
C LYS F 208 -20.02 -28.53 23.57
N ARG F 209 -21.18 -28.30 22.95
CA ARG F 209 -22.40 -28.10 23.72
C ARG F 209 -23.38 -29.27 23.57
N LYS F 210 -23.09 -30.26 22.72
CA LYS F 210 -24.03 -31.37 22.55
C LYS F 210 -23.35 -32.70 22.80
N GLN F 211 -22.48 -32.78 23.82
CA GLN F 211 -21.76 -34.00 24.12
C GLN F 211 -22.73 -35.13 24.46
N VAL F 212 -23.76 -34.80 25.26
CA VAL F 212 -24.71 -35.79 25.75
C VAL F 212 -25.30 -36.56 24.57
N LEU F 213 -25.64 -35.84 23.51
CA LEU F 213 -26.30 -36.44 22.37
C LEU F 213 -25.28 -37.04 21.39
N LEU F 214 -24.13 -36.37 21.21
CA LEU F 214 -23.14 -36.81 20.24
C LEU F 214 -22.41 -38.07 20.71
N ASN F 215 -22.00 -38.10 21.98
CA ASN F 215 -21.02 -39.07 22.45
C ASN F 215 -21.49 -40.50 22.15
N PRO F 216 -22.73 -40.90 22.51
CA PRO F 216 -23.23 -42.26 22.20
C PRO F 216 -23.34 -42.58 20.71
N ILE F 217 -23.74 -41.59 19.91
CA ILE F 217 -23.94 -41.79 18.48
C ILE F 217 -22.58 -41.95 17.79
N ILE F 218 -21.59 -41.18 18.24
CA ILE F 218 -20.23 -41.27 17.69
C ILE F 218 -19.63 -42.62 18.06
N SER F 219 -19.85 -43.06 19.30
CA SER F 219 -19.34 -44.34 19.78
C SER F 219 -19.93 -45.50 18.96
N GLN F 220 -21.21 -45.39 18.59
CA GLN F 220 -21.90 -46.43 17.83
C GLN F 220 -21.35 -46.49 16.40
N LEU F 221 -21.07 -45.32 15.80
CA LEU F 221 -20.45 -45.24 14.49
C LEU F 221 -19.06 -45.87 14.52
N GLU F 222 -18.33 -45.62 15.60
CA GLU F 222 -17.00 -46.18 15.79
C GLU F 222 -17.07 -47.71 15.84
N GLN F 223 -17.97 -48.25 16.67
CA GLN F 223 -18.18 -49.69 16.79
C GLN F 223 -18.51 -50.30 15.43
N ALA F 224 -19.41 -49.64 14.69
CA ALA F 224 -19.84 -50.09 13.37
C ALA F 224 -18.66 -50.23 12.41
N VAL F 225 -17.69 -49.31 12.49
CA VAL F 225 -16.55 -49.31 11.58
C VAL F 225 -15.61 -50.49 11.88
N GLN F 226 -15.43 -50.85 13.15
CA GLN F 226 -14.56 -51.98 13.49
C GLN F 226 -15.12 -53.30 12.91
N VAL G 5 55.82 22.62 -2.24
CA VAL G 5 54.68 22.51 -1.28
C VAL G 5 54.32 23.90 -0.75
N ARG G 6 55.33 24.72 -0.44
CA ARG G 6 55.13 26.05 0.09
C ARG G 6 54.49 26.96 -0.96
N ASN G 7 53.72 27.94 -0.51
CA ASN G 7 53.13 28.95 -1.38
C ASN G 7 52.86 30.22 -0.57
N ASP G 8 53.30 31.35 -1.11
CA ASP G 8 53.20 32.64 -0.45
C ASP G 8 52.29 33.58 -1.24
N ASP G 9 51.84 33.13 -2.42
CA ASP G 9 51.03 33.96 -3.29
C ASP G 9 49.58 33.93 -2.80
N PRO G 10 48.99 35.09 -2.43
CA PRO G 10 47.58 35.15 -2.00
C PRO G 10 46.56 34.94 -3.12
N ASN G 11 46.98 35.12 -4.37
CA ASN G 11 46.10 34.99 -5.53
C ASN G 11 46.44 33.72 -6.32
N PHE G 12 47.21 32.81 -5.69
CA PHE G 12 47.44 31.48 -6.22
C PHE G 12 46.10 30.88 -6.65
N ASN G 13 46.06 30.34 -7.87
CA ASN G 13 44.83 29.83 -8.45
C ASN G 13 44.53 28.47 -7.82
N VAL G 14 43.35 28.38 -7.20
CA VAL G 14 42.88 27.15 -6.58
C VAL G 14 41.44 26.90 -7.03
N MET G 15 41.11 27.37 -8.24
CA MET G 15 39.76 27.31 -8.77
C MET G 15 39.59 26.02 -9.57
N GLY G 16 38.33 25.65 -9.82
CA GLY G 16 38.01 24.53 -10.69
C GLY G 16 38.28 23.18 -10.02
N ASN G 17 38.98 22.30 -10.76
CA ASN G 17 39.22 20.93 -10.34
C ASN G 17 40.36 20.91 -9.32
N PHE G 18 40.15 20.18 -8.21
CA PHE G 18 41.13 20.12 -7.15
C PHE G 18 41.22 18.68 -6.61
N ASP G 19 41.08 17.70 -7.51
CA ASP G 19 41.08 16.29 -7.13
C ASP G 19 42.46 15.88 -6.63
N HIS G 20 43.50 16.58 -7.11
CA HIS G 20 44.87 16.29 -6.76
C HIS G 20 45.17 16.76 -5.33
N GLY G 21 44.30 17.61 -4.76
CA GLY G 21 44.55 18.21 -3.47
C GLY G 21 43.38 18.02 -2.51
N LEU G 22 43.38 18.81 -1.43
CA LEU G 22 42.38 18.72 -0.38
C LEU G 22 41.59 20.03 -0.35
N THR G 23 40.26 19.90 -0.28
CA THR G 23 39.37 21.03 -0.06
C THR G 23 38.89 20.96 1.39
N LEU G 24 39.23 22.00 2.16
CA LEU G 24 38.99 22.02 3.60
C LEU G 24 37.85 22.99 3.90
N ALA G 25 36.76 22.47 4.48
CA ALA G 25 35.58 23.28 4.79
C ALA G 25 35.60 23.65 6.27
N LEU G 26 35.58 24.96 6.56
CA LEU G 26 35.57 25.43 7.94
C LEU G 26 34.23 26.11 8.23
N SER G 27 33.73 25.87 9.45
CA SER G 27 32.61 26.62 10.00
C SER G 27 33.09 28.04 10.30
N LYS G 28 32.28 29.03 9.93
CA LYS G 28 32.61 30.43 10.13
C LYS G 28 32.48 30.78 11.62
N GLY G 29 33.09 31.89 12.03
CA GLY G 29 32.91 32.41 13.38
C GLY G 29 33.93 31.86 14.37
N ARG G 30 33.44 31.28 15.47
CA ARG G 30 34.27 30.87 16.59
C ARG G 30 35.16 29.69 16.20
N ILE G 31 34.56 28.72 15.49
CA ILE G 31 35.27 27.50 15.10
C ILE G 31 36.45 27.88 14.20
N LEU G 32 36.24 28.85 13.29
CA LEU G 32 37.29 29.32 12.41
C LEU G 32 38.47 29.84 13.25
N LYS G 33 38.16 30.68 14.24
CA LYS G 33 39.16 31.34 15.06
C LYS G 33 40.07 30.32 15.74
N GLU G 34 39.47 29.27 16.33
CA GLU G 34 40.20 28.30 17.12
C GLU G 34 40.85 27.25 16.21
N THR G 35 40.36 27.12 14.96
CA THR G 35 40.88 26.13 14.04
C THR G 35 42.17 26.62 13.38
N LEU G 36 42.21 27.90 13.01
CA LEU G 36 43.30 28.44 12.19
C LEU G 36 44.67 28.24 12.86
N PRO G 37 44.82 28.45 14.20
CA PRO G 37 46.09 28.17 14.87
C PRO G 37 46.54 26.71 14.78
N LEU G 38 45.59 25.77 14.89
CA LEU G 38 45.87 24.35 14.75
C LEU G 38 46.43 24.06 13.35
N LEU G 39 45.72 24.57 12.32
CA LEU G 39 46.09 24.36 10.93
C LEU G 39 47.49 24.91 10.66
N ALA G 40 47.83 26.03 11.31
CA ALA G 40 49.14 26.64 11.17
C ALA G 40 50.25 25.65 11.53
N THR G 41 50.01 24.80 12.53
CA THR G 41 50.97 23.79 12.96
C THR G 41 51.20 22.75 11.85
N ALA G 42 50.22 22.57 10.97
CA ALA G 42 50.35 21.66 9.83
C ALA G 42 50.82 22.39 8.58
N GLY G 43 51.28 23.64 8.72
CA GLY G 43 51.81 24.40 7.61
C GLY G 43 50.72 24.88 6.65
N ILE G 44 49.50 25.07 7.19
CA ILE G 44 48.37 25.53 6.40
C ILE G 44 47.86 26.84 7.01
N ASN G 45 48.08 27.95 6.30
CA ASN G 45 47.65 29.26 6.74
C ASN G 45 46.95 29.97 5.59
N LEU G 46 45.97 30.81 5.93
CA LEU G 46 45.41 31.74 4.96
C LEU G 46 46.44 32.84 4.68
N LEU G 47 46.25 33.51 3.55
CA LEU G 47 47.13 34.59 3.11
C LEU G 47 46.31 35.87 2.99
N GLU G 48 45.18 35.94 3.71
CA GLU G 48 44.24 37.04 3.64
C GLU G 48 43.29 36.94 4.82
N ASP G 49 42.69 38.08 5.18
CA ASP G 49 41.64 38.11 6.20
C ASP G 49 40.31 37.79 5.51
N PRO G 50 39.63 36.67 5.87
CA PRO G 50 38.34 36.34 5.27
C PRO G 50 37.27 37.42 5.39
N GLU G 51 37.20 38.07 6.56
CA GLU G 51 36.20 39.10 6.83
C GLU G 51 36.35 40.28 5.86
N LYS G 52 37.55 40.46 5.30
CA LYS G 52 37.80 41.53 4.34
C LYS G 52 37.04 41.26 3.03
N LEU G 56 35.96 33.42 -1.40
CA LEU G 56 34.89 32.39 -1.34
C LEU G 56 35.50 30.99 -1.29
N ILE G 57 36.46 30.76 -2.19
CA ILE G 57 37.48 29.73 -2.03
C ILE G 57 38.81 30.45 -1.76
N PHE G 58 39.56 29.99 -0.75
CA PHE G 58 40.81 30.63 -0.36
C PHE G 58 41.98 29.68 -0.60
N PRO G 59 43.10 30.17 -1.18
CA PRO G 59 44.33 29.38 -1.22
C PRO G 59 44.99 29.40 0.15
N THR G 60 46.05 28.59 0.31
CA THR G 60 46.75 28.50 1.57
C THR G 60 48.26 28.51 1.31
N THR G 61 49.03 28.44 2.40
CA THR G 61 50.49 28.31 2.32
C THR G 61 50.87 26.93 1.80
N HIS G 62 49.89 26.03 1.66
CA HIS G 62 50.08 24.74 1.03
C HIS G 62 49.36 24.72 -0.32
N LYS G 63 50.06 24.30 -1.37
CA LYS G 63 49.59 24.45 -2.74
C LYS G 63 48.48 23.45 -3.04
N GLN G 64 48.42 22.36 -2.27
CA GLN G 64 47.44 21.31 -2.47
C GLN G 64 46.36 21.36 -1.39
N VAL G 65 46.18 22.53 -0.75
CA VAL G 65 45.09 22.73 0.19
C VAL G 65 44.44 24.08 -0.11
N ARG G 66 43.11 24.05 -0.26
CA ARG G 66 42.31 25.27 -0.40
C ARG G 66 41.22 25.20 0.65
N ILE G 67 40.68 26.37 1.01
CA ILE G 67 39.76 26.46 2.15
C ILE G 67 38.44 27.09 1.70
N LEU G 68 37.34 26.49 2.20
CA LEU G 68 36.02 27.06 2.08
C LEU G 68 35.58 27.49 3.47
N ILE G 69 34.89 28.63 3.55
CA ILE G 69 34.24 29.06 4.77
C ILE G 69 32.73 28.97 4.57
N LEU G 70 32.12 28.02 5.30
CA LEU G 70 30.71 27.67 5.15
C LEU G 70 29.97 27.99 6.43
N ARG G 71 28.64 28.14 6.31
CA ARG G 71 27.77 28.01 7.47
C ARG G 71 27.90 26.58 8.00
N ALA G 72 27.86 26.44 9.33
CA ALA G 72 28.13 25.18 9.99
C ALA G 72 27.25 24.07 9.43
N SER G 73 25.97 24.38 9.14
CA SER G 73 25.02 23.40 8.64
C SER G 73 25.50 22.74 7.33
N ASP G 74 26.26 23.48 6.52
CA ASP G 74 26.64 23.00 5.20
C ASP G 74 27.89 22.12 5.28
N VAL G 75 28.61 22.12 6.41
CA VAL G 75 29.91 21.47 6.45
C VAL G 75 29.74 19.96 6.22
N PRO G 76 28.86 19.26 6.97
CA PRO G 76 28.66 17.82 6.74
C PRO G 76 28.16 17.51 5.34
N THR G 77 27.25 18.35 4.82
CA THR G 77 26.75 18.21 3.47
C THR G 77 27.90 18.20 2.46
N TYR G 78 28.76 19.23 2.55
CA TYR G 78 29.88 19.37 1.62
C TYR G 78 30.82 18.18 1.75
N VAL G 79 31.13 17.77 2.99
CA VAL G 79 32.10 16.72 3.23
C VAL G 79 31.58 15.38 2.72
N GLU G 80 30.32 15.04 3.05
CA GLU G 80 29.83 13.71 2.70
C GLU G 80 29.69 13.59 1.19
N ASN G 81 29.37 14.71 0.52
CA ASN G 81 29.19 14.73 -0.93
C ASN G 81 30.54 14.78 -1.67
N GLY G 82 31.63 15.08 -0.96
CA GLY G 82 32.94 15.14 -1.57
C GLY G 82 33.23 16.47 -2.26
N ALA G 83 32.41 17.50 -2.00
CA ALA G 83 32.72 18.86 -2.44
C ALA G 83 33.83 19.46 -1.58
N ALA G 84 33.94 18.95 -0.35
CA ALA G 84 35.14 19.12 0.47
C ALA G 84 35.65 17.75 0.87
N ASP G 85 36.98 17.60 0.92
CA ASP G 85 37.64 16.37 1.29
C ASP G 85 37.56 16.18 2.80
N LEU G 86 37.64 17.31 3.54
CA LEU G 86 37.52 17.26 4.99
C LEU G 86 37.02 18.62 5.50
N GLY G 87 36.50 18.62 6.73
CA GLY G 87 35.89 19.82 7.30
C GLY G 87 35.87 19.79 8.82
N VAL G 88 35.51 20.94 9.42
CA VAL G 88 35.40 21.08 10.86
C VAL G 88 33.95 21.43 11.19
N ALA G 89 33.31 20.57 12.00
CA ALA G 89 31.92 20.75 12.39
C ALA G 89 31.75 20.35 13.85
N GLY G 90 30.81 21.04 14.52
CA GLY G 90 30.40 20.67 15.86
C GLY G 90 29.79 19.27 15.90
N LYS G 91 30.05 18.56 17.00
CA LYS G 91 29.52 17.22 17.22
C LYS G 91 27.99 17.25 17.14
N ASP G 92 27.39 18.34 17.61
CA ASP G 92 25.95 18.53 17.58
C ASP G 92 25.44 18.54 16.13
N VAL G 93 26.11 19.33 15.28
CA VAL G 93 25.68 19.50 13.90
C VAL G 93 25.88 18.19 13.16
N LEU G 94 27.05 17.57 13.38
CA LEU G 94 27.38 16.31 12.72
C LEU G 94 26.33 15.25 13.02
N MET G 95 26.05 15.03 14.32
CA MET G 95 25.19 13.93 14.73
C MET G 95 23.74 14.21 14.33
N GLU G 96 23.33 15.48 14.26
CA GLU G 96 21.97 15.83 13.87
C GLU G 96 21.79 15.62 12.37
N HIS G 97 22.81 15.97 11.59
CA HIS G 97 22.79 15.79 10.15
C HIS G 97 22.77 14.30 9.81
N GLY G 98 23.56 13.52 10.57
CA GLY G 98 23.84 12.13 10.25
C GLY G 98 25.32 11.97 9.88
N ALA G 99 26.00 11.05 10.58
CA ALA G 99 27.44 10.94 10.51
C ALA G 99 27.87 9.72 9.72
N GLN G 100 26.92 9.07 9.04
CA GLN G 100 27.11 7.75 8.48
C GLN G 100 28.04 7.76 7.26
N HIS G 101 28.16 8.91 6.59
CA HIS G 101 28.86 8.97 5.31
C HIS G 101 30.16 9.77 5.41
N VAL G 102 30.66 9.96 6.64
CA VAL G 102 31.96 10.61 6.83
C VAL G 102 32.72 9.86 7.91
N TYR G 103 34.02 10.17 8.01
CA TYR G 103 34.85 9.65 9.09
C TYR G 103 35.17 10.79 10.05
N GLU G 104 34.97 10.56 11.35
CA GLU G 104 35.22 11.55 12.38
C GLU G 104 36.55 11.21 13.06
N LEU G 105 37.66 11.74 12.54
CA LEU G 105 38.99 11.25 12.86
C LEU G 105 39.55 11.88 14.14
N LEU G 106 39.23 13.16 14.39
CA LEU G 106 39.83 13.91 15.49
C LEU G 106 38.77 14.68 16.28
N ASP G 107 38.90 14.65 17.61
CA ASP G 107 38.29 15.65 18.46
C ASP G 107 39.29 16.81 18.61
N LEU G 108 38.95 17.95 18.02
CA LEU G 108 39.83 19.12 18.04
C LEU G 108 39.73 19.81 19.39
N GLN G 109 38.75 19.45 20.22
CA GLN G 109 38.62 19.92 21.59
C GLN G 109 38.46 21.44 21.61
N ILE G 110 37.70 21.97 20.65
CA ILE G 110 37.43 23.40 20.61
C ILE G 110 35.91 23.61 20.54
N ALA G 111 35.49 24.82 20.93
CA ALA G 111 34.09 25.20 20.93
C ALA G 111 33.29 24.19 21.76
N LYS G 112 33.79 23.92 22.98
CA LYS G 112 33.16 22.98 23.88
C LYS G 112 31.85 23.57 24.39
N CYS G 113 30.80 22.74 24.39
CA CYS G 113 29.55 23.09 25.05
C CYS G 113 28.82 21.80 25.35
N LYS G 114 27.55 21.92 25.78
CA LYS G 114 26.72 20.77 26.09
C LYS G 114 25.35 20.91 25.40
N LEU G 115 24.88 19.81 24.81
CA LEU G 115 23.50 19.73 24.37
C LEU G 115 22.65 19.35 25.57
N MET G 116 21.60 20.14 25.86
CA MET G 116 20.84 19.99 27.09
C MET G 116 19.36 20.19 26.83
N THR G 117 18.52 19.67 27.75
CA THR G 117 17.14 20.10 27.85
C THR G 117 17.07 21.37 28.69
N ALA G 118 15.97 22.11 28.56
CA ALA G 118 15.78 23.33 29.32
C ALA G 118 14.30 23.71 29.34
N GLY G 119 13.91 24.43 30.40
CA GLY G 119 12.54 24.87 30.60
C GLY G 119 12.46 26.08 31.52
N LYS G 120 11.26 26.64 31.67
CA LYS G 120 11.01 27.75 32.57
C LYS G 120 11.31 27.33 34.01
N GLY G 122 10.93 26.54 37.46
CA GLY G 122 9.93 25.87 38.33
C GLY G 122 8.62 25.59 37.60
N MET G 123 8.69 25.30 36.30
CA MET G 123 7.51 24.95 35.52
C MET G 123 7.01 23.58 35.98
N GLU G 124 5.68 23.44 36.14
CA GLU G 124 5.10 22.15 36.49
C GLU G 124 5.19 21.23 35.27
N ARG G 125 5.52 19.95 35.50
CA ARG G 125 5.56 18.97 34.41
C ARG G 125 4.15 18.84 33.84
N PRO G 126 3.96 19.04 32.52
CA PRO G 126 2.64 18.91 31.91
C PRO G 126 2.19 17.46 31.80
N LYS G 127 0.87 17.27 31.64
CA LYS G 127 0.23 15.97 31.80
C LYS G 127 0.39 15.05 30.60
N GLY G 128 0.26 15.55 29.36
CA GLY G 128 0.24 14.68 28.18
C GLY G 128 1.62 14.47 27.58
N ARG G 129 1.66 14.21 26.26
CA ARG G 129 2.91 14.09 25.53
C ARG G 129 3.56 15.47 25.44
N LEU G 130 4.84 15.51 25.82
CA LEU G 130 5.63 16.74 25.84
C LEU G 130 5.84 17.23 24.42
N LYS G 131 5.94 18.57 24.29
CA LYS G 131 6.28 19.20 23.03
C LYS G 131 7.64 19.86 23.19
N ILE G 132 8.60 19.48 22.33
CA ILE G 132 9.96 20.00 22.41
C ILE G 132 10.20 20.92 21.21
N ALA G 133 10.64 22.15 21.48
CA ALA G 133 11.13 23.04 20.42
C ALA G 133 12.65 22.91 20.33
N THR G 134 13.17 22.75 19.12
CA THR G 134 14.59 22.46 18.93
C THR G 134 14.95 22.61 17.46
N LYS G 135 16.25 22.79 17.20
CA LYS G 135 16.79 22.65 15.85
C LYS G 135 17.36 21.24 15.69
N TYR G 136 17.46 20.50 16.80
CA TYR G 136 18.05 19.17 16.81
C TYR G 136 16.95 18.13 16.92
N VAL G 137 16.20 17.97 15.83
CA VAL G 137 15.00 17.15 15.80
C VAL G 137 15.35 15.68 16.10
N ASN G 138 16.39 15.17 15.43
CA ASN G 138 16.75 13.77 15.55
C ASN G 138 17.36 13.47 16.92
N LEU G 139 18.26 14.34 17.39
CA LEU G 139 18.93 14.13 18.65
C LEU G 139 17.93 14.20 19.81
N THR G 140 16.92 15.06 19.68
CA THR G 140 15.85 15.16 20.66
C THR G 140 15.14 13.82 20.78
N ARG G 141 14.78 13.21 19.64
CA ARG G 141 14.02 11.98 19.62
C ARG G 141 14.84 10.83 20.20
N GLN G 142 16.13 10.75 19.86
CA GLN G 142 17.00 9.71 20.37
C GLN G 142 17.14 9.83 21.89
N TYR G 143 17.26 11.07 22.37
CA TYR G 143 17.46 11.29 23.79
C TYR G 143 16.23 10.83 24.56
N TYR G 144 15.05 11.29 24.14
CA TYR G 144 13.82 10.94 24.83
C TYR G 144 13.57 9.44 24.71
N ALA G 145 13.97 8.82 23.59
CA ALA G 145 13.80 7.40 23.38
C ALA G 145 14.64 6.61 24.40
N SER G 146 15.84 7.11 24.71
CA SER G 146 16.70 6.45 25.67
C SER G 146 16.08 6.45 27.07
N LEU G 147 15.13 7.36 27.33
CA LEU G 147 14.41 7.41 28.60
C LEU G 147 13.11 6.60 28.52
N GLY G 148 12.88 5.89 27.42
CA GLY G 148 11.62 5.20 27.21
C GLY G 148 10.47 6.16 26.89
N GLU G 149 10.79 7.31 26.29
CA GLU G 149 9.80 8.35 26.05
C GLU G 149 9.80 8.80 24.60
N GLN G 150 8.67 9.42 24.21
CA GLN G 150 8.50 9.94 22.87
C GLN G 150 7.71 11.25 22.97
N VAL G 151 8.00 12.15 22.03
CA VAL G 151 7.58 13.53 22.15
C VAL G 151 7.13 14.06 20.79
N ASP G 152 6.36 15.15 20.84
CA ASP G 152 6.14 16.02 19.69
C ASP G 152 7.31 16.99 19.61
N VAL G 153 7.64 17.40 18.38
CA VAL G 153 8.73 18.33 18.14
C VAL G 153 8.23 19.43 17.23
N ILE G 154 8.68 20.65 17.47
CA ILE G 154 8.55 21.71 16.48
C ILE G 154 9.96 22.17 16.12
N LYS G 155 10.28 22.11 14.82
CA LYS G 155 11.59 22.48 14.34
C LYS G 155 11.66 24.01 14.25
N LEU G 156 12.62 24.60 14.97
CA LEU G 156 12.94 26.00 14.84
C LEU G 156 14.42 26.12 14.47
N TYR G 157 14.80 27.28 13.96
CA TYR G 157 16.18 27.51 13.53
C TYR G 157 16.93 28.40 14.52
N GLY G 158 16.21 29.20 15.31
CA GLY G 158 16.85 30.14 16.23
C GLY G 158 15.95 30.61 17.36
N SER G 159 16.52 31.50 18.18
CA SER G 159 15.87 32.05 19.37
C SER G 159 15.08 30.97 20.10
N MET G 160 15.79 29.89 20.49
CA MET G 160 15.18 28.72 21.09
C MET G 160 14.56 29.04 22.45
N GLU G 161 15.16 30.00 23.15
CA GLU G 161 14.75 30.37 24.50
C GLU G 161 13.36 30.99 24.50
N LEU G 162 12.90 31.48 23.34
CA LEU G 162 11.59 32.11 23.22
C LEU G 162 10.46 31.07 23.27
N ALA G 163 10.73 29.86 22.77
CA ALA G 163 9.67 28.91 22.46
C ALA G 163 8.78 28.65 23.67
N PRO G 164 9.33 28.32 24.86
CA PRO G 164 8.50 28.11 26.06
C PRO G 164 7.70 29.33 26.50
N LEU G 165 8.26 30.53 26.27
CA LEU G 165 7.64 31.76 26.74
C LEU G 165 6.39 32.10 25.92
N VAL G 166 6.30 31.62 24.68
CA VAL G 166 5.12 31.88 23.84
C VAL G 166 4.35 30.59 23.54
N GLY G 167 4.65 29.50 24.26
CA GLY G 167 3.82 28.30 24.22
C GLY G 167 4.01 27.44 22.96
N LEU G 168 5.19 27.52 22.33
CA LEU G 168 5.51 26.66 21.19
C LEU G 168 6.06 25.31 21.66
N GLY G 169 6.55 25.26 22.89
CA GLY G 169 7.10 24.05 23.46
C GLY G 169 6.97 24.05 24.98
N ASP G 170 6.98 22.86 25.58
CA ASP G 170 7.03 22.72 27.02
C ASP G 170 8.48 22.83 27.47
N TYR G 171 9.40 22.32 26.64
CA TYR G 171 10.83 22.32 26.91
C TYR G 171 11.56 22.57 25.60
N ILE G 172 12.87 22.84 25.69
CA ILE G 172 13.70 22.96 24.51
C ILE G 172 14.89 22.02 24.63
N VAL G 173 15.47 21.70 23.48
CA VAL G 173 16.77 21.06 23.39
C VAL G 173 17.68 21.97 22.56
N ASP G 174 18.83 22.34 23.12
CA ASP G 174 19.70 23.34 22.53
C ASP G 174 21.09 23.18 23.15
N VAL G 175 22.09 23.76 22.50
CA VAL G 175 23.44 23.77 23.04
C VAL G 175 23.52 24.86 24.11
N VAL G 176 24.23 24.54 25.20
CA VAL G 176 24.37 25.43 26.33
C VAL G 176 25.86 25.53 26.68
N ASP G 177 26.36 26.77 26.74
CA ASP G 177 27.73 27.06 27.12
C ASP G 177 27.71 27.67 28.51
N THR G 178 27.60 29.02 28.58
CA THR G 178 27.54 29.71 29.85
C THR G 178 26.15 29.51 30.45
N GLY G 179 25.14 29.43 29.59
CA GLY G 179 23.76 29.25 30.01
C GLY G 179 23.15 30.54 30.54
N ASN G 180 23.75 31.68 30.15
CA ASN G 180 23.32 32.97 30.65
C ASN G 180 22.11 33.46 29.84
N THR G 181 22.08 33.10 28.55
CA THR G 181 20.95 33.43 27.70
C THR G 181 19.67 32.84 28.28
N LEU G 182 19.79 31.63 28.85
CA LEU G 182 18.66 30.93 29.47
C LEU G 182 18.24 31.67 30.74
N ARG G 183 19.17 31.81 31.69
CA ARG G 183 18.90 32.46 32.97
C ARG G 183 18.27 33.82 32.72
N ALA G 184 18.75 34.53 31.70
CA ALA G 184 18.27 35.86 31.34
C ALA G 184 16.76 35.83 31.10
N ASN G 185 16.29 34.82 30.35
CA ASN G 185 14.92 34.79 29.87
C ASN G 185 14.06 33.86 30.73
N GLY G 186 14.49 33.59 31.96
CA GLY G 186 13.66 32.89 32.93
C GLY G 186 13.66 31.38 32.74
N LEU G 187 14.61 30.87 31.94
CA LEU G 187 14.76 29.44 31.71
C LEU G 187 15.91 28.90 32.56
N GLU G 188 16.00 27.57 32.67
CA GLU G 188 17.12 26.94 33.35
C GLU G 188 17.54 25.70 32.55
N PRO G 189 18.85 25.37 32.51
CA PRO G 189 19.29 24.08 31.97
C PRO G 189 18.85 22.95 32.90
N LEU G 190 18.38 21.84 32.30
CA LEU G 190 17.88 20.72 33.07
C LEU G 190 18.86 19.53 32.95
N GLU G 191 18.74 18.74 31.87
CA GLU G 191 19.53 17.52 31.74
C GLU G 191 20.58 17.68 30.65
N GLU G 192 21.76 17.09 30.87
CA GLU G 192 22.82 17.04 29.87
C GLU G 192 22.58 15.84 28.96
N ILE G 193 22.47 16.09 27.65
CA ILE G 193 22.25 15.03 26.69
C ILE G 193 23.61 14.50 26.21
N CYS G 194 24.52 15.40 25.82
CA CYS G 194 25.88 15.00 25.54
C CYS G 194 26.83 16.19 25.52
N LYS G 195 28.13 15.87 25.58
CA LYS G 195 29.19 16.86 25.45
C LYS G 195 29.43 17.13 23.98
N VAL G 196 29.64 18.41 23.64
CA VAL G 196 29.78 18.84 22.26
C VAL G 196 31.14 19.54 22.09
N SER G 197 31.83 19.22 21.00
CA SER G 197 33.03 19.93 20.60
C SER G 197 33.20 19.82 19.09
N SER G 198 34.07 20.63 18.51
CA SER G 198 34.33 20.61 17.08
C SER G 198 35.18 19.41 16.70
N ARG G 199 34.88 18.85 15.53
CA ARG G 199 35.47 17.60 15.07
C ARG G 199 35.96 17.76 13.64
N LEU G 200 37.03 17.02 13.31
CA LEU G 200 37.51 16.93 11.95
C LEU G 200 36.88 15.71 11.28
N ILE G 201 36.05 15.97 10.26
CA ILE G 201 35.38 14.91 9.50
C ILE G 201 36.03 14.82 8.11
N VAL G 202 36.07 13.61 7.57
CA VAL G 202 36.70 13.36 6.28
C VAL G 202 35.74 12.58 5.40
N ASN G 203 35.69 12.98 4.12
CA ASN G 203 34.96 12.25 3.10
C ASN G 203 35.57 10.85 2.96
N LYS G 204 34.73 9.83 2.84
CA LYS G 204 35.19 8.46 2.87
C LYS G 204 36.07 8.17 1.66
N ALA G 205 35.60 8.55 0.46
CA ALA G 205 36.37 8.35 -0.76
C ALA G 205 37.73 9.05 -0.67
N SER G 206 37.73 10.31 -0.22
CA SER G 206 38.95 11.07 -0.06
C SER G 206 39.92 10.33 0.85
N PHE G 207 39.41 9.84 1.99
CA PHE G 207 40.24 9.16 2.97
C PHE G 207 40.92 7.95 2.33
N LYS G 208 40.18 7.22 1.50
CA LYS G 208 40.66 5.97 0.93
C LYS G 208 41.71 6.22 -0.16
N ARG G 209 41.58 7.30 -0.94
CA ARG G 209 42.44 7.48 -2.11
C ARG G 209 43.44 8.62 -1.94
N LYS G 210 43.39 9.38 -0.84
CA LYS G 210 44.33 10.49 -0.68
C LYS G 210 45.12 10.37 0.63
N GLN G 211 45.50 9.14 0.99
CA GLN G 211 46.21 8.89 2.24
C GLN G 211 47.53 9.66 2.27
N VAL G 212 48.24 9.66 1.13
CA VAL G 212 49.57 10.25 1.04
C VAL G 212 49.50 11.70 1.53
N LEU G 213 48.46 12.43 1.10
CA LEU G 213 48.34 13.84 1.44
C LEU G 213 47.69 14.02 2.81
N LEU G 214 46.70 13.19 3.14
CA LEU G 214 45.92 13.36 4.37
C LEU G 214 46.74 12.96 5.59
N ASN G 215 47.41 11.81 5.54
CA ASN G 215 47.92 11.15 6.73
C ASN G 215 48.84 12.09 7.51
N PRO G 216 49.85 12.74 6.89
CA PRO G 216 50.71 13.69 7.62
C PRO G 216 50.01 14.92 8.18
N ILE G 217 49.02 15.45 7.45
CA ILE G 217 48.30 16.64 7.88
C ILE G 217 47.43 16.30 9.09
N ILE G 218 46.81 15.11 9.08
CA ILE G 218 45.95 14.68 10.16
C ILE G 218 46.80 14.45 11.41
N SER G 219 47.96 13.82 11.23
CA SER G 219 48.88 13.53 12.32
C SER G 219 49.34 14.83 13.00
N GLN G 220 49.58 15.87 12.19
CA GLN G 220 50.09 17.14 12.69
C GLN G 220 48.99 17.87 13.47
N LEU G 221 47.74 17.78 12.99
CA LEU G 221 46.60 18.35 13.69
C LEU G 221 46.41 17.66 15.04
N GLU G 222 46.62 16.33 15.04
CA GLU G 222 46.51 15.54 16.26
C GLU G 222 47.53 16.03 17.29
N GLN G 223 48.80 16.14 16.86
CA GLN G 223 49.89 16.60 17.72
C GLN G 223 49.56 17.98 18.30
N ALA G 224 49.07 18.87 17.43
CA ALA G 224 48.73 20.24 17.80
C ALA G 224 47.69 20.27 18.92
N VAL G 225 46.71 19.36 18.87
CA VAL G 225 45.62 19.36 19.83
C VAL G 225 46.11 18.88 21.20
N GLN G 226 47.03 17.89 21.24
CA GLN G 226 47.25 17.14 22.48
C GLN G 226 48.33 17.81 23.34
N ASP H 9 8.05 52.79 30.32
CA ASP H 9 8.81 51.87 31.20
C ASP H 9 9.46 50.78 30.35
N PRO H 10 10.81 50.67 30.34
CA PRO H 10 11.50 49.62 29.59
C PRO H 10 11.36 48.21 30.17
N ASN H 11 10.99 48.12 31.46
CA ASN H 11 10.83 46.83 32.13
C ASN H 11 9.34 46.52 32.37
N PHE H 12 8.46 47.24 31.66
CA PHE H 12 7.04 46.92 31.62
C PHE H 12 6.88 45.41 31.36
N ASN H 13 6.05 44.76 32.18
CA ASN H 13 5.89 43.32 32.11
C ASN H 13 5.03 42.96 30.91
N VAL H 14 5.60 42.16 30.00
CA VAL H 14 4.89 41.69 28.82
C VAL H 14 5.09 40.18 28.70
N MET H 15 5.27 39.52 29.86
CA MET H 15 5.62 38.11 29.89
C MET H 15 4.35 37.28 30.01
N GLY H 16 4.45 35.99 29.71
CA GLY H 16 3.36 35.05 29.88
C GLY H 16 2.26 35.23 28.82
N ASN H 17 1.00 35.31 29.29
CA ASN H 17 -0.15 35.36 28.42
C ASN H 17 -0.31 36.77 27.87
N PHE H 18 -0.55 36.87 26.55
CA PHE H 18 -0.69 38.15 25.89
C PHE H 18 -1.80 38.08 24.85
N ASP H 19 -2.87 37.34 25.17
CA ASP H 19 -3.97 37.14 24.24
C ASP H 19 -4.73 38.44 24.03
N HIS H 20 -4.67 39.34 25.04
CA HIS H 20 -5.35 40.62 25.00
C HIS H 20 -4.65 41.58 24.05
N GLY H 21 -3.39 41.27 23.68
CA GLY H 21 -2.59 42.16 22.87
C GLY H 21 -2.02 41.48 21.62
N LEU H 22 -1.02 42.13 21.02
CA LEU H 22 -0.38 41.65 19.80
C LEU H 22 1.06 41.31 20.09
N THR H 23 1.49 40.14 19.59
CA THR H 23 2.88 39.74 19.64
C THR H 23 3.45 39.90 18.22
N LEU H 24 4.44 40.80 18.09
CA LEU H 24 4.99 41.17 16.79
C LEU H 24 6.37 40.54 16.62
N ALA H 25 6.51 39.71 15.59
CA ALA H 25 7.77 39.02 15.33
C ALA H 25 8.52 39.76 14.23
N LEU H 26 9.75 40.20 14.55
CA LEU H 26 10.58 40.89 13.59
C LEU H 26 11.80 40.03 13.26
N SER H 27 12.15 40.03 11.96
CA SER H 27 13.42 39.51 11.50
C SER H 27 14.53 40.44 11.99
N LYS H 28 15.61 39.84 12.51
CA LYS H 28 16.74 40.58 13.06
C LYS H 28 17.53 41.25 11.93
N GLY H 29 18.31 42.28 12.27
CA GLY H 29 19.24 42.87 11.31
C GLY H 29 18.62 44.01 10.50
N ARG H 30 18.68 43.89 9.17
CA ARG H 30 18.30 44.94 8.24
C ARG H 30 16.79 45.19 8.31
N ILE H 31 16.00 44.12 8.33
CA ILE H 31 14.54 44.24 8.31
C ILE H 31 14.09 44.98 9.58
N LEU H 32 14.72 44.69 10.71
CA LEU H 32 14.42 45.37 11.96
C LEU H 32 14.64 46.88 11.80
N LYS H 33 15.79 47.26 11.23
CA LYS H 33 16.18 48.66 11.08
C LYS H 33 15.13 49.44 10.29
N GLU H 34 14.68 48.87 9.17
CA GLU H 34 13.77 49.56 8.26
C GLU H 34 12.33 49.46 8.76
N THR H 35 12.05 48.49 9.64
CA THR H 35 10.71 48.29 10.15
C THR H 35 10.39 49.26 11.28
N LEU H 36 11.37 49.51 12.17
CA LEU H 36 11.16 50.27 13.39
C LEU H 36 10.62 51.67 13.09
N PRO H 37 11.11 52.41 12.06
CA PRO H 37 10.55 53.72 11.72
C PRO H 37 9.07 53.67 11.31
N LEU H 38 8.69 52.62 10.57
CA LEU H 38 7.30 52.42 10.18
C LEU H 38 6.43 52.24 11.42
N LEU H 39 6.87 51.35 12.33
CA LEU H 39 6.15 51.04 13.56
C LEU H 39 5.99 52.31 14.42
N ALA H 40 7.00 53.18 14.40
CA ALA H 40 6.95 54.43 15.14
C ALA H 40 5.74 55.26 14.73
N THR H 41 5.35 55.20 13.44
CA THR H 41 4.19 55.92 12.94
C THR H 41 2.90 55.38 13.58
N ALA H 42 2.90 54.12 14.03
CA ALA H 42 1.76 53.56 14.73
C ALA H 42 1.90 53.68 16.26
N GLY H 43 2.88 54.47 16.72
CA GLY H 43 3.09 54.68 18.15
C GLY H 43 3.70 53.46 18.85
N ILE H 44 4.48 52.68 18.10
CA ILE H 44 5.12 51.47 18.62
C ILE H 44 6.63 51.61 18.46
N ASN H 45 7.33 51.78 19.59
CA ASN H 45 8.77 51.92 19.61
C ASN H 45 9.36 51.02 20.70
N LEU H 46 10.58 50.54 20.46
CA LEU H 46 11.35 49.87 21.49
C LEU H 46 11.82 50.90 22.52
N LEU H 47 12.16 50.41 23.71
CA LEU H 47 12.62 51.25 24.80
C LEU H 47 14.03 50.84 25.21
N GLU H 48 14.73 50.13 24.32
CA GLU H 48 16.11 49.75 24.51
C GLU H 48 16.67 49.15 23.22
N ASP H 49 17.99 49.04 23.16
CA ASP H 49 18.66 48.62 21.94
C ASP H 49 18.78 47.10 21.95
N PRO H 50 18.13 46.39 21.00
CA PRO H 50 18.23 44.93 20.94
C PRO H 50 19.64 44.39 20.79
N GLU H 51 20.46 45.06 19.98
CA GLU H 51 21.77 44.57 19.60
C GLU H 51 22.69 44.50 20.82
N LYS H 52 22.38 45.29 21.86
CA LYS H 52 23.13 45.27 23.12
C LYS H 52 22.23 44.78 24.26
N SER H 53 21.48 43.71 23.99
CA SER H 53 20.80 42.91 25.00
C SER H 53 20.74 41.45 24.54
N ARG H 54 20.56 40.52 25.49
CA ARG H 54 20.47 39.10 25.19
C ARG H 54 19.01 38.63 25.22
N LYS H 55 18.13 39.37 25.92
CA LYS H 55 16.73 38.97 26.08
C LYS H 55 16.01 39.13 24.74
N LEU H 56 14.95 38.32 24.54
CA LEU H 56 14.34 38.19 23.22
C LEU H 56 12.89 38.64 23.19
N ILE H 57 12.25 38.94 24.34
CA ILE H 57 10.94 39.56 24.35
C ILE H 57 11.07 41.01 24.83
N PHE H 58 10.54 41.94 24.02
CA PHE H 58 10.67 43.36 24.31
C PHE H 58 9.28 43.97 24.49
N PRO H 59 9.09 44.83 25.53
CA PRO H 59 7.90 45.69 25.58
C PRO H 59 8.05 46.84 24.59
N THR H 60 6.98 47.63 24.43
CA THR H 60 7.00 48.76 23.51
C THR H 60 6.37 49.97 24.19
N THR H 61 6.33 51.09 23.46
CA THR H 61 5.63 52.29 23.90
C THR H 61 4.11 52.07 23.89
N HIS H 62 3.67 50.94 23.34
CA HIS H 62 2.27 50.53 23.37
C HIS H 62 2.14 49.33 24.30
N LYS H 63 1.17 49.40 25.22
CA LYS H 63 1.04 48.46 26.32
C LYS H 63 0.53 47.12 25.82
N GLN H 64 -0.15 47.12 24.66
CA GLN H 64 -0.74 45.92 24.12
C GLN H 64 0.06 45.42 22.91
N VAL H 65 1.32 45.83 22.80
CA VAL H 65 2.21 45.30 21.77
C VAL H 65 3.55 44.94 22.40
N ARG H 66 3.99 43.69 22.16
CA ARG H 66 5.32 43.25 22.56
C ARG H 66 6.01 42.70 21.32
N ILE H 67 7.34 42.69 21.35
CA ILE H 67 8.11 42.37 20.16
C ILE H 67 9.03 41.19 20.44
N LEU H 68 9.06 40.28 19.46
CA LEU H 68 10.04 39.20 19.43
C LEU H 68 11.01 39.48 18.29
N ILE H 69 12.28 39.20 18.54
CA ILE H 69 13.29 39.26 17.50
C ILE H 69 13.75 37.84 17.18
N LEU H 70 13.40 37.40 15.97
CA LEU H 70 13.61 36.04 15.53
C LEU H 70 14.58 36.03 14.35
N ARG H 71 15.19 34.85 14.11
CA ARG H 71 15.75 34.55 12.82
C ARG H 71 14.60 34.56 11.80
N ALA H 72 14.89 35.05 10.59
CA ALA H 72 13.87 35.23 9.56
C ALA H 72 13.10 33.93 9.32
N SER H 73 13.80 32.79 9.34
CA SER H 73 13.21 31.48 9.09
C SER H 73 12.07 31.16 10.06
N ASP H 74 12.15 31.68 11.29
CA ASP H 74 11.20 31.32 12.33
C ASP H 74 9.95 32.21 12.26
N VAL H 75 9.99 33.32 11.49
CA VAL H 75 8.91 34.29 11.55
C VAL H 75 7.61 33.64 11.06
N PRO H 76 7.57 33.00 9.87
CA PRO H 76 6.34 32.35 9.41
C PRO H 76 5.85 31.25 10.35
N THR H 77 6.79 30.46 10.91
CA THR H 77 6.47 29.42 11.86
C THR H 77 5.72 30.03 13.05
N TYR H 78 6.29 31.08 13.64
CA TYR H 78 5.71 31.70 14.83
C TYR H 78 4.34 32.28 14.48
N VAL H 79 4.22 32.94 13.32
CA VAL H 79 3.00 33.63 12.97
C VAL H 79 1.90 32.61 12.69
N GLU H 80 2.17 31.56 11.91
CA GLU H 80 1.12 30.64 11.51
C GLU H 80 0.62 29.86 12.72
N ASN H 81 1.53 29.61 13.69
CA ASN H 81 1.20 28.86 14.89
C ASN H 81 0.50 29.75 15.93
N GLY H 82 0.54 31.07 15.76
CA GLY H 82 -0.13 31.98 16.68
C GLY H 82 0.71 32.31 17.91
N ALA H 83 2.01 31.97 17.89
CA ALA H 83 2.94 32.40 18.93
C ALA H 83 3.28 33.89 18.73
N ALA H 84 3.15 34.36 17.48
CA ALA H 84 3.07 35.77 17.18
C ALA H 84 1.77 36.04 16.41
N ASP H 85 1.14 37.18 16.70
CA ASP H 85 -0.09 37.58 16.03
C ASP H 85 0.23 38.08 14.63
N LEU H 86 1.37 38.73 14.47
CA LEU H 86 1.82 39.22 13.17
C LEU H 86 3.34 39.35 13.16
N GLY H 87 3.93 39.42 11.96
CA GLY H 87 5.37 39.45 11.82
C GLY H 87 5.79 40.06 10.48
N VAL H 88 7.09 40.28 10.35
CA VAL H 88 7.68 40.80 9.13
C VAL H 88 8.67 39.77 8.60
N ALA H 89 8.42 39.33 7.37
CA ALA H 89 9.23 38.30 6.72
C ALA H 89 9.38 38.64 5.25
N GLY H 90 10.54 38.26 4.69
CA GLY H 90 10.77 38.35 3.26
C GLY H 90 9.79 37.48 2.48
N LYS H 91 9.37 37.96 1.30
CA LYS H 91 8.48 37.24 0.42
C LYS H 91 9.08 35.87 0.08
N ASP H 92 10.41 35.82 -0.05
CA ASP H 92 11.14 34.60 -0.36
C ASP H 92 10.95 33.59 0.77
N VAL H 93 11.13 34.02 2.02
CA VAL H 93 11.08 33.14 3.18
C VAL H 93 9.63 32.66 3.35
N LEU H 94 8.69 33.59 3.24
CA LEU H 94 7.27 33.30 3.39
C LEU H 94 6.85 32.22 2.38
N MET H 95 7.16 32.45 1.09
CA MET H 95 6.65 31.58 0.04
C MET H 95 7.35 30.22 0.08
N GLU H 96 8.60 30.17 0.57
CA GLU H 96 9.33 28.92 0.67
C GLU H 96 8.77 28.09 1.81
N HIS H 97 8.46 28.75 2.93
CA HIS H 97 7.89 28.08 4.08
C HIS H 97 6.51 27.53 3.72
N GLY H 98 5.74 28.33 2.98
CA GLY H 98 4.34 28.06 2.74
C GLY H 98 3.48 29.15 3.38
N ALA H 99 2.64 29.78 2.56
CA ALA H 99 1.97 31.02 2.92
C ALA H 99 0.50 30.78 3.20
N GLN H 100 0.08 29.50 3.20
CA GLN H 100 -1.33 29.16 3.16
C GLN H 100 -2.01 29.44 4.50
N HIS H 101 -1.25 29.53 5.60
CA HIS H 101 -1.83 29.60 6.92
C HIS H 101 -1.64 30.98 7.57
N VAL H 102 -1.29 31.99 6.76
CA VAL H 102 -1.21 33.35 7.25
C VAL H 102 -1.84 34.28 6.21
N TYR H 103 -2.05 35.54 6.62
CA TYR H 103 -2.52 36.57 5.72
C TYR H 103 -1.38 37.55 5.45
N GLU H 104 -1.14 37.86 4.17
CA GLU H 104 -0.09 38.77 3.77
C GLU H 104 -0.73 40.12 3.41
N LEU H 105 -0.86 41.00 4.41
CA LEU H 105 -1.71 42.18 4.30
C LEU H 105 -1.01 43.35 3.61
N LEU H 106 0.30 43.51 3.83
CA LEU H 106 1.03 44.70 3.36
C LEU H 106 2.35 44.29 2.71
N ASP H 107 2.67 44.96 1.59
CA ASP H 107 4.04 45.03 1.11
C ASP H 107 4.68 46.26 1.75
N LEU H 108 5.64 46.01 2.65
CA LEU H 108 6.32 47.08 3.37
C LEU H 108 7.36 47.74 2.46
N GLN H 109 7.67 47.12 1.31
CA GLN H 109 8.55 47.69 0.30
C GLN H 109 9.93 47.96 0.88
N ILE H 110 10.42 47.04 1.71
CA ILE H 110 11.75 47.16 2.27
C ILE H 110 12.52 45.87 1.98
N ALA H 111 13.85 45.97 2.00
CA ALA H 111 14.73 44.83 1.72
C ALA H 111 14.40 44.25 0.34
N LYS H 112 14.29 45.12 -0.66
CA LYS H 112 13.96 44.69 -2.01
C LYS H 112 15.11 43.91 -2.63
N CYS H 113 14.80 42.77 -3.26
CA CYS H 113 15.76 42.05 -4.07
C CYS H 113 14.99 41.19 -5.06
N LYS H 114 15.69 40.27 -5.76
CA LYS H 114 15.06 39.37 -6.70
C LYS H 114 15.52 37.93 -6.44
N LEU H 115 14.57 36.99 -6.47
CA LEU H 115 14.92 35.58 -6.51
C LEU H 115 15.22 35.20 -7.95
N MET H 116 16.40 34.60 -8.20
CA MET H 116 16.86 34.38 -9.55
C MET H 116 17.54 33.02 -9.68
N THR H 117 17.64 32.51 -10.91
CA THR H 117 18.59 31.46 -11.23
C THR H 117 19.95 32.08 -11.51
N ALA H 118 21.00 31.26 -11.42
CA ALA H 118 22.35 31.76 -11.67
C ALA H 118 23.30 30.58 -11.91
N GLY H 119 24.36 30.83 -12.69
CA GLY H 119 25.37 29.83 -12.98
C GLY H 119 26.65 30.44 -13.53
N LYS H 120 27.60 29.58 -13.88
CA LYS H 120 28.89 30.01 -14.40
C LYS H 120 28.70 30.76 -15.72
N VAL H 121 29.46 31.85 -15.87
CA VAL H 121 29.29 32.77 -16.99
C VAL H 121 29.38 31.99 -18.28
N GLY H 122 28.31 32.04 -19.07
CA GLY H 122 28.29 31.53 -20.43
C GLY H 122 28.38 30.01 -20.53
N MET H 123 28.07 29.30 -19.44
CA MET H 123 28.16 27.86 -19.44
C MET H 123 27.05 27.29 -20.32
N GLU H 124 27.36 26.26 -21.11
CA GLU H 124 26.36 25.55 -21.88
C GLU H 124 25.44 24.77 -20.93
N ARG H 125 24.14 24.74 -21.22
CA ARG H 125 23.18 23.93 -20.49
C ARG H 125 23.61 22.47 -20.58
N PRO H 126 23.82 21.74 -19.46
CA PRO H 126 24.17 20.33 -19.51
C PRO H 126 22.98 19.47 -19.97
N LYS H 127 23.30 18.30 -20.52
CA LYS H 127 22.30 17.33 -20.95
C LYS H 127 21.80 16.58 -19.72
N GLY H 128 20.52 16.17 -19.76
CA GLY H 128 19.91 15.45 -18.67
C GLY H 128 19.31 16.38 -17.63
N ARG H 129 18.88 15.81 -16.51
CA ARG H 129 18.17 16.55 -15.49
C ARG H 129 19.16 17.45 -14.74
N LEU H 130 18.82 18.74 -14.64
CA LEU H 130 19.64 19.71 -13.96
C LEU H 130 19.64 19.43 -12.47
N LYS H 131 20.75 19.80 -11.81
CA LYS H 131 20.84 19.79 -10.37
C LYS H 131 20.91 21.24 -9.89
N ILE H 132 19.98 21.64 -9.01
CA ILE H 132 19.94 22.99 -8.49
C ILE H 132 20.34 22.98 -7.01
N ALA H 133 21.33 23.81 -6.65
CA ALA H 133 21.65 24.04 -5.25
C ALA H 133 20.94 25.31 -4.79
N THR H 134 20.27 25.25 -3.65
CA THR H 134 19.41 26.33 -3.20
C THR H 134 19.03 26.12 -1.74
N LYS H 135 18.59 27.20 -1.08
CA LYS H 135 17.90 27.08 0.19
C LYS H 135 16.39 27.12 -0.05
N TYR H 136 16.00 27.43 -1.29
CA TYR H 136 14.60 27.59 -1.66
C TYR H 136 14.15 26.38 -2.47
N VAL H 137 14.02 25.22 -1.78
CA VAL H 137 13.75 23.95 -2.42
C VAL H 137 12.40 24.00 -3.15
N ASN H 138 11.36 24.51 -2.47
CA ASN H 138 10.02 24.48 -3.01
C ASN H 138 9.87 25.48 -4.15
N LEU H 139 10.40 26.69 -3.97
CA LEU H 139 10.28 27.73 -4.99
C LEU H 139 11.03 27.32 -6.25
N THR H 140 12.16 26.63 -6.09
CA THR H 140 12.92 26.11 -7.22
C THR H 140 12.04 25.16 -8.04
N ARG H 141 11.37 24.23 -7.37
CA ARG H 141 10.58 23.22 -8.04
C ARG H 141 9.38 23.84 -8.76
N GLN H 142 8.71 24.81 -8.12
CA GLN H 142 7.56 25.48 -8.71
C GLN H 142 8.00 26.27 -9.95
N TYR H 143 9.17 26.91 -9.86
CA TYR H 143 9.63 27.73 -10.96
C TYR H 143 9.91 26.85 -12.19
N TYR H 144 10.68 25.78 -11.98
CA TYR H 144 11.03 24.88 -13.07
C TYR H 144 9.76 24.21 -13.62
N ALA H 145 8.79 23.93 -12.74
CA ALA H 145 7.54 23.32 -13.16
C ALA H 145 6.77 24.24 -14.10
N SER H 146 6.82 25.55 -13.84
CA SER H 146 6.14 26.52 -14.69
C SER H 146 6.72 26.54 -16.10
N LEU H 147 7.97 26.07 -16.26
CA LEU H 147 8.61 25.98 -17.57
C LEU H 147 8.37 24.60 -18.19
N GLY H 148 7.56 23.75 -17.55
CA GLY H 148 7.41 22.37 -17.99
C GLY H 148 8.64 21.51 -17.69
N GLU H 149 9.39 21.87 -16.65
CA GLU H 149 10.66 21.22 -16.36
C GLU H 149 10.72 20.74 -14.90
N GLN H 150 11.71 19.87 -14.65
CA GLN H 150 11.81 19.11 -13.42
C GLN H 150 13.29 18.96 -13.07
N VAL H 151 13.67 19.10 -11.79
CA VAL H 151 15.07 19.12 -11.44
C VAL H 151 15.35 18.31 -10.17
N ASP H 152 16.63 17.94 -10.00
CA ASP H 152 17.18 17.53 -8.73
C ASP H 152 17.57 18.77 -7.95
N VAL H 153 17.50 18.68 -6.61
CA VAL H 153 17.83 19.78 -5.74
C VAL H 153 18.77 19.26 -4.65
N ILE H 154 19.74 20.08 -4.25
CA ILE H 154 20.45 19.86 -2.99
C ILE H 154 20.21 21.09 -2.12
N LYS H 155 19.70 20.85 -0.91
CA LYS H 155 19.40 21.93 0.02
C LYS H 155 20.70 22.37 0.70
N LEU H 156 21.04 23.64 0.56
CA LEU H 156 22.13 24.27 1.31
C LEU H 156 21.56 25.46 2.07
N TYR H 157 22.30 25.95 3.06
CA TYR H 157 21.83 27.01 3.94
C TYR H 157 22.52 28.33 3.64
N GLY H 158 23.72 28.30 3.03
CA GLY H 158 24.44 29.53 2.75
C GLY H 158 25.54 29.38 1.70
N SER H 159 26.24 30.49 1.46
CA SER H 159 27.31 30.60 0.47
C SER H 159 26.94 29.83 -0.80
N MET H 160 25.81 30.24 -1.39
CA MET H 160 25.21 29.55 -2.52
C MET H 160 26.11 29.63 -3.76
N GLU H 161 26.88 30.71 -3.88
CA GLU H 161 27.72 30.96 -5.03
C GLU H 161 28.83 29.91 -5.15
N LEU H 162 29.15 29.22 -4.04
CA LEU H 162 30.17 28.18 -4.02
C LEU H 162 29.73 26.92 -4.77
N ALA H 163 28.41 26.62 -4.73
CA ALA H 163 27.92 25.30 -5.08
C ALA H 163 28.37 24.91 -6.49
N PRO H 164 28.18 25.74 -7.53
CA PRO H 164 28.63 25.40 -8.88
C PRO H 164 30.15 25.23 -9.00
N LEU H 165 30.91 25.97 -8.20
CA LEU H 165 32.37 25.95 -8.28
C LEU H 165 32.94 24.63 -7.75
N VAL H 166 32.22 23.94 -6.85
CA VAL H 166 32.69 22.67 -6.30
C VAL H 166 31.79 21.51 -6.75
N GLY H 167 30.93 21.73 -7.75
CA GLY H 167 30.20 20.66 -8.41
C GLY H 167 29.02 20.10 -7.62
N LEU H 168 28.42 20.91 -6.74
CA LEU H 168 27.25 20.50 -6.00
C LEU H 168 25.99 20.78 -6.80
N GLY H 169 26.07 21.68 -7.78
CA GLY H 169 24.93 21.97 -8.64
C GLY H 169 25.38 22.46 -10.01
N ASP H 170 24.48 22.39 -10.98
CA ASP H 170 24.70 22.99 -12.29
C ASP H 170 24.36 24.47 -12.24
N TYR H 171 23.33 24.80 -11.45
CA TYR H 171 22.84 26.16 -11.29
C TYR H 171 22.42 26.36 -9.84
N ILE H 172 22.16 27.62 -9.45
CA ILE H 172 21.63 27.92 -8.13
C ILE H 172 20.36 28.74 -8.30
N VAL H 173 19.54 28.71 -7.25
CA VAL H 173 18.44 29.64 -7.05
C VAL H 173 18.67 30.34 -5.71
N ASP H 174 18.70 31.67 -5.75
CA ASP H 174 19.08 32.47 -4.60
C ASP H 174 18.56 33.89 -4.81
N VAL H 175 18.52 34.67 -3.73
CA VAL H 175 18.15 36.06 -3.81
C VAL H 175 19.35 36.85 -4.31
N VAL H 176 19.10 37.81 -5.19
CA VAL H 176 20.15 38.62 -5.80
C VAL H 176 19.75 40.08 -5.64
N ASP H 177 20.70 40.84 -5.07
CA ASP H 177 20.53 42.24 -4.79
C ASP H 177 21.43 43.02 -5.75
N THR H 178 22.68 43.25 -5.35
CA THR H 178 23.64 43.95 -6.19
C THR H 178 24.12 43.00 -7.29
N GLY H 179 24.20 41.71 -6.96
CA GLY H 179 24.65 40.68 -7.89
C GLY H 179 26.17 40.67 -8.05
N ASN H 180 26.87 41.33 -7.12
CA ASN H 180 28.31 41.53 -7.24
C ASN H 180 29.03 40.29 -6.71
N THR H 181 28.43 39.66 -5.69
CA THR H 181 28.98 38.42 -5.15
C THR H 181 29.09 37.37 -6.24
N LEU H 182 28.08 37.35 -7.14
CA LEU H 182 28.05 36.43 -8.26
C LEU H 182 29.16 36.75 -9.25
N ARG H 183 29.14 37.99 -9.78
CA ARG H 183 30.12 38.43 -10.76
C ARG H 183 31.53 38.17 -10.26
N ALA H 184 31.73 38.39 -8.95
CA ALA H 184 33.03 38.22 -8.31
C ALA H 184 33.54 36.79 -8.52
N ASN H 185 32.65 35.80 -8.34
CA ASN H 185 33.06 34.40 -8.29
C ASN H 185 32.76 33.70 -9.61
N GLY H 186 32.63 34.47 -10.71
CA GLY H 186 32.54 33.92 -12.04
C GLY H 186 31.16 33.38 -12.38
N LEU H 187 30.15 33.78 -11.59
CA LEU H 187 28.76 33.44 -11.84
C LEU H 187 28.05 34.63 -12.49
N GLU H 188 26.86 34.40 -13.04
CA GLU H 188 26.05 35.48 -13.56
C GLU H 188 24.59 35.20 -13.20
N PRO H 189 23.78 36.25 -12.93
CA PRO H 189 22.33 36.09 -12.80
C PRO H 189 21.72 35.72 -14.15
N LEU H 190 20.77 34.79 -14.15
CA LEU H 190 20.15 34.33 -15.40
C LEU H 190 18.71 34.82 -15.46
N GLU H 191 17.78 34.09 -14.84
CA GLU H 191 16.35 34.39 -14.95
C GLU H 191 15.83 34.94 -13.62
N GLU H 192 14.93 35.92 -13.73
CA GLU H 192 14.23 36.45 -12.57
C GLU H 192 13.01 35.57 -12.29
N ILE H 193 12.94 35.01 -11.08
CA ILE H 193 11.82 34.16 -10.70
C ILE H 193 10.72 35.03 -10.12
N CYS H 194 11.06 35.90 -9.16
CA CYS H 194 10.10 36.88 -8.68
C CYS H 194 10.81 38.02 -7.95
N LYS H 195 10.07 39.13 -7.77
CA LYS H 195 10.51 40.27 -6.99
C LYS H 195 10.25 39.96 -5.52
N VAL H 196 11.23 40.33 -4.67
CA VAL H 196 11.19 39.98 -3.25
C VAL H 196 11.26 41.25 -2.42
N SER H 197 10.42 41.31 -1.38
CA SER H 197 10.46 42.40 -0.41
C SER H 197 9.85 41.89 0.89
N SER H 198 10.06 42.64 1.97
CA SER H 198 9.52 42.28 3.27
C SER H 198 8.02 42.56 3.31
N ARG H 199 7.30 41.67 4.02
CA ARG H 199 5.86 41.68 4.05
C ARG H 199 5.39 41.58 5.50
N LEU H 200 4.22 42.18 5.76
CA LEU H 200 3.54 42.01 7.03
C LEU H 200 2.55 40.84 6.93
N ILE H 201 2.83 39.76 7.67
CA ILE H 201 1.96 38.59 7.70
C ILE H 201 1.22 38.55 9.03
N VAL H 202 -0.01 38.04 9.00
CA VAL H 202 -0.86 38.01 10.18
C VAL H 202 -1.41 36.60 10.37
N ASN H 203 -1.42 36.13 11.62
CA ASN H 203 -2.06 34.88 11.98
C ASN H 203 -3.55 34.98 11.69
N LYS H 204 -4.14 33.92 11.13
CA LYS H 204 -5.50 33.98 10.66
C LYS H 204 -6.47 34.18 11.82
N ALA H 205 -6.30 33.39 12.89
CA ALA H 205 -7.14 33.50 14.06
C ALA H 205 -7.05 34.91 14.66
N SER H 206 -5.82 35.42 14.81
CA SER H 206 -5.61 36.76 15.32
C SER H 206 -6.35 37.79 14.48
N PHE H 207 -6.25 37.68 13.15
CA PHE H 207 -6.88 38.63 12.25
C PHE H 207 -8.39 38.64 12.48
N LYS H 208 -8.98 37.46 12.70
CA LYS H 208 -10.42 37.33 12.80
C LYS H 208 -10.93 37.88 14.13
N ARG H 209 -10.17 37.73 15.22
CA ARG H 209 -10.71 38.04 16.53
C ARG H 209 -10.07 39.28 17.15
N LYS H 210 -9.06 39.89 16.51
CA LYS H 210 -8.41 41.06 17.09
C LYS H 210 -8.45 42.24 16.12
N GLN H 211 -9.57 42.41 15.41
CA GLN H 211 -9.71 43.48 14.43
C GLN H 211 -9.56 44.83 15.10
N VAL H 212 -10.19 44.99 16.27
CA VAL H 212 -10.23 46.26 16.98
C VAL H 212 -8.80 46.79 17.16
N LEU H 213 -7.89 45.89 17.54
CA LEU H 213 -6.52 46.28 17.84
C LEU H 213 -5.67 46.34 16.57
N LEU H 214 -5.89 45.39 15.64
CA LEU H 214 -5.08 45.28 14.44
C LEU H 214 -5.39 46.41 13.45
N ASN H 215 -6.68 46.68 13.21
CA ASN H 215 -7.10 47.46 12.06
C ASN H 215 -6.41 48.83 12.05
N PRO H 216 -6.41 49.62 13.15
CA PRO H 216 -5.72 50.91 13.17
C PRO H 216 -4.20 50.83 12.98
N ILE H 217 -3.57 49.81 13.56
CA ILE H 217 -2.12 49.64 13.48
C ILE H 217 -1.73 49.30 12.03
N ILE H 218 -2.52 48.44 11.38
CA ILE H 218 -2.25 48.03 10.00
C ILE H 218 -2.42 49.23 9.07
N SER H 219 -3.48 50.02 9.31
CA SER H 219 -3.77 51.19 8.50
C SER H 219 -2.63 52.21 8.60
N GLN H 220 -2.06 52.35 9.79
CA GLN H 220 -0.99 53.32 10.03
C GLN H 220 0.29 52.88 9.33
N LEU H 221 0.57 51.57 9.36
CA LEU H 221 1.73 51.01 8.68
C LEU H 221 1.58 51.22 7.17
N GLU H 222 0.35 51.06 6.67
CA GLU H 222 0.05 51.25 5.26
C GLU H 222 0.36 52.70 4.87
N GLN H 223 -0.18 53.67 5.63
CA GLN H 223 0.03 55.09 5.39
C GLN H 223 1.53 55.41 5.36
N ALA H 224 2.25 54.87 6.34
CA ALA H 224 3.68 55.09 6.49
C ALA H 224 4.45 54.65 5.23
N VAL H 225 4.04 53.53 4.63
CA VAL H 225 4.74 52.96 3.49
C VAL H 225 4.50 53.80 2.24
N GLN H 226 3.27 54.33 2.09
CA GLN H 226 2.87 55.03 0.88
C GLN H 226 3.70 56.29 0.70
N SER H 227 4.14 56.90 1.81
CA SER H 227 5.14 57.96 1.77
C SER H 227 6.55 57.35 1.72
C1 GOL I . 13.90 -6.22 -17.57
O1 GOL I . 13.23 -5.07 -18.10
C2 GOL I . 15.37 -5.94 -17.28
O2 GOL I . 15.49 -4.88 -16.34
C3 GOL I . 16.14 -7.16 -16.81
O3 GOL I . 15.71 -7.68 -15.55
NA NA J . 1.70 0.23 -27.73
NA NA K . 26.46 -8.72 -6.02
NA NA L . -8.48 -9.71 25.34
NA NA M . -19.50 18.03 8.52
#